data_8VHT
#
_entry.id   8VHT
#
_cell.length_a   1.00
_cell.length_b   1.00
_cell.length_c   1.00
_cell.angle_alpha   90.00
_cell.angle_beta   90.00
_cell.angle_gamma   90.00
#
_symmetry.space_group_name_H-M   'P 1'
#
loop_
_entity.id
_entity.type
_entity.pdbx_description
1 polymer 'Cellulose synthase'
2 branched beta-D-glucopyranose-(1-4)-beta-D-glucopyranose
#
_entity_poly.entity_id   1
_entity_poly.type   'polypeptide(L)'
_entity_poly.pdbx_seq_one_letter_code
;MESEGEAGAKPVTALGAQVCQICGDGVGKTVDGEPFVACDVCAFPVCRPCYEYERKDGNQSCPQCKTRYKRHKGSPAILG
DMEEDGAAAADASDFNYDSENQNQNQNQKQKISERMLSWQLTYPRGEEVGAPNYDKDVSHNHIPLLTSGQEVSGELSAAS
PERLSMASPAVGGGKRVHNIPYSSDINQSPNIRAGDPGLGNVAWKERVDGWKMKQEKNVVPMSTGQAASERGAGDIDAST
DVLVDDSLLNDEARQPLSRKVSIPSSRINPYRMVIMLRLVILCIFLHYRITNPVPNAYPLWLVSVICEIWFAISWILDQF
PKWLPVNRETYLDRLALRYDREGEPSQLAAVDIFVSTVDPLKEPPLVTANTVLSILAVDYPVDKVSCYVSDDGAAMLTFE
ALAETSEFARKWVPFSKKYSIEPRAPEWYFSQKIDYLKDKVHPSFVKDRRAMKREYEEFKVRINGLVSKAQKVPEEGWVM
QDGTPWPGNNTRDHPGMIQVFLGQSGGLDTEGNELPRLVYVSREKRPGFQHHKKAGAMNALVRVSAVLTNGPFLLNLDCD
HYINNSKALREAMCFMMDPNLGKHVCYVQFPQRFDGIDRNDRYANRNTVFFDINLRGLDGIQGPVYVGTGCVFNRTALYG
YEPPLKPKHKKPGLLSSLCGGTRKKSSKSSKKGSDKKKSSKHVDPTVPIFNLEDIEEGVEGTGFDDEKSLLMSQMSLEKR
FGQSAVFVASTLMENGGVPQSATPETLLKEAIHVISCGYEDKTDWGSEIGWIYGSVTEDILTGFKMHARGWRSIYCMPKR
PAFKGSAPINLSDRLNQVLRWALGSVEILFSRHCPIWYGYGGRLKWLERFAYVNTTIYPVTAIPLLIYCILPAVCLLTNK
FIIPQISNLASIWFISLFLSIFATGILEMRWSGVGIDEWWRNEQFWVIGGVSAHLFAVFQGLLKVLAGIDTNFTVTSKAS
DEDGDFAELYMFKWTTLLIPPTTLLIINLVGVVAGISYAINSGYQSWGPLFGKLFFAFWVIIHLYPFLKGLMGRQNRTPT
IVVVWSVLLASIFSLLWVRIDPFTTRVTGPDVEECGINC
;
_entity_poly.pdbx_strand_id   A,B,D
#
loop_
_chem_comp.id
_chem_comp.type
_chem_comp.name
_chem_comp.formula
BGC D-saccharide, beta linking beta-D-glucopyranose 'C6 H12 O6'
#
# COMPACT_ATOMS: atom_id res chain seq x y z
N GLU A 252 29.86 8.00 -47.64
CA GLU A 252 30.01 7.10 -46.51
C GLU A 252 29.24 7.62 -45.29
N ALA A 253 29.54 8.86 -44.90
CA ALA A 253 28.86 9.50 -43.78
C ALA A 253 27.54 10.12 -44.24
N ARG A 254 26.69 9.27 -44.79
CA ARG A 254 25.39 9.68 -45.31
C ARG A 254 24.22 9.04 -44.60
N GLN A 255 24.47 8.22 -43.58
CA GLN A 255 23.38 7.58 -42.85
C GLN A 255 22.56 8.64 -42.12
N PRO A 256 21.23 8.65 -42.27
CA PRO A 256 20.41 9.66 -41.61
C PRO A 256 20.49 9.53 -40.09
N LEU A 257 20.44 10.68 -39.42
CA LEU A 257 20.45 10.70 -37.96
C LEU A 257 19.18 10.15 -37.35
N SER A 258 18.12 10.00 -38.13
CA SER A 258 16.86 9.45 -37.63
C SER A 258 16.17 8.72 -38.76
N ARG A 259 15.26 7.82 -38.38
CA ARG A 259 14.54 7.00 -39.35
C ARG A 259 13.06 6.97 -39.01
N LYS A 260 12.23 7.14 -40.04
CA LYS A 260 10.78 7.04 -39.89
C LYS A 260 10.38 5.59 -40.13
N VAL A 261 9.97 4.90 -39.08
CA VAL A 261 9.60 3.50 -39.15
C VAL A 261 8.09 3.42 -39.39
N SER A 262 7.71 2.85 -40.53
CA SER A 262 6.31 2.57 -40.78
C SER A 262 5.85 1.40 -39.94
N ILE A 263 4.64 1.50 -39.40
CA ILE A 263 4.08 0.41 -38.59
C ILE A 263 3.98 -0.84 -39.45
N PRO A 264 4.49 -1.99 -39.00
CA PRO A 264 4.59 -3.15 -39.90
C PRO A 264 3.22 -3.64 -40.36
N SER A 265 3.21 -4.24 -41.54
CA SER A 265 1.97 -4.66 -42.19
C SER A 265 1.41 -5.93 -41.58
N SER A 266 1.22 -5.93 -40.26
CA SER A 266 0.56 -7.02 -39.56
C SER A 266 -0.50 -6.54 -38.59
N ARG A 267 -0.49 -5.28 -38.17
CA ARG A 267 -1.51 -4.70 -37.31
C ARG A 267 -2.23 -3.52 -37.94
N ILE A 268 -1.52 -2.68 -38.70
CA ILE A 268 -2.15 -1.51 -39.29
C ILE A 268 -3.07 -1.90 -40.44
N ASN A 269 -2.69 -2.93 -41.22
CA ASN A 269 -3.55 -3.38 -42.30
C ASN A 269 -4.87 -3.97 -41.82
N PRO A 270 -4.90 -4.87 -40.82
CA PRO A 270 -6.20 -5.28 -40.27
C PRO A 270 -6.99 -4.11 -39.72
N TYR A 271 -6.30 -3.13 -39.12
CA TYR A 271 -6.97 -1.94 -38.61
C TYR A 271 -7.68 -1.18 -39.73
N ARG A 272 -6.97 -0.96 -40.85
CA ARG A 272 -7.58 -0.26 -41.97
C ARG A 272 -8.73 -1.06 -42.57
N MET A 273 -8.57 -2.37 -42.68
CA MET A 273 -9.65 -3.20 -43.22
C MET A 273 -10.88 -3.12 -42.32
N VAL A 274 -10.67 -3.13 -41.00
CA VAL A 274 -11.80 -3.04 -40.08
C VAL A 274 -12.46 -1.67 -40.14
N ILE A 275 -11.66 -0.61 -40.33
CA ILE A 275 -12.25 0.72 -40.51
C ILE A 275 -13.10 0.76 -41.76
N MET A 276 -12.62 0.17 -42.86
CA MET A 276 -13.41 0.15 -44.09
C MET A 276 -14.70 -0.65 -43.90
N LEU A 277 -14.62 -1.80 -43.23
CA LEU A 277 -15.80 -2.59 -42.95
C LEU A 277 -16.79 -1.80 -42.08
N ARG A 278 -16.28 -1.06 -41.09
CA ARG A 278 -17.15 -0.30 -40.22
C ARG A 278 -17.80 0.86 -40.97
N LEU A 279 -17.06 1.47 -41.91
CA LEU A 279 -17.66 2.50 -42.76
C LEU A 279 -18.79 1.93 -43.60
N VAL A 280 -18.56 0.76 -44.21
CA VAL A 280 -19.59 0.14 -45.04
C VAL A 280 -20.82 -0.21 -44.20
N ILE A 281 -20.60 -0.77 -43.01
CA ILE A 281 -21.71 -1.19 -42.17
C ILE A 281 -22.45 0.01 -41.60
N LEU A 282 -21.73 1.11 -41.33
CA LEU A 282 -22.38 2.36 -40.94
C LEU A 282 -23.27 2.88 -42.05
N CYS A 283 -22.78 2.84 -43.29
CA CYS A 283 -23.61 3.28 -44.41
C CYS A 283 -24.85 2.41 -44.55
N ILE A 284 -24.70 1.10 -44.43
CA ILE A 284 -25.84 0.19 -44.57
C ILE A 284 -26.85 0.42 -43.45
N PHE A 285 -26.36 0.56 -42.21
CA PHE A 285 -27.23 0.78 -41.07
C PHE A 285 -27.98 2.11 -41.19
N LEU A 286 -27.30 3.16 -41.62
CA LEU A 286 -27.97 4.45 -41.77
C LEU A 286 -28.97 4.42 -42.92
N HIS A 287 -28.65 3.70 -43.99
CA HIS A 287 -29.62 3.52 -45.07
C HIS A 287 -30.87 2.82 -44.57
N TYR A 288 -30.70 1.80 -43.73
CA TYR A 288 -31.86 1.16 -43.12
C TYR A 288 -32.62 2.12 -42.23
N ARG A 289 -31.90 2.91 -41.43
CA ARG A 289 -32.55 3.80 -40.47
C ARG A 289 -33.35 4.89 -41.17
N ILE A 290 -32.87 5.36 -42.33
CA ILE A 290 -33.65 6.31 -43.11
C ILE A 290 -34.97 5.70 -43.55
N THR A 291 -34.94 4.43 -43.98
CA THR A 291 -36.14 3.70 -44.31
C THR A 291 -36.78 3.14 -43.04
N ASN A 292 -37.88 2.42 -43.21
CA ASN A 292 -38.63 1.81 -42.12
C ASN A 292 -38.84 2.80 -40.96
N PRO A 293 -39.66 3.82 -41.13
CA PRO A 293 -39.89 4.78 -40.04
C PRO A 293 -40.64 4.14 -38.88
N VAL A 294 -40.57 4.81 -37.74
CA VAL A 294 -41.36 4.46 -36.56
C VAL A 294 -42.81 4.73 -36.94
N PRO A 295 -43.82 4.09 -36.29
CA PRO A 295 -45.22 4.39 -36.62
C PRO A 295 -45.56 5.87 -36.73
N ASN A 296 -46.62 6.16 -37.49
CA ASN A 296 -46.89 7.52 -37.95
C ASN A 296 -47.15 8.47 -36.78
N ALA A 297 -46.93 9.76 -37.04
CA ALA A 297 -47.19 10.86 -36.11
C ALA A 297 -46.30 10.82 -34.88
N TYR A 298 -45.09 10.26 -35.01
CA TYR A 298 -44.12 10.23 -33.91
C TYR A 298 -42.92 11.09 -34.27
N PRO A 299 -42.80 12.30 -33.70
CA PRO A 299 -41.60 13.12 -33.96
C PRO A 299 -40.35 12.62 -33.25
N LEU A 300 -40.45 11.55 -32.46
CA LEU A 300 -39.31 11.02 -31.73
C LEU A 300 -38.26 10.39 -32.63
N TRP A 301 -38.61 10.07 -33.88
CA TRP A 301 -37.70 9.37 -34.79
C TRP A 301 -36.84 10.31 -35.62
N LEU A 302 -37.37 11.47 -36.02
CA LEU A 302 -36.59 12.40 -36.84
C LEU A 302 -35.39 12.92 -36.09
N VAL A 303 -35.57 13.28 -34.81
CA VAL A 303 -34.45 13.75 -34.00
C VAL A 303 -33.42 12.64 -33.83
N SER A 304 -33.88 11.41 -33.64
CA SER A 304 -32.97 10.28 -33.46
C SER A 304 -32.12 10.06 -34.71
N VAL A 305 -32.74 10.07 -35.89
CA VAL A 305 -31.97 9.82 -37.11
C VAL A 305 -31.06 11.00 -37.42
N ILE A 306 -31.49 12.22 -37.08
CA ILE A 306 -30.61 13.38 -37.27
C ILE A 306 -29.37 13.24 -36.39
N CYS A 307 -29.56 12.87 -35.12
CA CYS A 307 -28.43 12.67 -34.23
C CYS A 307 -27.53 11.53 -34.70
N GLU A 308 -28.13 10.45 -35.22
CA GLU A 308 -27.32 9.35 -35.74
C GLU A 308 -26.50 9.79 -36.95
N ILE A 309 -27.10 10.61 -37.83
CA ILE A 309 -26.37 11.13 -38.98
C ILE A 309 -25.20 11.97 -38.50
N TRP A 310 -25.43 12.85 -37.53
CA TRP A 310 -24.36 13.70 -37.04
C TRP A 310 -23.26 12.87 -36.40
N PHE A 311 -23.63 11.83 -35.64
CA PHE A 311 -22.64 10.97 -35.00
C PHE A 311 -21.81 10.24 -36.04
N ALA A 312 -22.45 9.76 -37.12
CA ALA A 312 -21.70 9.08 -38.18
C ALA A 312 -20.73 10.04 -38.86
N ILE A 313 -21.18 11.27 -39.14
CA ILE A 313 -20.30 12.25 -39.78
C ILE A 313 -19.13 12.59 -38.86
N SER A 314 -19.40 12.78 -37.57
CA SER A 314 -18.33 13.09 -36.62
C SER A 314 -17.34 11.95 -36.52
N TRP A 315 -17.83 10.70 -36.48
CA TRP A 315 -16.92 9.57 -36.41
C TRP A 315 -16.07 9.46 -37.68
N ILE A 316 -16.66 9.69 -38.84
CA ILE A 316 -15.88 9.65 -40.08
C ILE A 316 -14.79 10.73 -40.05
N LEU A 317 -15.17 11.94 -39.64
CA LEU A 317 -14.22 13.05 -39.58
C LEU A 317 -13.10 12.78 -38.58
N ASP A 318 -13.41 12.09 -37.48
CA ASP A 318 -12.39 11.77 -36.49
C ASP A 318 -11.50 10.61 -36.95
N GLN A 319 -12.07 9.63 -37.65
CA GLN A 319 -11.35 8.43 -38.00
C GLN A 319 -10.47 8.62 -39.24
N PHE A 320 -10.83 9.56 -40.12
CA PHE A 320 -10.05 9.77 -41.34
C PHE A 320 -8.58 10.09 -41.07
N PRO A 321 -8.21 11.02 -40.14
CA PRO A 321 -6.79 11.30 -39.90
C PRO A 321 -6.12 10.29 -38.97
N LYS A 322 -6.35 9.01 -39.23
CA LYS A 322 -5.70 7.95 -38.47
C LYS A 322 -5.26 6.81 -39.38
N TRP A 323 -5.01 7.08 -40.66
CA TRP A 323 -4.74 6.04 -41.64
C TRP A 323 -3.27 5.67 -41.75
N LEU A 324 -2.36 6.59 -41.45
CA LEU A 324 -0.92 6.38 -41.62
C LEU A 324 -0.17 6.76 -40.36
N PRO A 325 -0.25 5.94 -39.31
CA PRO A 325 0.61 6.17 -38.14
C PRO A 325 2.01 5.66 -38.38
N VAL A 326 2.99 6.48 -37.97
CA VAL A 326 4.40 6.14 -38.11
C VAL A 326 5.10 6.41 -36.78
N ASN A 327 6.22 5.72 -36.56
CA ASN A 327 7.09 5.99 -35.43
C ASN A 327 8.40 6.58 -35.92
N ARG A 328 9.20 7.09 -34.98
CA ARG A 328 10.48 7.69 -35.32
C ARG A 328 11.54 7.17 -34.36
N GLU A 329 12.70 6.78 -34.92
CA GLU A 329 13.78 6.20 -34.14
C GLU A 329 15.05 7.00 -34.40
N THR A 330 15.72 7.41 -33.33
CA THR A 330 16.85 8.33 -33.39
C THR A 330 18.16 7.58 -33.16
N TYR A 331 19.22 8.07 -33.80
CA TYR A 331 20.57 7.53 -33.65
C TYR A 331 21.42 8.58 -32.95
N LEU A 332 21.48 8.49 -31.62
CA LEU A 332 22.30 9.43 -30.85
C LEU A 332 23.79 9.22 -31.12
N ASP A 333 24.20 7.97 -31.35
CA ASP A 333 25.60 7.68 -31.62
C ASP A 333 26.06 8.34 -32.92
N ARG A 334 25.23 8.29 -33.96
CA ARG A 334 25.59 8.92 -35.22
C ARG A 334 25.69 10.43 -35.07
N LEU A 335 24.77 11.03 -34.32
CA LEU A 335 24.82 12.48 -34.09
C LEU A 335 26.08 12.85 -33.32
N ALA A 336 26.44 12.06 -32.31
CA ALA A 336 27.65 12.34 -31.55
C ALA A 336 28.90 12.19 -32.41
N LEU A 337 28.95 11.16 -33.25
CA LEU A 337 30.12 10.94 -34.09
C LEU A 337 30.26 12.03 -35.15
N ARG A 338 29.13 12.49 -35.69
CA ARG A 338 29.19 13.48 -36.77
C ARG A 338 29.55 14.86 -36.26
N TYR A 339 29.05 15.24 -35.08
CA TYR A 339 29.19 16.59 -34.58
C TYR A 339 29.97 16.69 -33.28
N ASP A 340 29.58 15.94 -32.26
CA ASP A 340 30.20 16.04 -30.93
C ASP A 340 31.37 15.06 -30.84
N ARG A 341 32.46 15.42 -31.52
CA ARG A 341 33.65 14.57 -31.56
C ARG A 341 34.56 14.89 -30.38
N GLU A 342 35.22 13.86 -29.88
CA GLU A 342 36.12 14.01 -28.73
C GLU A 342 37.43 14.64 -29.17
N GLY A 343 37.96 15.52 -28.33
CA GLY A 343 39.20 16.21 -28.61
C GLY A 343 39.08 17.43 -29.49
N GLU A 344 37.89 17.73 -29.98
CA GLU A 344 37.65 18.87 -30.84
C GLU A 344 36.47 19.68 -30.30
N PRO A 345 36.42 20.98 -30.59
CA PRO A 345 35.29 21.79 -30.13
C PRO A 345 33.96 21.28 -30.69
N SER A 346 32.93 21.32 -29.86
CA SER A 346 31.63 20.80 -30.26
C SER A 346 30.99 21.66 -31.34
N GLN A 347 30.40 20.99 -32.33
CA GLN A 347 29.72 21.67 -33.42
C GLN A 347 28.20 21.62 -33.27
N LEU A 348 27.69 21.19 -32.12
CA LEU A 348 26.26 21.16 -31.89
C LEU A 348 25.69 22.58 -31.85
N ALA A 349 24.46 22.71 -32.34
CA ALA A 349 23.82 24.02 -32.37
C ALA A 349 23.42 24.46 -30.98
N ALA A 350 23.46 25.77 -30.74
CA ALA A 350 23.09 26.32 -29.45
C ALA A 350 21.58 26.23 -29.24
N VAL A 351 21.19 26.12 -27.97
CA VAL A 351 19.78 25.99 -27.59
C VAL A 351 19.49 26.97 -26.47
N ASP A 352 18.37 27.68 -26.58
CA ASP A 352 17.87 28.58 -25.55
C ASP A 352 16.59 28.00 -24.98
N ILE A 353 16.55 27.86 -23.65
CA ILE A 353 15.44 27.21 -22.97
C ILE A 353 14.69 28.27 -22.17
N PHE A 354 13.41 28.46 -22.50
CA PHE A 354 12.56 29.44 -21.86
C PHE A 354 11.71 28.74 -20.80
N VAL A 355 11.63 29.36 -19.61
CA VAL A 355 10.84 28.85 -18.51
C VAL A 355 9.86 29.92 -18.09
N SER A 356 8.57 29.61 -18.17
CA SER A 356 7.51 30.58 -17.87
C SER A 356 7.02 30.42 -16.45
N THR A 357 6.96 31.53 -15.71
CA THR A 357 6.36 31.55 -14.38
C THR A 357 5.68 32.91 -14.18
N VAL A 358 4.66 32.92 -13.32
CA VAL A 358 3.82 34.11 -13.15
C VAL A 358 3.76 34.55 -11.69
N ASP A 359 3.41 33.64 -10.78
CA ASP A 359 3.14 33.99 -9.39
C ASP A 359 3.85 33.04 -8.45
N PRO A 360 4.76 33.53 -7.61
CA PRO A 360 5.42 32.64 -6.64
C PRO A 360 4.47 32.10 -5.58
N LEU A 361 3.38 32.82 -5.28
CA LEU A 361 2.45 32.34 -4.26
C LEU A 361 1.64 31.15 -4.79
N LYS A 362 1.13 31.26 -6.03
CA LYS A 362 0.38 30.15 -6.60
C LYS A 362 1.31 29.03 -7.05
N GLU A 363 2.47 29.37 -7.61
CA GLU A 363 3.44 28.39 -8.07
C GLU A 363 4.60 28.35 -7.10
N PRO A 364 4.77 27.29 -6.33
CA PRO A 364 5.81 27.25 -5.29
C PRO A 364 7.19 27.46 -5.90
N PRO A 365 8.04 28.26 -5.24
CA PRO A 365 9.39 28.49 -5.78
C PRO A 365 10.25 27.23 -5.83
N LEU A 366 9.94 26.23 -5.00
CA LEU A 366 10.73 25.00 -5.02
C LEU A 366 10.58 24.26 -6.34
N VAL A 367 9.38 24.23 -6.90
CA VAL A 367 9.16 23.55 -8.18
C VAL A 367 9.92 24.25 -9.30
N THR A 368 9.87 25.59 -9.32
CA THR A 368 10.61 26.34 -10.34
C THR A 368 12.12 26.14 -10.15
N ALA A 369 12.58 26.10 -8.91
CA ALA A 369 13.99 25.85 -8.65
C ALA A 369 14.42 24.48 -9.15
N ASN A 370 13.58 23.47 -8.93
CA ASN A 370 13.89 22.12 -9.42
C ASN A 370 13.90 22.08 -10.94
N THR A 371 12.97 22.78 -11.58
CA THR A 371 12.98 22.86 -13.04
C THR A 371 14.25 23.50 -13.55
N VAL A 372 14.66 24.61 -12.94
CA VAL A 372 15.88 25.29 -13.36
C VAL A 372 17.10 24.41 -13.14
N LEU A 373 17.14 23.68 -12.02
CA LEU A 373 18.25 22.79 -11.74
C LEU A 373 18.32 21.65 -12.76
N SER A 374 17.17 21.10 -13.13
CA SER A 374 17.14 20.03 -14.13
C SER A 374 17.57 20.56 -15.50
N ILE A 375 17.19 21.80 -15.82
CA ILE A 375 17.57 22.37 -17.12
C ILE A 375 19.06 22.65 -17.17
N LEU A 376 19.62 23.21 -16.10
CA LEU A 376 21.02 23.58 -16.08
C LEU A 376 21.95 22.36 -16.11
N ALA A 377 21.44 21.18 -15.79
CA ALA A 377 22.23 19.96 -15.78
C ALA A 377 22.00 19.09 -17.01
N VAL A 378 21.47 19.66 -18.09
CA VAL A 378 21.19 18.88 -19.29
C VAL A 378 22.49 18.36 -19.90
N ASP A 379 22.40 17.22 -20.57
CA ASP A 379 23.56 16.58 -21.20
C ASP A 379 23.83 17.23 -22.55
N TYR A 380 24.34 18.46 -22.47
CA TYR A 380 24.66 19.28 -23.63
C TYR A 380 25.84 20.17 -23.28
N PRO A 381 26.62 20.60 -24.26
CA PRO A 381 27.72 21.53 -23.97
C PRO A 381 27.23 22.79 -23.29
N VAL A 382 27.99 23.24 -22.28
CA VAL A 382 27.56 24.39 -21.49
C VAL A 382 27.62 25.67 -22.31
N ASP A 383 28.51 25.73 -23.29
CA ASP A 383 28.60 26.91 -24.15
C ASP A 383 27.46 26.97 -25.15
N LYS A 384 26.76 25.87 -25.36
CA LYS A 384 25.66 25.81 -26.32
C LYS A 384 24.30 25.78 -25.65
N VAL A 385 24.22 26.07 -24.36
CA VAL A 385 22.97 26.05 -23.61
C VAL A 385 22.80 27.39 -22.89
N SER A 386 21.65 28.01 -23.08
CA SER A 386 21.28 29.21 -22.35
C SER A 386 19.90 29.02 -21.75
N CYS A 387 19.67 29.60 -20.58
CA CYS A 387 18.40 29.47 -19.87
C CYS A 387 17.85 30.86 -19.55
N TYR A 388 16.59 31.09 -19.93
CA TYR A 388 15.90 32.34 -19.65
C TYR A 388 14.64 32.03 -18.88
N VAL A 389 14.47 32.68 -17.73
CA VAL A 389 13.29 32.52 -16.88
C VAL A 389 12.50 33.81 -16.93
N SER A 390 11.25 33.73 -17.38
CA SER A 390 10.37 34.89 -17.46
C SER A 390 9.38 34.83 -16.30
N ASP A 391 9.52 35.75 -15.35
CA ASP A 391 8.62 35.88 -14.22
C ASP A 391 7.69 37.07 -14.50
N ASP A 392 6.45 36.78 -14.84
CA ASP A 392 5.51 37.83 -15.23
C ASP A 392 5.08 38.68 -14.05
N GLY A 393 5.20 38.18 -12.83
CA GLY A 393 4.77 38.91 -11.65
C GLY A 393 5.75 39.92 -11.11
N ALA A 394 7.00 39.90 -11.60
CA ALA A 394 8.05 40.82 -11.13
C ALA A 394 8.22 40.73 -9.61
N ALA A 395 8.23 39.50 -9.10
CA ALA A 395 8.28 39.27 -7.66
C ALA A 395 9.72 39.17 -7.19
N MET A 396 9.99 39.78 -6.02
CA MET A 396 11.31 39.68 -5.42
C MET A 396 11.62 38.26 -4.98
N LEU A 397 10.59 37.52 -4.55
CA LEU A 397 10.79 36.15 -4.11
C LEU A 397 11.35 35.28 -5.24
N THR A 398 10.85 35.48 -6.46
CA THR A 398 11.37 34.72 -7.59
C THR A 398 12.83 35.04 -7.86
N PHE A 399 13.20 36.31 -7.77
CA PHE A 399 14.59 36.71 -8.01
C PHE A 399 15.51 36.10 -6.96
N GLU A 400 15.13 36.18 -5.69
CA GLU A 400 15.96 35.61 -4.63
C GLU A 400 16.04 34.09 -4.75
N ALA A 401 14.93 33.45 -5.10
CA ALA A 401 14.92 32.00 -5.29
C ALA A 401 15.82 31.59 -6.46
N LEU A 402 15.82 32.39 -7.53
CA LEU A 402 16.70 32.09 -8.66
C LEU A 402 18.16 32.25 -8.29
N ALA A 403 18.48 33.29 -7.51
CA ALA A 403 19.86 33.45 -7.04
C ALA A 403 20.30 32.27 -6.19
N GLU A 404 19.45 31.86 -5.24
CA GLU A 404 19.79 30.71 -4.40
C GLU A 404 19.88 29.43 -5.23
N THR A 405 19.03 29.29 -6.24
CA THR A 405 19.06 28.12 -7.10
C THR A 405 20.35 28.06 -7.90
N SER A 406 20.82 29.20 -8.40
CA SER A 406 22.11 29.23 -9.09
C SER A 406 23.24 28.87 -8.13
N GLU A 407 23.20 29.41 -6.91
CA GLU A 407 24.23 29.09 -5.93
C GLU A 407 24.26 27.60 -5.61
N PHE A 408 23.09 26.97 -5.50
CA PHE A 408 23.05 25.53 -5.24
C PHE A 408 23.46 24.73 -6.47
N ALA A 409 23.07 25.19 -7.66
CA ALA A 409 23.46 24.51 -8.89
C ALA A 409 24.97 24.49 -9.06
N ARG A 410 25.65 25.53 -8.56
CA ARG A 410 27.11 25.58 -8.63
C ARG A 410 27.76 24.31 -8.08
N LYS A 411 27.12 23.64 -7.13
CA LYS A 411 27.62 22.37 -6.62
C LYS A 411 26.78 21.17 -7.04
N TRP A 412 25.52 21.38 -7.42
CA TRP A 412 24.67 20.26 -7.82
C TRP A 412 25.01 19.76 -9.22
N VAL A 413 25.32 20.67 -10.14
CA VAL A 413 25.56 20.26 -11.54
C VAL A 413 26.73 19.30 -11.68
N PRO A 414 27.91 19.55 -11.08
CA PRO A 414 29.02 18.60 -11.25
C PRO A 414 28.70 17.20 -10.77
N PHE A 415 27.94 17.06 -9.67
CA PHE A 415 27.60 15.74 -9.14
C PHE A 415 26.77 14.95 -10.15
N SER A 416 25.69 15.57 -10.66
CA SER A 416 24.83 14.88 -11.62
C SER A 416 25.56 14.60 -12.92
N LYS A 417 26.40 15.53 -13.38
CA LYS A 417 27.14 15.30 -14.61
C LYS A 417 28.14 14.16 -14.45
N LYS A 418 28.82 14.09 -13.30
CA LYS A 418 29.83 13.06 -13.08
C LYS A 418 29.21 11.69 -12.92
N TYR A 419 28.17 11.58 -12.09
CA TYR A 419 27.60 10.27 -11.80
C TYR A 419 26.45 9.88 -12.73
N SER A 420 26.03 10.78 -13.61
CA SER A 420 24.99 10.50 -14.61
C SER A 420 23.72 9.97 -13.95
N ILE A 421 23.18 10.78 -13.05
CA ILE A 421 21.95 10.41 -12.35
C ILE A 421 20.74 10.81 -13.18
N GLU A 422 19.65 10.06 -13.02
CA GLU A 422 18.41 10.33 -13.73
C GLU A 422 17.23 10.08 -12.80
N PRO A 423 16.33 11.05 -12.64
CA PRO A 423 16.32 12.39 -13.24
C PRO A 423 17.29 13.33 -12.55
N ARG A 424 17.62 14.46 -13.18
CA ARG A 424 18.58 15.40 -12.62
C ARG A 424 17.92 16.49 -11.77
N ALA A 425 16.61 16.40 -11.56
CA ALA A 425 15.94 17.27 -10.60
C ALA A 425 16.14 16.72 -9.20
N PRO A 426 16.75 17.47 -8.28
CA PRO A 426 17.06 16.89 -6.96
C PRO A 426 15.84 16.44 -6.17
N GLU A 427 14.69 17.11 -6.32
CA GLU A 427 13.51 16.72 -5.55
C GLU A 427 13.03 15.33 -5.95
N TRP A 428 12.99 15.06 -7.25
CA TRP A 428 12.49 13.78 -7.73
C TRP A 428 13.55 12.68 -7.68
N TYR A 429 14.82 13.05 -7.78
CA TYR A 429 15.88 12.05 -7.68
C TYR A 429 15.98 11.50 -6.26
N PHE A 430 15.92 12.36 -5.26
CA PHE A 430 16.08 11.95 -3.87
C PHE A 430 14.81 11.38 -3.27
N SER A 431 13.68 11.45 -3.97
CA SER A 431 12.41 10.93 -3.48
C SER A 431 11.92 9.78 -4.35
N GLN A 432 12.84 8.89 -4.73
CA GLN A 432 12.54 7.73 -5.55
C GLN A 432 12.81 6.46 -4.74
N LYS A 433 11.85 5.53 -4.79
CA LYS A 433 12.02 4.25 -4.11
C LYS A 433 12.89 3.28 -4.91
N ILE A 434 13.26 3.63 -6.14
CA ILE A 434 14.13 2.76 -6.93
C ILE A 434 15.50 2.69 -6.28
N ASP A 435 16.09 1.49 -6.30
CA ASP A 435 17.42 1.29 -5.74
C ASP A 435 18.43 2.23 -6.38
N TYR A 436 19.00 3.11 -5.57
CA TYR A 436 19.92 4.14 -6.06
C TYR A 436 21.34 3.64 -6.26
N LEU A 437 21.64 2.39 -5.87
CA LEU A 437 22.96 1.81 -6.03
C LEU A 437 23.03 0.86 -7.22
N LYS A 438 22.17 1.06 -8.22
CA LYS A 438 22.10 0.19 -9.39
C LYS A 438 22.90 0.80 -10.53
N ASP A 439 23.74 -0.02 -11.16
CA ASP A 439 24.64 0.40 -12.24
C ASP A 439 25.54 1.55 -11.79
N LYS A 440 26.10 1.42 -10.59
CA LYS A 440 27.05 2.39 -10.05
C LYS A 440 28.40 1.72 -9.87
N VAL A 441 29.44 2.34 -10.43
CA VAL A 441 30.77 1.77 -10.46
C VAL A 441 31.77 2.57 -9.64
N HIS A 442 31.62 3.89 -9.62
CA HIS A 442 32.63 4.75 -8.99
C HIS A 442 32.75 4.43 -7.51
N PRO A 443 33.97 4.20 -7.00
CA PRO A 443 34.12 3.87 -5.58
C PRO A 443 33.69 4.98 -4.63
N SER A 444 33.75 6.24 -5.06
CA SER A 444 33.47 7.38 -4.20
C SER A 444 32.08 7.96 -4.44
N PHE A 445 31.09 7.10 -4.69
CA PHE A 445 29.75 7.54 -4.98
C PHE A 445 28.87 7.67 -3.74
N VAL A 446 29.05 6.80 -2.74
CA VAL A 446 28.16 6.80 -1.59
C VAL A 446 28.33 8.06 -0.74
N LYS A 447 29.58 8.42 -0.43
CA LYS A 447 29.82 9.61 0.38
C LYS A 447 29.42 10.87 -0.37
N ASP A 448 29.69 10.93 -1.68
CA ASP A 448 29.28 12.08 -2.47
C ASP A 448 27.76 12.21 -2.50
N ARG A 449 27.05 11.09 -2.64
CA ARG A 449 25.60 11.13 -2.64
C ARG A 449 25.06 11.58 -1.29
N ARG A 450 25.65 11.11 -0.20
CA ARG A 450 25.21 11.53 1.13
C ARG A 450 25.43 13.03 1.32
N ALA A 451 26.59 13.53 0.93
CA ALA A 451 26.87 14.96 1.06
C ALA A 451 25.91 15.78 0.20
N MET A 452 25.63 15.30 -1.03
CA MET A 452 24.71 16.02 -1.90
C MET A 452 23.30 16.03 -1.32
N LYS A 453 22.86 14.93 -0.72
CA LYS A 453 21.54 14.88 -0.10
C LYS A 453 21.45 15.87 1.06
N ARG A 454 22.48 15.91 1.91
CA ARG A 454 22.46 16.85 3.02
C ARG A 454 22.48 18.30 2.52
N GLU A 455 23.28 18.58 1.49
CA GLU A 455 23.33 19.92 0.94
C GLU A 455 21.99 20.32 0.34
N TYR A 456 21.31 19.38 -0.33
CA TYR A 456 19.99 19.67 -0.88
C TYR A 456 18.97 19.94 0.22
N GLU A 457 19.06 19.19 1.33
CA GLU A 457 18.16 19.46 2.45
C GLU A 457 18.39 20.87 3.02
N GLU A 458 19.66 21.26 3.17
CA GLU A 458 19.94 22.61 3.64
C GLU A 458 19.44 23.66 2.66
N PHE A 459 19.58 23.40 1.35
CA PHE A 459 19.09 24.33 0.34
C PHE A 459 17.57 24.47 0.41
N LYS A 460 16.88 23.34 0.63
CA LYS A 460 15.43 23.40 0.79
C LYS A 460 15.04 24.20 2.02
N VAL A 461 15.80 24.05 3.11
CA VAL A 461 15.53 24.84 4.31
C VAL A 461 15.71 26.33 4.01
N ARG A 462 16.77 26.68 3.28
CA ARG A 462 17.00 28.07 2.93
C ARG A 462 15.87 28.62 2.05
N ILE A 463 15.40 27.82 1.10
CA ILE A 463 14.29 28.25 0.24
C ILE A 463 13.03 28.46 1.06
N ASN A 464 12.77 27.55 2.01
CA ASN A 464 11.61 27.72 2.89
C ASN A 464 11.72 29.00 3.72
N GLY A 465 12.92 29.29 4.21
CA GLY A 465 13.12 30.55 4.93
C GLY A 465 12.87 31.76 4.08
N LEU A 466 13.34 31.74 2.83
CA LEU A 466 13.09 32.84 1.91
C LEU A 466 11.61 33.02 1.65
N VAL A 467 10.89 31.90 1.46
CA VAL A 467 9.45 31.99 1.21
C VAL A 467 8.74 32.55 2.43
N SER A 468 9.12 32.10 3.63
CA SER A 468 8.51 32.62 4.85
C SER A 468 8.75 34.12 5.00
N LYS A 469 9.97 34.57 4.69
CA LYS A 469 10.27 36.00 4.73
C LYS A 469 9.41 36.76 3.73
N ALA A 470 9.29 36.23 2.51
CA ALA A 470 8.55 36.94 1.47
C ALA A 470 7.04 36.83 1.63
N GLN A 471 6.56 36.01 2.58
CA GLN A 471 5.12 35.88 2.78
C GLN A 471 4.48 37.19 3.21
N LYS A 472 5.12 37.92 4.12
CA LYS A 472 4.58 39.17 4.64
C LYS A 472 5.07 40.34 3.80
N VAL A 473 4.13 41.11 3.27
CA VAL A 473 4.45 42.27 2.44
C VAL A 473 4.74 43.45 3.35
N PRO A 474 5.93 44.04 3.28
CA PRO A 474 6.24 45.18 4.15
C PRO A 474 5.44 46.41 3.75
N GLU A 475 5.21 47.29 4.74
CA GLU A 475 4.45 48.50 4.49
C GLU A 475 5.23 49.46 3.59
N GLU A 476 6.54 49.59 3.79
CA GLU A 476 7.34 50.54 3.04
C GLU A 476 7.84 49.96 1.71
N GLY A 477 7.53 48.70 1.41
CA GLY A 477 7.92 48.11 0.15
C GLY A 477 9.17 47.24 0.28
N TRP A 478 9.37 46.38 -0.72
CA TRP A 478 10.51 45.47 -0.72
C TRP A 478 11.80 46.25 -0.94
N VAL A 479 12.86 45.79 -0.29
CA VAL A 479 14.19 46.39 -0.37
C VAL A 479 15.21 45.31 -0.69
N MET A 480 16.07 45.57 -1.67
CA MET A 480 17.09 44.62 -2.05
C MET A 480 18.12 44.44 -0.94
N GLN A 481 18.89 43.36 -1.03
CA GLN A 481 19.98 43.13 -0.08
C GLN A 481 21.03 44.22 -0.18
N ASP A 482 21.21 44.81 -1.37
CA ASP A 482 22.13 45.93 -1.54
C ASP A 482 21.64 47.17 -0.79
N GLY A 483 20.34 47.27 -0.52
CA GLY A 483 19.75 48.41 0.13
C GLY A 483 18.88 49.27 -0.74
N THR A 484 19.00 49.16 -2.07
CA THR A 484 18.16 49.89 -2.98
C THR A 484 16.76 49.27 -3.04
N PRO A 485 15.73 50.08 -3.27
CA PRO A 485 14.37 49.52 -3.33
C PRO A 485 14.20 48.61 -4.53
N TRP A 486 13.33 47.62 -4.37
CA TRP A 486 13.05 46.68 -5.44
C TRP A 486 12.28 47.40 -6.55
N PRO A 487 12.78 47.41 -7.79
CA PRO A 487 12.07 48.14 -8.85
C PRO A 487 10.67 47.62 -9.14
N GLY A 488 10.43 46.33 -8.95
CA GLY A 488 9.11 45.77 -9.19
C GLY A 488 8.20 45.85 -7.99
N ASN A 489 8.21 47.00 -7.30
CA ASN A 489 7.34 47.17 -6.14
C ASN A 489 5.88 47.09 -6.52
N ASN A 490 5.50 47.73 -7.62
CA ASN A 490 4.14 47.69 -8.15
C ASN A 490 4.13 46.77 -9.36
N THR A 491 3.33 45.69 -9.29
CA THR A 491 3.31 44.73 -10.37
C THR A 491 2.75 45.33 -11.66
N ARG A 492 1.77 46.23 -11.54
CA ARG A 492 1.12 46.79 -12.71
C ARG A 492 1.90 47.95 -13.31
N ASP A 493 2.85 48.54 -12.58
CA ASP A 493 3.55 49.74 -13.03
C ASP A 493 5.06 49.61 -12.79
N HIS A 494 5.63 48.47 -13.18
CA HIS A 494 7.06 48.29 -12.99
C HIS A 494 7.79 48.29 -14.33
N PRO A 495 9.05 48.73 -14.37
CA PRO A 495 9.82 48.72 -15.61
C PRO A 495 10.43 47.35 -15.86
N GLY A 496 11.21 47.25 -16.93
CA GLY A 496 11.83 46.00 -17.31
C GLY A 496 13.21 45.84 -16.68
N MET A 497 13.48 44.63 -16.20
CA MET A 497 14.75 44.31 -15.56
C MET A 497 15.27 42.99 -16.12
N ILE A 498 16.60 42.93 -16.32
CA ILE A 498 17.27 41.73 -16.80
C ILE A 498 18.51 41.50 -15.97
N GLN A 499 18.68 40.28 -15.46
CA GLN A 499 19.81 39.92 -14.63
C GLN A 499 20.38 38.59 -15.09
N VAL A 500 21.71 38.49 -15.09
CA VAL A 500 22.43 37.27 -15.48
C VAL A 500 23.18 36.78 -14.25
N PHE A 501 22.92 35.53 -13.86
CA PHE A 501 23.51 34.95 -12.66
C PHE A 501 24.77 34.14 -12.98
N LEU A 502 24.63 33.09 -13.80
CA LEU A 502 25.74 32.24 -14.19
C LEU A 502 25.97 32.38 -15.70
N GLY A 503 27.21 32.19 -16.10
CA GLY A 503 27.59 32.27 -17.49
C GLY A 503 29.10 32.25 -17.63
N GLN A 504 29.59 33.03 -18.60
CA GLN A 504 31.03 33.09 -18.85
C GLN A 504 31.78 33.65 -17.64
N SER A 505 31.26 34.74 -17.06
CA SER A 505 31.89 35.37 -15.91
C SER A 505 31.05 35.23 -14.65
N GLY A 506 30.06 34.34 -14.65
CA GLY A 506 29.23 34.15 -13.49
C GLY A 506 29.89 33.40 -12.36
N GLY A 507 30.97 32.67 -12.65
CA GLY A 507 31.70 31.92 -11.65
C GLY A 507 31.97 30.50 -12.11
N LEU A 508 32.61 29.74 -11.22
CA LEU A 508 33.00 28.37 -11.50
C LEU A 508 32.31 27.43 -10.53
N ASP A 509 32.06 26.20 -10.99
CA ASP A 509 31.47 25.18 -10.14
C ASP A 509 32.54 24.55 -9.25
N THR A 510 32.20 23.46 -8.57
CA THR A 510 33.14 22.81 -7.68
C THR A 510 34.31 22.16 -8.43
N GLU A 511 34.13 21.85 -9.71
CA GLU A 511 35.18 21.23 -10.50
C GLU A 511 36.00 22.23 -11.30
N GLY A 512 35.70 23.53 -11.20
CA GLY A 512 36.44 24.55 -11.91
C GLY A 512 36.02 24.79 -13.34
N ASN A 513 34.95 24.14 -13.81
CA ASN A 513 34.46 24.34 -15.16
C ASN A 513 33.52 25.53 -15.20
N GLU A 514 32.77 25.68 -16.29
CA GLU A 514 31.76 26.72 -16.41
C GLU A 514 30.37 26.11 -16.27
N LEU A 515 29.38 26.99 -16.18
CA LEU A 515 27.99 26.60 -16.02
C LEU A 515 27.14 27.25 -17.11
N PRO A 516 26.02 26.64 -17.49
CA PRO A 516 25.16 27.25 -18.51
C PRO A 516 24.65 28.60 -18.08
N ARG A 517 24.52 29.51 -19.04
CA ARG A 517 24.10 30.87 -18.74
C ARG A 517 22.65 30.90 -18.27
N LEU A 518 22.40 31.65 -17.20
CA LEU A 518 21.08 31.78 -16.60
C LEU A 518 20.70 33.25 -16.54
N VAL A 519 19.54 33.58 -17.12
CA VAL A 519 19.08 34.96 -17.23
C VAL A 519 17.69 35.06 -16.63
N TYR A 520 17.48 36.05 -15.77
CA TYR A 520 16.17 36.37 -15.23
C TYR A 520 15.68 37.66 -15.89
N VAL A 521 14.55 37.59 -16.56
CA VAL A 521 13.99 38.73 -17.30
C VAL A 521 12.56 38.97 -16.83
N SER A 522 12.17 40.24 -16.76
CA SER A 522 10.81 40.63 -16.44
C SER A 522 10.43 41.81 -17.31
N ARG A 523 9.49 41.61 -18.23
CA ARG A 523 9.16 42.64 -19.19
C ARG A 523 8.44 43.81 -18.52
N GLU A 524 8.58 44.98 -19.12
CA GLU A 524 7.99 46.19 -18.56
C GLU A 524 6.47 46.11 -18.57
N LYS A 525 5.86 46.51 -17.45
CA LYS A 525 4.42 46.54 -17.31
C LYS A 525 3.98 47.95 -16.96
N ARG A 526 2.98 48.46 -17.68
CA ARG A 526 2.44 49.79 -17.45
C ARG A 526 0.93 49.72 -17.46
N PRO A 527 0.26 50.58 -16.69
CA PRO A 527 -1.21 50.52 -16.63
C PRO A 527 -1.85 50.88 -17.96
N GLY A 528 -2.97 50.21 -18.25
CA GLY A 528 -3.75 50.49 -19.43
C GLY A 528 -3.26 49.83 -20.71
N PHE A 529 -2.16 49.08 -20.65
CA PHE A 529 -1.58 48.43 -21.83
C PHE A 529 -1.79 46.93 -21.72
N GLN A 530 -2.30 46.32 -22.80
CA GLN A 530 -2.47 44.88 -22.83
C GLN A 530 -1.12 44.18 -23.00
N HIS A 531 -1.01 42.99 -22.41
CA HIS A 531 0.24 42.24 -22.44
C HIS A 531 0.11 40.83 -22.99
N HIS A 532 -1.11 40.32 -23.19
CA HIS A 532 -1.39 39.05 -23.86
C HIS A 532 -0.87 37.84 -23.08
N LYS A 533 -0.42 38.04 -21.85
CA LYS A 533 -0.08 36.95 -20.91
C LYS A 533 1.04 36.10 -21.51
N LYS A 534 0.86 34.78 -21.65
CA LYS A 534 1.97 33.90 -21.96
C LYS A 534 2.51 34.11 -23.37
N ALA A 535 1.63 34.46 -24.32
CA ALA A 535 2.12 34.71 -25.67
C ALA A 535 3.04 35.92 -25.71
N GLY A 536 2.66 37.00 -25.04
CA GLY A 536 3.54 38.16 -24.98
C GLY A 536 4.82 37.87 -24.22
N ALA A 537 4.73 37.09 -23.14
CA ALA A 537 5.93 36.70 -22.41
C ALA A 537 6.88 35.90 -23.29
N MET A 538 6.33 34.96 -24.07
CA MET A 538 7.17 34.16 -24.96
C MET A 538 7.80 35.03 -26.05
N ASN A 539 7.04 35.98 -26.60
CA ASN A 539 7.62 36.86 -27.62
C ASN A 539 8.74 37.73 -27.04
N ALA A 540 8.54 38.27 -25.83
CA ALA A 540 9.60 39.04 -25.20
C ALA A 540 10.81 38.18 -24.92
N LEU A 541 10.60 36.93 -24.49
CA LEU A 541 11.71 36.01 -24.26
C LEU A 541 12.48 35.75 -25.55
N VAL A 542 11.76 35.55 -26.66
CA VAL A 542 12.41 35.30 -27.94
C VAL A 542 13.25 36.51 -28.33
N ARG A 543 12.71 37.71 -28.19
CA ARG A 543 13.47 38.91 -28.55
C ARG A 543 14.70 39.07 -27.67
N VAL A 544 14.56 38.85 -26.36
CA VAL A 544 15.69 39.00 -25.46
C VAL A 544 16.77 37.97 -25.77
N SER A 545 16.37 36.72 -26.04
CA SER A 545 17.35 35.69 -26.36
C SER A 545 18.05 35.98 -27.68
N ALA A 546 17.31 36.50 -28.67
CA ALA A 546 17.94 36.88 -29.92
C ALA A 546 18.94 37.99 -29.72
N VAL A 547 18.62 38.95 -28.84
CA VAL A 547 19.55 40.05 -28.59
C VAL A 547 20.79 39.54 -27.86
N LEU A 548 20.63 38.62 -26.91
CA LEU A 548 21.73 38.20 -26.05
C LEU A 548 22.53 37.03 -26.61
N THR A 549 21.85 35.92 -26.91
CA THR A 549 22.53 34.70 -27.37
C THR A 549 22.21 34.34 -28.81
N ASN A 550 20.96 34.55 -29.25
CA ASN A 550 20.54 34.25 -30.62
C ASN A 550 20.70 32.76 -30.95
N GLY A 551 20.24 31.90 -30.05
CA GLY A 551 20.27 30.47 -30.28
C GLY A 551 19.32 30.06 -31.37
N PRO A 552 19.78 29.19 -32.28
CA PRO A 552 18.94 28.77 -33.41
C PRO A 552 17.70 27.99 -33.00
N PHE A 553 17.68 27.36 -31.83
CA PHE A 553 16.56 26.55 -31.39
C PHE A 553 16.15 26.95 -29.99
N LEU A 554 14.83 26.94 -29.74
CA LEU A 554 14.25 27.39 -28.48
C LEU A 554 13.36 26.31 -27.90
N LEU A 555 13.64 25.88 -26.68
CA LEU A 555 12.85 24.88 -25.98
C LEU A 555 11.96 25.56 -24.96
N ASN A 556 10.65 25.39 -25.08
CA ASN A 556 9.69 26.07 -24.22
C ASN A 556 9.27 25.14 -23.08
N LEU A 557 9.19 25.70 -21.86
CA LEU A 557 8.82 24.92 -20.70
C LEU A 557 8.09 25.80 -19.68
N ASP A 558 7.21 25.15 -18.91
CA ASP A 558 6.53 25.77 -17.81
C ASP A 558 7.33 25.55 -16.52
N CYS A 559 6.82 26.09 -15.41
CA CYS A 559 7.53 25.98 -14.14
C CYS A 559 7.41 24.58 -13.54
N ASP A 560 6.33 23.87 -13.83
CA ASP A 560 6.07 22.57 -13.21
C ASP A 560 6.57 21.39 -14.04
N HIS A 561 7.21 21.64 -15.17
CA HIS A 561 7.73 20.58 -16.03
C HIS A 561 9.25 20.57 -15.96
N TYR A 562 9.82 19.42 -15.59
CA TYR A 562 11.25 19.26 -15.45
C TYR A 562 11.76 18.25 -16.47
N ILE A 563 13.03 18.41 -16.85
CA ILE A 563 13.66 17.55 -17.85
C ILE A 563 13.95 16.19 -17.21
N ASN A 564 13.13 15.19 -17.54
CA ASN A 564 13.32 13.86 -16.97
C ASN A 564 14.50 13.14 -17.59
N ASN A 565 14.67 13.25 -18.91
CA ASN A 565 15.74 12.60 -19.64
C ASN A 565 16.76 13.65 -20.05
N SER A 566 17.99 13.51 -19.56
CA SER A 566 19.03 14.51 -19.81
C SER A 566 19.46 14.58 -21.27
N LYS A 567 19.13 13.58 -22.08
CA LYS A 567 19.50 13.56 -23.49
C LYS A 567 18.38 14.04 -24.40
N ALA A 568 17.42 14.79 -23.86
CA ALA A 568 16.31 15.28 -24.68
C ALA A 568 16.79 16.23 -25.76
N LEU A 569 17.76 17.09 -25.44
CA LEU A 569 18.27 18.02 -26.43
C LEU A 569 18.94 17.29 -27.59
N ARG A 570 19.68 16.22 -27.29
CA ARG A 570 20.30 15.45 -28.37
C ARG A 570 19.25 14.76 -29.23
N GLU A 571 18.18 14.25 -28.60
CA GLU A 571 17.09 13.66 -29.36
C GLU A 571 16.44 14.69 -30.28
N ALA A 572 16.29 15.92 -29.80
CA ALA A 572 15.72 16.98 -30.64
C ALA A 572 16.67 17.34 -31.78
N MET A 573 17.96 17.45 -31.51
CA MET A 573 18.92 17.80 -32.56
C MET A 573 19.08 16.69 -33.58
N CYS A 574 18.75 15.45 -33.21
CA CYS A 574 18.77 14.37 -34.20
C CYS A 574 17.84 14.66 -35.36
N PHE A 575 16.74 15.36 -35.11
CA PHE A 575 15.83 15.80 -36.17
C PHE A 575 16.16 17.20 -36.66
N MET A 576 16.49 18.11 -35.75
CA MET A 576 16.69 19.51 -36.12
C MET A 576 17.93 19.68 -36.99
N MET A 577 19.02 18.99 -36.66
CA MET A 577 20.29 19.21 -37.32
C MET A 577 20.56 18.25 -38.47
N ASP A 578 19.57 17.46 -38.87
CA ASP A 578 19.71 16.61 -40.05
C ASP A 578 19.74 17.48 -41.30
N PRO A 579 20.80 17.41 -42.11
CA PRO A 579 20.86 18.28 -43.30
C PRO A 579 19.69 18.10 -44.26
N ASN A 580 19.24 16.87 -44.45
CA ASN A 580 18.15 16.62 -45.39
C ASN A 580 16.80 17.00 -44.80
N LEU A 581 16.60 16.76 -43.51
CA LEU A 581 15.30 16.95 -42.87
C LEU A 581 15.18 18.24 -42.09
N GLY A 582 16.28 18.73 -41.50
CA GLY A 582 16.18 19.88 -40.62
C GLY A 582 15.76 21.16 -41.31
N LYS A 583 15.97 21.24 -42.63
CA LYS A 583 15.59 22.45 -43.36
C LYS A 583 14.07 22.63 -43.39
N HIS A 584 13.32 21.53 -43.35
CA HIS A 584 11.87 21.59 -43.47
C HIS A 584 11.14 21.37 -42.16
N VAL A 585 11.85 21.35 -41.03
CA VAL A 585 11.25 21.08 -39.73
C VAL A 585 11.07 22.40 -38.98
N CYS A 586 9.85 22.62 -38.48
CA CYS A 586 9.51 23.83 -37.74
C CYS A 586 9.62 23.63 -36.23
N TYR A 587 9.13 22.51 -35.71
CA TYR A 587 9.26 22.23 -34.30
C TYR A 587 9.21 20.73 -34.06
N VAL A 588 9.81 20.32 -32.93
CA VAL A 588 9.80 18.95 -32.46
C VAL A 588 9.00 18.93 -31.16
N GLN A 589 7.99 18.06 -31.09
CA GLN A 589 7.08 17.98 -29.96
C GLN A 589 7.28 16.64 -29.24
N PHE A 590 7.33 16.70 -27.92
CA PHE A 590 7.44 15.53 -27.07
C PHE A 590 6.14 15.27 -26.33
N PRO A 591 5.81 14.02 -26.03
CA PRO A 591 4.57 13.74 -25.31
C PRO A 591 4.62 14.30 -23.90
N GLN A 592 3.45 14.68 -23.40
CA GLN A 592 3.31 15.23 -22.05
C GLN A 592 3.04 14.09 -21.08
N ARG A 593 3.98 13.85 -20.16
CA ARG A 593 3.86 12.83 -19.14
C ARG A 593 3.82 13.51 -17.77
N PHE A 594 2.97 12.98 -16.89
CA PHE A 594 2.82 13.52 -15.55
C PHE A 594 3.09 12.43 -14.53
N ASP A 595 3.83 12.79 -13.47
CA ASP A 595 4.12 11.85 -12.40
C ASP A 595 3.12 12.01 -11.26
N GLY A 596 2.97 10.94 -10.48
CA GLY A 596 2.04 10.94 -9.38
C GLY A 596 0.59 10.77 -9.76
N ILE A 597 0.31 10.41 -11.01
CA ILE A 597 -1.07 10.20 -11.43
C ILE A 597 -1.66 8.99 -10.70
N ASP A 598 -2.93 9.10 -10.34
CA ASP A 598 -3.63 8.00 -9.68
C ASP A 598 -3.57 6.75 -10.55
N ARG A 599 -3.36 5.60 -9.91
CA ARG A 599 -3.26 4.34 -10.64
C ARG A 599 -4.53 4.05 -11.42
N ASN A 600 -5.69 4.25 -10.78
CA ASN A 600 -6.95 4.10 -11.49
C ASN A 600 -7.17 5.25 -12.47
N ASP A 601 -6.63 6.42 -12.17
CA ASP A 601 -6.74 7.61 -13.03
C ASP A 601 -8.21 7.97 -13.28
N ARG A 602 -8.87 8.39 -12.20
CA ARG A 602 -10.27 8.77 -12.29
C ARG A 602 -10.47 9.92 -13.28
N TYR A 603 -9.61 10.94 -13.20
CA TYR A 603 -9.74 12.11 -14.06
C TYR A 603 -9.24 11.87 -15.47
N ALA A 604 -8.66 10.71 -15.75
CA ALA A 604 -8.01 10.43 -17.03
C ALA A 604 -6.93 11.45 -17.34
N ASN A 605 -6.14 11.81 -16.31
CA ASN A 605 -5.07 12.79 -16.49
C ASN A 605 -3.98 12.28 -17.41
N ARG A 606 -3.83 10.95 -17.51
CA ARG A 606 -2.81 10.40 -18.39
C ARG A 606 -3.04 10.79 -19.84
N ASN A 607 -4.28 10.65 -20.31
CA ASN A 607 -4.66 11.03 -21.68
C ASN A 607 -3.75 10.35 -22.70
N THR A 608 -3.55 9.04 -22.52
CA THR A 608 -2.63 8.31 -23.38
C THR A 608 -3.19 8.13 -24.79
N VAL A 609 -4.50 8.19 -24.97
CA VAL A 609 -5.08 8.01 -26.29
C VAL A 609 -4.67 9.16 -27.21
N PHE A 610 -4.77 10.39 -26.71
CA PHE A 610 -4.42 11.55 -27.52
C PHE A 610 -2.93 11.56 -27.86
N PHE A 611 -2.08 11.19 -26.91
CA PHE A 611 -0.64 11.28 -27.09
C PHE A 611 -0.03 10.03 -27.73
N ASP A 612 -0.82 8.96 -27.90
CA ASP A 612 -0.33 7.72 -28.46
C ASP A 612 -1.04 7.30 -29.74
N ILE A 613 -2.26 7.77 -29.97
CA ILE A 613 -3.03 7.42 -31.17
C ILE A 613 -3.23 8.65 -32.06
N ASN A 614 -3.76 9.74 -31.47
CA ASN A 614 -4.03 10.93 -32.26
C ASN A 614 -2.73 11.56 -32.77
N LEU A 615 -1.77 11.79 -31.87
CA LEU A 615 -0.53 12.44 -32.28
C LEU A 615 0.32 11.52 -33.15
N ARG A 616 0.30 10.21 -32.86
CA ARG A 616 1.03 9.26 -33.70
C ARG A 616 0.47 9.25 -35.12
N GLY A 617 -0.85 9.28 -35.26
CA GLY A 617 -1.44 9.36 -36.58
C GLY A 617 -1.17 10.68 -37.26
N LEU A 618 -1.16 11.78 -36.49
CA LEU A 618 -0.89 13.08 -37.06
C LEU A 618 0.55 13.18 -37.56
N ASP A 619 1.48 12.52 -36.87
CA ASP A 619 2.88 12.59 -37.27
C ASP A 619 3.11 12.00 -38.66
N GLY A 620 2.29 11.05 -39.08
CA GLY A 620 2.45 10.43 -40.37
C GLY A 620 1.96 11.23 -41.55
N ILE A 621 1.24 12.34 -41.31
CA ILE A 621 0.72 13.18 -42.37
C ILE A 621 1.56 14.44 -42.53
N GLN A 622 1.57 15.29 -41.50
CA GLN A 622 2.40 16.49 -41.50
C GLN A 622 3.10 16.73 -40.17
N GLY A 623 2.69 16.08 -39.09
CA GLY A 623 3.33 16.24 -37.81
C GLY A 623 2.35 16.52 -36.70
N PRO A 624 2.82 16.43 -35.45
CA PRO A 624 1.92 16.66 -34.31
C PRO A 624 1.56 18.13 -34.17
N VAL A 625 0.49 18.37 -33.43
CA VAL A 625 0.04 19.73 -33.14
C VAL A 625 0.79 20.23 -31.90
N TYR A 626 1.04 21.54 -31.87
CA TYR A 626 1.72 22.15 -30.74
C TYR A 626 0.80 22.16 -29.52
N VAL A 627 1.35 21.76 -28.37
CA VAL A 627 0.54 21.59 -27.17
C VAL A 627 1.14 22.36 -26.00
N GLY A 628 2.06 23.27 -26.28
CA GLY A 628 2.59 24.13 -25.23
C GLY A 628 3.96 23.72 -24.69
N THR A 629 3.97 23.08 -23.54
CA THR A 629 5.22 22.73 -22.89
C THR A 629 5.94 21.61 -23.65
N GLY A 630 7.25 21.54 -23.45
CA GLY A 630 8.06 20.48 -24.02
C GLY A 630 8.16 20.48 -25.53
N CYS A 631 8.40 21.64 -26.14
CA CYS A 631 8.51 21.76 -27.58
C CYS A 631 9.75 22.55 -27.95
N VAL A 632 10.42 22.10 -29.02
CA VAL A 632 11.64 22.75 -29.53
C VAL A 632 11.30 23.40 -30.86
N PHE A 633 11.43 24.72 -30.93
CA PHE A 633 11.07 25.51 -32.10
C PHE A 633 12.31 25.98 -32.83
N ASN A 634 12.20 26.04 -34.15
CA ASN A 634 13.22 26.64 -35.01
C ASN A 634 12.98 28.14 -35.10
N ARG A 635 14.07 28.91 -35.13
CA ARG A 635 13.95 30.37 -35.16
C ARG A 635 13.35 30.84 -36.48
N THR A 636 13.79 30.26 -37.59
CA THR A 636 13.31 30.71 -38.90
C THR A 636 11.81 30.47 -39.05
N ALA A 637 11.32 29.31 -38.61
CA ALA A 637 9.88 29.06 -38.65
C ALA A 637 9.13 30.02 -37.74
N LEU A 638 9.71 30.31 -36.57
CA LEU A 638 9.09 31.25 -35.64
C LEU A 638 9.02 32.66 -36.22
N TYR A 639 10.01 33.04 -37.02
CA TYR A 639 10.07 34.39 -37.57
C TYR A 639 9.11 34.61 -38.72
N GLY A 640 8.40 33.57 -39.17
CA GLY A 640 7.43 33.70 -40.24
C GLY A 640 7.95 33.36 -41.62
N TYR A 641 9.21 32.94 -41.74
CA TYR A 641 9.76 32.61 -43.05
C TYR A 641 9.20 31.29 -43.56
N GLU A 642 9.02 31.22 -44.87
CA GLU A 642 8.51 30.00 -45.51
C GLU A 642 9.62 28.96 -45.61
N PRO A 643 9.27 27.68 -45.53
CA PRO A 643 10.27 26.63 -45.68
C PRO A 643 10.78 26.57 -47.11
N PRO A 644 12.00 26.07 -47.32
CA PRO A 644 12.53 25.98 -48.68
C PRO A 644 11.69 25.04 -49.55
N LEU A 645 11.55 25.40 -50.82
CA LEU A 645 10.76 24.60 -51.74
C LEU A 645 11.51 23.34 -52.13
N LYS A 646 10.79 22.22 -52.16
CA LYS A 646 11.37 20.94 -52.52
C LYS A 646 11.23 20.70 -54.01
N PRO A 647 12.33 20.52 -54.76
CA PRO A 647 12.27 20.29 -56.21
C PRO A 647 12.06 18.83 -56.56
N SER A 713 15.12 45.99 -48.74
CA SER A 713 14.17 45.23 -47.93
C SER A 713 14.32 45.56 -46.45
N GLN A 714 15.06 46.63 -46.15
CA GLN A 714 15.23 47.04 -44.77
C GLN A 714 13.92 47.51 -44.15
N MET A 715 13.12 48.24 -44.92
CA MET A 715 11.84 48.73 -44.41
C MET A 715 10.89 47.58 -44.12
N SER A 716 10.89 46.55 -44.96
CA SER A 716 10.04 45.39 -44.72
C SER A 716 10.42 44.68 -43.43
N LEU A 717 11.74 44.51 -43.20
CA LEU A 717 12.19 43.88 -41.96
C LEU A 717 11.84 44.73 -40.75
N GLU A 718 11.99 46.05 -40.87
CA GLU A 718 11.66 46.94 -39.77
C GLU A 718 10.18 46.88 -39.44
N LYS A 719 9.32 46.86 -40.46
CA LYS A 719 7.89 46.79 -40.23
C LYS A 719 7.48 45.44 -39.65
N ARG A 720 8.09 44.36 -40.12
CA ARG A 720 7.69 43.03 -39.67
C ARG A 720 8.14 42.78 -38.24
N PHE A 721 9.39 43.11 -37.91
CA PHE A 721 9.95 42.78 -36.61
C PHE A 721 9.80 43.93 -35.61
N GLY A 722 10.38 45.08 -35.91
CA GLY A 722 10.30 46.21 -35.01
C GLY A 722 11.34 47.25 -35.34
N GLN A 723 11.48 48.21 -34.42
CA GLN A 723 12.39 49.33 -34.59
C GLN A 723 13.78 49.07 -34.04
N SER A 724 14.04 47.89 -33.51
CA SER A 724 15.34 47.54 -32.94
C SER A 724 16.25 47.06 -34.06
N ALA A 725 17.29 47.84 -34.36
CA ALA A 725 18.22 47.46 -35.44
C ALA A 725 19.05 46.24 -35.06
N VAL A 726 19.39 46.12 -33.78
CA VAL A 726 20.20 44.98 -33.33
C VAL A 726 19.44 43.67 -33.53
N PHE A 727 18.16 43.65 -33.18
CA PHE A 727 17.36 42.45 -33.35
C PHE A 727 17.22 42.10 -34.83
N VAL A 728 16.99 43.09 -35.68
CA VAL A 728 16.86 42.84 -37.11
C VAL A 728 18.16 42.28 -37.67
N ALA A 729 19.30 42.84 -37.25
CA ALA A 729 20.59 42.32 -37.69
C ALA A 729 20.81 40.89 -37.21
N SER A 730 20.38 40.60 -35.98
CA SER A 730 20.54 39.24 -35.45
C SER A 730 19.67 38.24 -36.20
N THR A 731 18.50 38.67 -36.65
CA THR A 731 17.63 37.78 -37.41
C THR A 731 18.25 37.33 -38.72
N LEU A 732 19.23 38.07 -39.23
CA LEU A 732 19.88 37.73 -40.49
C LEU A 732 21.08 36.80 -40.32
N MET A 733 21.43 36.45 -39.09
CA MET A 733 22.56 35.55 -38.84
C MET A 733 22.12 34.12 -39.13
N GLU A 734 22.75 33.50 -40.13
CA GLU A 734 22.33 32.16 -40.54
C GLU A 734 22.74 31.11 -39.52
N ASN A 735 23.87 31.30 -38.85
CA ASN A 735 24.38 30.34 -37.88
C ASN A 735 24.10 30.75 -36.44
N GLY A 736 23.32 31.81 -36.23
CA GLY A 736 23.03 32.26 -34.89
C GLY A 736 24.20 32.98 -34.24
N GLY A 737 24.11 33.14 -32.93
CA GLY A 737 25.14 33.81 -32.18
C GLY A 737 25.04 35.33 -32.29
N VAL A 738 25.95 35.99 -31.59
CA VAL A 738 26.00 37.45 -31.60
C VAL A 738 27.30 37.89 -32.27
N PRO A 739 27.29 38.97 -33.05
CA PRO A 739 28.53 39.44 -33.68
C PRO A 739 29.53 39.93 -32.66
N GLN A 740 30.80 39.77 -33.00
CA GLN A 740 31.87 40.22 -32.11
C GLN A 740 31.93 41.75 -32.08
N SER A 741 32.75 42.26 -31.16
CA SER A 741 32.94 43.68 -30.86
C SER A 741 31.68 44.28 -30.24
N ALA A 742 30.72 43.47 -29.82
CA ALA A 742 29.52 43.97 -29.16
C ALA A 742 29.75 44.02 -27.66
N THR A 743 29.67 45.22 -27.10
CA THR A 743 29.92 45.40 -25.67
C THR A 743 28.74 44.86 -24.87
N PRO A 744 28.99 44.02 -23.86
CA PRO A 744 27.88 43.54 -23.02
C PRO A 744 27.08 44.66 -22.37
N GLU A 745 27.75 45.76 -22.00
CA GLU A 745 27.04 46.90 -21.44
C GLU A 745 26.04 47.48 -22.42
N THR A 746 26.31 47.37 -23.72
CA THR A 746 25.35 47.80 -24.74
C THR A 746 24.35 46.71 -25.08
N LEU A 747 24.75 45.44 -25.00
CA LEU A 747 23.81 44.35 -25.22
C LEU A 747 22.70 44.35 -24.19
N LEU A 748 23.05 44.61 -22.92
CA LEU A 748 22.03 44.69 -21.88
C LEU A 748 21.07 45.85 -22.14
N LYS A 749 21.59 46.99 -22.58
CA LYS A 749 20.73 48.13 -22.90
C LYS A 749 19.79 47.80 -24.06
N GLU A 750 20.31 47.14 -25.08
CA GLU A 750 19.46 46.76 -26.22
C GLU A 750 18.39 45.76 -25.79
N ALA A 751 18.75 44.79 -24.94
CA ALA A 751 17.79 43.82 -24.46
C ALA A 751 16.71 44.47 -23.61
N ILE A 752 17.09 45.48 -22.82
CA ILE A 752 16.09 46.25 -22.07
C ILE A 752 15.19 47.02 -23.02
N HIS A 753 15.76 47.55 -24.11
CA HIS A 753 14.96 48.31 -25.08
C HIS A 753 13.93 47.42 -25.76
N VAL A 754 14.34 46.22 -26.18
CA VAL A 754 13.42 45.35 -26.92
C VAL A 754 12.38 44.72 -26.02
N ILE A 755 12.54 44.81 -24.70
CA ILE A 755 11.59 44.21 -23.76
C ILE A 755 10.58 45.25 -23.27
N SER A 756 10.62 46.46 -23.80
CA SER A 756 9.70 47.51 -23.38
C SER A 756 8.26 47.16 -23.75
N CYS A 757 7.33 47.73 -22.99
CA CYS A 757 5.91 47.41 -23.19
C CYS A 757 5.42 47.89 -24.56
N GLY A 758 5.81 49.09 -24.97
CA GLY A 758 5.33 49.64 -26.22
C GLY A 758 6.22 49.35 -27.41
N TYR A 759 6.72 48.12 -27.50
CA TYR A 759 7.59 47.75 -28.61
C TYR A 759 6.81 47.10 -29.75
N GLU A 760 5.87 46.21 -29.44
CA GLU A 760 5.15 45.46 -30.47
C GLU A 760 4.00 46.29 -31.03
N ASP A 761 4.30 47.49 -31.52
CA ASP A 761 3.32 48.33 -32.19
C ASP A 761 3.65 48.44 -33.66
N LYS A 762 2.62 48.40 -34.50
CA LYS A 762 2.76 48.43 -35.97
C LYS A 762 3.64 47.30 -36.48
N THR A 763 3.75 46.21 -35.74
CA THR A 763 4.55 45.06 -36.13
C THR A 763 3.67 43.83 -36.28
N ASP A 764 4.27 42.75 -36.78
CA ASP A 764 3.57 41.50 -37.00
C ASP A 764 3.63 40.57 -35.79
N TRP A 765 4.22 41.00 -34.68
CA TRP A 765 4.31 40.15 -33.50
C TRP A 765 2.92 39.86 -32.96
N GLY A 766 2.65 38.57 -32.73
CA GLY A 766 1.38 38.14 -32.18
C GLY A 766 0.25 38.00 -33.19
N SER A 767 0.47 38.36 -34.45
CA SER A 767 -0.54 38.23 -35.49
C SER A 767 -0.09 37.37 -36.64
N GLU A 768 1.16 37.49 -37.07
CA GLU A 768 1.70 36.67 -38.16
C GLU A 768 2.99 35.94 -37.80
N ILE A 769 3.72 36.39 -36.78
CA ILE A 769 4.98 35.76 -36.39
C ILE A 769 4.95 35.51 -34.89
N GLY A 770 5.77 34.54 -34.46
CA GLY A 770 5.86 34.22 -33.05
C GLY A 770 4.59 33.59 -32.50
N TRP A 771 4.41 33.77 -31.20
CA TRP A 771 3.22 33.27 -30.52
C TRP A 771 2.02 34.15 -30.89
N ILE A 772 1.01 33.55 -31.52
CA ILE A 772 -0.12 34.30 -32.05
C ILE A 772 -1.05 34.71 -30.90
N TYR A 773 -1.38 35.99 -30.83
CA TYR A 773 -2.16 36.51 -29.72
C TYR A 773 -3.62 36.06 -29.81
N GLY A 774 -4.35 36.28 -28.72
CA GLY A 774 -5.75 35.92 -28.64
C GLY A 774 -6.13 35.36 -27.28
N SER A 775 -7.42 35.25 -27.01
CA SER A 775 -7.93 34.68 -25.77
C SER A 775 -8.05 33.16 -25.84
N VAL A 776 -7.29 32.53 -26.72
CA VAL A 776 -7.35 31.10 -26.93
C VAL A 776 -6.19 30.47 -26.16
N THR A 777 -6.22 29.14 -26.01
CA THR A 777 -5.11 28.41 -25.42
C THR A 777 -3.80 28.72 -26.15
N GLU A 778 -3.90 29.10 -27.42
CA GLU A 778 -2.86 29.72 -28.23
C GLU A 778 -1.80 28.72 -28.70
N ASP A 779 -1.76 27.51 -28.13
CA ASP A 779 -0.77 26.56 -28.60
C ASP A 779 -1.22 25.81 -29.85
N ILE A 780 -2.50 25.86 -30.20
CA ILE A 780 -2.96 25.31 -31.46
C ILE A 780 -2.79 26.32 -32.59
N LEU A 781 -3.02 27.60 -32.28
CA LEU A 781 -2.98 28.63 -33.32
C LEU A 781 -1.60 28.79 -33.91
N THR A 782 -0.56 28.82 -33.07
CA THR A 782 0.80 29.01 -33.56
C THR A 782 1.23 27.84 -34.44
N GLY A 783 1.00 26.62 -33.98
CA GLY A 783 1.36 25.46 -34.77
C GLY A 783 0.59 25.38 -36.07
N PHE A 784 -0.70 25.73 -36.04
CA PHE A 784 -1.50 25.70 -37.26
C PHE A 784 -1.02 26.75 -38.25
N LYS A 785 -0.67 27.94 -37.77
CA LYS A 785 -0.16 28.97 -38.66
C LYS A 785 1.18 28.57 -39.26
N MET A 786 2.04 27.91 -38.46
CA MET A 786 3.29 27.40 -38.99
C MET A 786 3.04 26.34 -40.06
N HIS A 787 2.09 25.44 -39.81
CA HIS A 787 1.79 24.38 -40.77
C HIS A 787 1.19 24.92 -42.06
N ALA A 788 0.42 26.02 -41.97
CA ALA A 788 -0.21 26.59 -43.15
C ALA A 788 0.81 27.11 -44.16
N ARG A 789 2.06 27.31 -43.74
CA ARG A 789 3.11 27.76 -44.65
C ARG A 789 3.86 26.60 -45.29
N GLY A 790 3.51 25.37 -44.97
CA GLY A 790 4.18 24.21 -45.51
C GLY A 790 5.24 23.59 -44.63
N TRP A 791 5.36 24.05 -43.38
CA TRP A 791 6.35 23.49 -42.48
C TRP A 791 5.95 22.09 -42.03
N ARG A 792 6.96 21.30 -41.68
CA ARG A 792 6.78 19.94 -41.19
C ARG A 792 7.19 19.87 -39.72
N SER A 793 6.38 19.21 -38.91
CA SER A 793 6.68 19.05 -37.49
C SER A 793 6.98 17.59 -37.20
N ILE A 794 7.79 17.38 -36.16
CA ILE A 794 8.31 16.07 -35.81
C ILE A 794 7.81 15.68 -34.43
N TYR A 795 7.33 14.44 -34.31
CA TYR A 795 6.90 13.88 -33.03
C TYR A 795 7.97 12.90 -32.55
N CYS A 796 8.62 13.25 -31.45
CA CYS A 796 9.69 12.44 -30.88
C CYS A 796 9.18 11.73 -29.64
N MET A 797 9.37 10.42 -29.57
CA MET A 797 8.91 9.59 -28.46
C MET A 797 10.07 8.74 -27.95
N PRO A 798 10.92 9.31 -27.11
CA PRO A 798 12.00 8.51 -26.52
C PRO A 798 11.45 7.48 -25.55
N LYS A 799 12.22 6.41 -25.34
CA LYS A 799 11.80 5.36 -24.41
C LYS A 799 11.63 5.91 -23.01
N ARG A 800 12.59 6.70 -22.54
CA ARG A 800 12.45 7.43 -21.29
C ARG A 800 11.85 8.79 -21.57
N PRO A 801 10.77 9.18 -20.89
CA PRO A 801 10.14 10.48 -21.19
C PRO A 801 11.12 11.63 -21.02
N ALA A 802 11.06 12.58 -21.96
CA ALA A 802 11.99 13.71 -21.92
C ALA A 802 11.64 14.68 -20.80
N PHE A 803 10.36 15.00 -20.64
CA PHE A 803 9.90 15.94 -19.63
C PHE A 803 8.74 15.33 -18.86
N LYS A 804 8.66 15.67 -17.57
CA LYS A 804 7.60 15.20 -16.71
C LYS A 804 7.04 16.36 -15.90
N GLY A 805 5.74 16.29 -15.63
CA GLY A 805 5.06 17.34 -14.89
C GLY A 805 4.18 16.81 -13.77
N SER A 806 3.29 17.65 -13.26
CA SER A 806 2.37 17.29 -12.19
C SER A 806 0.94 17.45 -12.67
N ALA A 807 0.15 16.40 -12.51
CA ALA A 807 -1.25 16.42 -12.90
C ALA A 807 -2.09 17.13 -11.84
N PRO A 808 -3.24 17.69 -12.24
CA PRO A 808 -4.12 18.33 -11.25
C PRO A 808 -4.60 17.32 -10.21
N ILE A 809 -4.72 17.79 -8.98
CA ILE A 809 -5.07 16.91 -7.87
C ILE A 809 -6.59 16.75 -7.73
N ASN A 810 -7.33 17.85 -7.87
CA ASN A 810 -8.78 17.82 -7.72
C ASN A 810 -9.46 17.86 -9.08
N LEU A 811 -10.70 17.37 -9.12
CA LEU A 811 -11.48 17.36 -10.36
C LEU A 811 -11.85 18.77 -10.82
N SER A 812 -11.87 19.75 -9.91
CA SER A 812 -12.23 21.10 -10.29
C SER A 812 -11.23 21.67 -11.31
N ASP A 813 -9.94 21.46 -11.08
CA ASP A 813 -8.93 21.96 -12.01
C ASP A 813 -9.04 21.27 -13.36
N ARG A 814 -9.28 19.96 -13.37
CA ARG A 814 -9.43 19.24 -14.63
C ARG A 814 -10.63 19.74 -15.41
N LEU A 815 -11.77 19.92 -14.73
CA LEU A 815 -12.95 20.45 -15.40
C LEU A 815 -12.71 21.86 -15.92
N ASN A 816 -12.03 22.69 -15.13
CA ASN A 816 -11.75 24.06 -15.56
C ASN A 816 -10.84 24.08 -16.79
N GLN A 817 -9.83 23.22 -16.83
CA GLN A 817 -8.94 23.22 -17.98
C GLN A 817 -9.61 22.61 -19.21
N VAL A 818 -10.50 21.63 -19.02
CA VAL A 818 -11.27 21.12 -20.16
C VAL A 818 -12.18 22.20 -20.72
N LEU A 819 -12.83 22.95 -19.83
CA LEU A 819 -13.67 24.06 -20.27
C LEU A 819 -12.84 25.11 -20.99
N ARG A 820 -11.64 25.40 -20.50
CA ARG A 820 -10.76 26.35 -21.15
C ARG A 820 -10.37 25.87 -22.55
N TRP A 821 -10.03 24.59 -22.68
CA TRP A 821 -9.67 24.05 -24.00
C TRP A 821 -10.85 24.14 -24.96
N ALA A 822 -12.05 23.78 -24.51
CA ALA A 822 -13.21 23.82 -25.38
C ALA A 822 -13.57 25.26 -25.75
N LEU A 823 -13.43 26.20 -24.81
CA LEU A 823 -13.66 27.61 -25.11
C LEU A 823 -12.66 28.12 -26.13
N GLY A 824 -11.39 27.71 -26.01
CA GLY A 824 -10.41 28.09 -27.01
C GLY A 824 -10.73 27.52 -28.37
N SER A 825 -11.20 26.27 -28.41
CA SER A 825 -11.56 25.66 -29.68
C SER A 825 -12.73 26.39 -30.34
N VAL A 826 -13.76 26.70 -29.57
CA VAL A 826 -14.92 27.38 -30.15
C VAL A 826 -14.56 28.81 -30.55
N GLU A 827 -13.62 29.42 -29.83
CA GLU A 827 -13.12 30.74 -30.24
C GLU A 827 -12.36 30.65 -31.55
N ILE A 828 -11.57 29.58 -31.73
CA ILE A 828 -10.88 29.36 -33.00
C ILE A 828 -11.90 29.18 -34.12
N LEU A 829 -13.02 28.52 -33.82
CA LEU A 829 -14.03 28.28 -34.84
C LEU A 829 -14.57 29.58 -35.41
N PHE A 830 -14.92 30.53 -34.55
CA PHE A 830 -15.33 31.86 -34.98
C PHE A 830 -14.15 32.83 -34.93
N SER A 831 -13.21 32.60 -35.84
CA SER A 831 -12.05 33.46 -35.97
C SER A 831 -11.50 33.33 -37.38
N ARG A 832 -10.62 34.26 -37.75
CA ARG A 832 -10.03 34.25 -39.08
C ARG A 832 -9.16 33.03 -39.32
N HIS A 833 -8.53 32.49 -38.27
CA HIS A 833 -7.62 31.37 -38.39
C HIS A 833 -8.34 30.02 -38.30
N CYS A 834 -9.64 29.98 -38.59
CA CYS A 834 -10.36 28.72 -38.56
C CYS A 834 -9.95 27.85 -39.74
N PRO A 835 -9.67 26.56 -39.52
CA PRO A 835 -9.08 25.74 -40.58
C PRO A 835 -9.98 25.52 -41.78
N ILE A 836 -11.28 25.84 -41.69
CA ILE A 836 -12.20 25.51 -42.77
C ILE A 836 -11.84 26.27 -44.04
N TRP A 837 -11.57 27.58 -43.91
CA TRP A 837 -11.22 28.39 -45.07
C TRP A 837 -9.86 29.07 -44.97
N TYR A 838 -9.28 29.21 -43.80
CA TYR A 838 -7.98 29.85 -43.70
C TYR A 838 -6.90 28.95 -44.32
N GLY A 839 -5.99 29.57 -45.07
CA GLY A 839 -4.92 28.84 -45.70
C GLY A 839 -5.30 28.09 -46.95
N TYR A 840 -6.45 28.37 -47.53
CA TYR A 840 -6.87 27.69 -48.76
C TYR A 840 -5.92 28.04 -49.90
N GLY A 841 -5.53 27.01 -50.65
CA GLY A 841 -4.57 27.20 -51.73
C GLY A 841 -3.13 27.28 -51.29
N GLY A 842 -2.85 27.04 -50.02
CA GLY A 842 -1.49 27.09 -49.50
C GLY A 842 -0.79 25.76 -49.59
N ARG A 843 0.19 25.57 -48.71
CA ARG A 843 0.99 24.36 -48.67
C ARG A 843 0.61 23.44 -47.51
N LEU A 844 -0.65 23.45 -47.12
CA LEU A 844 -1.14 22.61 -46.04
C LEU A 844 -1.79 21.36 -46.64
N LYS A 845 -1.40 20.19 -46.11
CA LYS A 845 -1.96 18.94 -46.61
C LYS A 845 -3.45 18.85 -46.29
N TRP A 846 -4.21 18.26 -47.21
CA TRP A 846 -5.66 18.19 -47.04
C TRP A 846 -6.03 17.33 -45.83
N LEU A 847 -5.30 16.24 -45.60
CA LEU A 847 -5.56 15.42 -44.43
C LEU A 847 -5.22 16.16 -43.14
N GLU A 848 -4.16 16.96 -43.17
CA GLU A 848 -3.83 17.80 -42.02
C GLU A 848 -4.93 18.82 -41.75
N ARG A 849 -5.48 19.41 -42.82
CA ARG A 849 -6.61 20.32 -42.66
C ARG A 849 -7.83 19.60 -42.08
N PHE A 850 -8.06 18.36 -42.52
CA PHE A 850 -9.16 17.57 -41.96
C PHE A 850 -8.96 17.33 -40.47
N ALA A 851 -7.73 17.00 -40.07
CA ALA A 851 -7.44 16.78 -38.66
C ALA A 851 -7.60 18.07 -37.85
N TYR A 852 -7.21 19.20 -38.44
CA TYR A 852 -7.37 20.47 -37.74
C TYR A 852 -8.83 20.84 -37.57
N VAL A 853 -9.64 20.59 -38.60
CA VAL A 853 -11.09 20.80 -38.47
C VAL A 853 -11.66 19.87 -37.41
N ASN A 854 -11.15 18.64 -37.35
CA ASN A 854 -11.60 17.69 -36.34
C ASN A 854 -11.32 18.22 -34.93
N THR A 855 -10.09 18.66 -34.69
CA THR A 855 -9.72 19.15 -33.37
C THR A 855 -10.24 20.55 -33.08
N THR A 856 -10.83 21.23 -34.07
CA THR A 856 -11.38 22.55 -33.86
C THR A 856 -12.87 22.54 -33.57
N ILE A 857 -13.67 21.83 -34.36
CA ILE A 857 -15.12 21.88 -34.27
C ILE A 857 -15.67 20.76 -33.38
N TYR A 858 -14.81 20.11 -32.61
CA TYR A 858 -15.26 19.00 -31.76
C TYR A 858 -16.32 19.38 -30.73
N PRO A 859 -16.20 20.47 -29.96
CA PRO A 859 -17.20 20.68 -28.88
C PRO A 859 -18.60 20.95 -29.39
N VAL A 860 -18.76 21.33 -30.67
CA VAL A 860 -20.09 21.47 -31.25
C VAL A 860 -20.86 20.16 -31.16
N THR A 861 -20.15 19.03 -31.30
CA THR A 861 -20.75 17.71 -31.13
C THR A 861 -21.50 17.58 -29.81
N ALA A 862 -21.20 18.43 -28.82
CA ALA A 862 -21.90 18.38 -27.55
C ALA A 862 -23.39 18.60 -27.71
N ILE A 863 -23.80 19.45 -28.65
CA ILE A 863 -25.22 19.81 -28.76
C ILE A 863 -26.08 18.60 -29.12
N PRO A 864 -25.76 17.79 -30.13
CA PRO A 864 -26.59 16.59 -30.36
C PRO A 864 -26.48 15.56 -29.26
N LEU A 865 -25.27 15.36 -28.70
CA LEU A 865 -25.07 14.35 -27.67
C LEU A 865 -26.05 14.54 -26.51
N LEU A 866 -26.12 15.75 -25.96
CA LEU A 866 -27.09 16.05 -24.91
C LEU A 866 -28.49 15.63 -25.34
N ILE A 867 -28.90 16.01 -26.55
CA ILE A 867 -30.21 15.63 -27.06
C ILE A 867 -30.36 14.11 -27.04
N TYR A 868 -29.34 13.40 -27.56
CA TYR A 868 -29.40 11.95 -27.54
C TYR A 868 -29.45 11.42 -26.11
N CYS A 869 -28.73 12.07 -25.20
CA CYS A 869 -28.78 11.65 -23.80
C CYS A 869 -30.16 11.89 -23.20
N ILE A 870 -30.91 12.84 -23.75
CA ILE A 870 -32.29 13.04 -23.33
C ILE A 870 -33.22 12.02 -23.97
N LEU A 871 -32.80 11.40 -25.07
CA LEU A 871 -33.68 10.52 -25.84
C LEU A 871 -34.23 9.34 -25.03
N PRO A 872 -33.43 8.61 -24.23
CA PRO A 872 -34.01 7.46 -23.51
C PRO A 872 -35.12 7.85 -22.54
N ALA A 873 -34.91 8.88 -21.72
CA ALA A 873 -35.85 9.22 -20.66
C ALA A 873 -37.25 9.45 -21.22
N VAL A 874 -37.36 10.33 -22.21
CA VAL A 874 -38.66 10.54 -22.87
C VAL A 874 -39.16 9.24 -23.45
N CYS A 875 -38.28 8.49 -24.12
CA CYS A 875 -38.65 7.19 -24.65
C CYS A 875 -39.21 6.29 -23.56
N LEU A 876 -38.69 6.41 -22.34
CA LEU A 876 -39.23 5.65 -21.22
C LEU A 876 -40.55 6.24 -20.73
N LEU A 877 -40.65 7.57 -20.68
CA LEU A 877 -41.86 8.19 -20.17
C LEU A 877 -42.99 8.17 -21.19
N THR A 878 -42.69 8.41 -22.46
CA THR A 878 -43.71 8.42 -23.50
C THR A 878 -44.18 7.01 -23.85
N ASN A 879 -43.38 5.99 -23.51
CA ASN A 879 -43.70 4.59 -23.76
C ASN A 879 -43.68 4.26 -25.26
N LYS A 880 -42.72 4.83 -25.97
CA LYS A 880 -42.45 4.48 -27.36
C LYS A 880 -40.94 4.42 -27.57
N PHE A 881 -40.51 3.48 -28.40
CA PHE A 881 -39.09 3.26 -28.66
C PHE A 881 -38.68 3.98 -29.94
N ILE A 882 -37.39 4.31 -30.00
CA ILE A 882 -36.88 5.13 -31.10
C ILE A 882 -36.93 4.35 -32.42
N ILE A 883 -36.59 3.06 -32.38
CA ILE A 883 -36.55 2.24 -33.59
C ILE A 883 -37.93 1.68 -33.86
N PRO A 884 -38.23 1.26 -35.09
CA PRO A 884 -39.53 0.60 -35.36
C PRO A 884 -39.61 -0.79 -34.77
N GLN A 885 -40.66 -1.54 -35.12
CA GLN A 885 -40.81 -2.90 -34.62
C GLN A 885 -39.58 -3.72 -34.98
N ILE A 886 -39.10 -4.51 -34.01
CA ILE A 886 -37.86 -5.26 -34.18
C ILE A 886 -38.00 -6.23 -35.33
N SER A 887 -36.96 -6.31 -36.15
CA SER A 887 -36.91 -7.19 -37.31
C SER A 887 -35.57 -7.90 -37.39
N ASN A 888 -35.59 -9.15 -37.84
CA ASN A 888 -34.35 -9.90 -38.01
C ASN A 888 -33.45 -9.25 -39.05
N LEU A 889 -34.05 -8.82 -40.17
CA LEU A 889 -33.30 -8.13 -41.21
C LEU A 889 -32.60 -6.88 -40.69
N ALA A 890 -33.13 -6.27 -39.63
CA ALA A 890 -32.50 -5.14 -38.96
C ALA A 890 -31.59 -5.57 -37.82
N SER A 891 -31.99 -6.59 -37.06
CA SER A 891 -31.20 -7.02 -35.92
C SER A 891 -29.84 -7.54 -36.36
N ILE A 892 -29.76 -8.14 -37.54
CA ILE A 892 -28.46 -8.58 -38.04
C ILE A 892 -27.52 -7.39 -38.22
N TRP A 893 -28.03 -6.30 -38.79
CA TRP A 893 -27.21 -5.10 -38.95
C TRP A 893 -26.85 -4.48 -37.61
N PHE A 894 -27.80 -4.44 -36.67
CA PHE A 894 -27.50 -3.91 -35.35
C PHE A 894 -26.37 -4.67 -34.67
N ILE A 895 -26.50 -6.00 -34.60
CA ILE A 895 -25.51 -6.83 -33.92
C ILE A 895 -24.16 -6.75 -34.63
N SER A 896 -24.17 -6.80 -35.96
CA SER A 896 -22.92 -6.73 -36.71
C SER A 896 -22.25 -5.37 -36.55
N LEU A 897 -23.03 -4.29 -36.46
CA LEU A 897 -22.47 -2.97 -36.21
C LEU A 897 -21.82 -2.90 -34.83
N PHE A 898 -22.49 -3.44 -33.82
CA PHE A 898 -21.91 -3.44 -32.48
C PHE A 898 -20.62 -4.26 -32.45
N LEU A 899 -20.62 -5.41 -33.12
CA LEU A 899 -19.40 -6.23 -33.18
C LEU A 899 -18.29 -5.51 -33.94
N SER A 900 -18.63 -4.77 -34.99
CA SER A 900 -17.61 -4.01 -35.72
C SER A 900 -17.01 -2.93 -34.83
N ILE A 901 -17.84 -2.25 -34.03
CA ILE A 901 -17.33 -1.26 -33.10
C ILE A 901 -16.38 -1.89 -32.10
N PHE A 902 -16.77 -3.05 -31.55
CA PHE A 902 -15.91 -3.73 -30.58
C PHE A 902 -14.60 -4.16 -31.24
N ALA A 903 -14.66 -4.65 -32.48
CA ALA A 903 -13.46 -5.13 -33.16
C ALA A 903 -12.51 -3.98 -33.48
N THR A 904 -13.04 -2.84 -33.93
CA THR A 904 -12.15 -1.72 -34.23
C THR A 904 -11.55 -1.15 -32.95
N GLY A 905 -12.30 -1.17 -31.85
CA GLY A 905 -11.72 -0.82 -30.56
C GLY A 905 -10.59 -1.75 -30.17
N ILE A 906 -10.79 -3.05 -30.36
CA ILE A 906 -9.77 -4.03 -30.02
C ILE A 906 -8.51 -3.82 -30.85
N LEU A 907 -8.68 -3.55 -32.15
CA LEU A 907 -7.52 -3.37 -33.02
C LEU A 907 -6.79 -2.05 -32.72
N GLU A 908 -7.55 -0.99 -32.44
CA GLU A 908 -6.92 0.27 -32.03
C GLU A 908 -6.15 0.08 -30.73
N MET A 909 -6.65 -0.78 -29.85
CA MET A 909 -5.90 -1.17 -28.67
C MET A 909 -4.61 -1.89 -29.06
N ARG A 910 -4.70 -2.89 -29.93
CA ARG A 910 -3.59 -3.80 -30.15
C ARG A 910 -2.43 -3.13 -30.88
N TRP A 911 -2.72 -2.20 -31.79
CA TRP A 911 -1.63 -1.55 -32.51
C TRP A 911 -0.96 -0.44 -31.70
N SER A 912 -1.59 0.06 -30.64
CA SER A 912 -1.03 1.14 -29.84
C SER A 912 -0.67 0.73 -28.42
N GLY A 913 -1.25 -0.35 -27.90
CA GLY A 913 -0.96 -0.75 -26.53
C GLY A 913 -1.57 0.14 -25.48
N VAL A 914 -2.66 0.83 -25.80
CA VAL A 914 -3.28 1.74 -24.84
C VAL A 914 -3.90 0.97 -23.68
N GLY A 915 -4.64 -0.08 -23.99
CA GLY A 915 -5.27 -0.89 -22.96
C GLY A 915 -6.77 -0.68 -22.91
N ILE A 916 -7.48 -1.72 -22.46
CA ILE A 916 -8.94 -1.65 -22.40
C ILE A 916 -9.38 -0.65 -21.33
N ASP A 917 -8.67 -0.61 -20.21
CA ASP A 917 -9.03 0.32 -19.14
C ASP A 917 -8.98 1.75 -19.63
N GLU A 918 -7.86 2.16 -20.24
CA GLU A 918 -7.71 3.54 -20.66
C GLU A 918 -8.63 3.87 -21.84
N TRP A 919 -8.85 2.91 -22.74
CA TRP A 919 -9.75 3.14 -23.86
C TRP A 919 -11.18 3.38 -23.40
N TRP A 920 -11.66 2.53 -22.49
CA TRP A 920 -13.01 2.70 -21.96
C TRP A 920 -13.11 3.99 -21.14
N ARG A 921 -12.07 4.31 -20.37
CA ARG A 921 -12.05 5.57 -19.64
C ARG A 921 -12.13 6.76 -20.59
N ASN A 922 -11.40 6.69 -21.71
CA ASN A 922 -11.45 7.78 -22.68
C ASN A 922 -12.82 7.90 -23.31
N GLU A 923 -13.47 6.78 -23.61
CA GLU A 923 -14.80 6.83 -24.19
C GLU A 923 -15.80 7.48 -23.24
N GLN A 924 -15.85 6.98 -22.00
CA GLN A 924 -16.78 7.56 -21.03
C GLN A 924 -16.40 9.00 -20.71
N PHE A 925 -15.11 9.34 -20.81
CA PHE A 925 -14.69 10.71 -20.53
C PHE A 925 -15.07 11.64 -21.67
N TRP A 926 -15.02 11.17 -22.91
CA TRP A 926 -15.57 11.94 -24.02
C TRP A 926 -17.06 12.18 -23.81
N VAL A 927 -17.78 11.16 -23.33
CA VAL A 927 -19.21 11.35 -23.06
C VAL A 927 -19.42 12.42 -21.99
N ILE A 928 -18.72 12.28 -20.86
CA ILE A 928 -18.93 13.21 -19.74
C ILE A 928 -18.51 14.62 -20.14
N GLY A 929 -17.43 14.75 -20.91
CA GLY A 929 -17.01 16.05 -21.37
C GLY A 929 -18.03 16.70 -22.28
N GLY A 930 -18.54 15.95 -23.26
CA GLY A 930 -19.55 16.50 -24.16
C GLY A 930 -20.80 16.94 -23.45
N VAL A 931 -21.21 16.19 -22.42
CA VAL A 931 -22.44 16.56 -21.71
C VAL A 931 -22.22 17.60 -20.62
N SER A 932 -20.99 17.73 -20.11
CA SER A 932 -20.72 18.62 -18.97
C SER A 932 -20.04 19.92 -19.39
N ALA A 933 -18.86 19.83 -19.97
CA ALA A 933 -18.03 21.01 -20.18
C ALA A 933 -18.13 21.54 -21.60
N HIS A 934 -18.22 20.64 -22.57
CA HIS A 934 -18.35 21.07 -23.96
C HIS A 934 -19.64 21.84 -24.17
N LEU A 935 -20.72 21.41 -23.51
CA LEU A 935 -22.00 22.11 -23.62
C LEU A 935 -21.91 23.54 -23.10
N PHE A 936 -21.35 23.69 -21.89
CA PHE A 936 -21.19 25.03 -21.32
C PHE A 936 -20.26 25.89 -22.17
N ALA A 937 -19.19 25.31 -22.70
CA ALA A 937 -18.27 26.07 -23.53
C ALA A 937 -18.94 26.53 -24.82
N VAL A 938 -19.75 25.66 -25.43
CA VAL A 938 -20.47 26.04 -26.64
C VAL A 938 -21.47 27.14 -26.35
N PHE A 939 -22.20 27.03 -25.22
CA PHE A 939 -23.13 28.08 -24.84
C PHE A 939 -22.42 29.41 -24.65
N GLN A 940 -21.30 29.40 -23.92
CA GLN A 940 -20.57 30.63 -23.65
C GLN A 940 -20.00 31.22 -24.94
N GLY A 941 -19.49 30.37 -25.84
CA GLY A 941 -18.96 30.86 -27.09
C GLY A 941 -20.03 31.46 -27.98
N LEU A 942 -21.20 30.82 -28.04
CA LEU A 942 -22.31 31.37 -28.81
C LEU A 942 -22.77 32.70 -28.23
N LEU A 943 -22.82 32.81 -26.89
CA LEU A 943 -23.19 34.07 -26.27
C LEU A 943 -22.16 35.15 -26.57
N LYS A 944 -20.87 34.80 -26.53
CA LYS A 944 -19.82 35.77 -26.83
C LYS A 944 -19.87 36.23 -28.28
N VAL A 945 -20.09 35.30 -29.20
CA VAL A 945 -20.16 35.67 -30.62
C VAL A 945 -21.38 36.55 -30.88
N LEU A 946 -22.54 36.16 -30.33
CA LEU A 946 -23.75 36.95 -30.52
C LEU A 946 -23.68 38.27 -29.76
N ALA A 947 -23.03 38.29 -28.60
CA ALA A 947 -22.91 39.51 -27.81
C ALA A 947 -21.44 39.88 -27.61
N THR A 975 -19.77 22.96 -8.53
CA THR A 975 -19.66 23.93 -9.62
C THR A 975 -20.79 23.70 -10.63
N THR A 976 -21.13 24.74 -11.39
CA THR A 976 -22.21 24.64 -12.36
C THR A 976 -21.88 23.64 -13.46
N LEU A 977 -20.59 23.44 -13.76
CA LEU A 977 -20.20 22.54 -14.84
C LEU A 977 -20.67 21.11 -14.58
N LEU A 978 -20.87 20.75 -13.32
CA LEU A 978 -21.34 19.42 -12.96
C LEU A 978 -22.85 19.33 -12.80
N ILE A 979 -23.58 20.44 -13.00
CA ILE A 979 -25.00 20.47 -12.70
C ILE A 979 -25.83 19.80 -13.80
N PRO A 980 -25.64 20.09 -15.09
CA PRO A 980 -26.47 19.43 -16.12
C PRO A 980 -26.36 17.92 -16.04
N PRO A 981 -25.17 17.31 -16.22
CA PRO A 981 -25.14 15.86 -16.42
C PRO A 981 -25.67 15.09 -15.22
N THR A 982 -25.28 15.50 -14.01
CA THR A 982 -25.90 14.95 -12.80
C THR A 982 -27.41 14.90 -12.95
N THR A 983 -28.03 16.07 -13.18
CA THR A 983 -29.46 16.12 -13.41
C THR A 983 -29.86 15.14 -14.50
N LEU A 984 -29.18 15.18 -15.65
CA LEU A 984 -29.45 14.24 -16.72
C LEU A 984 -29.39 12.81 -16.20
N LEU A 985 -28.28 12.47 -15.54
CA LEU A 985 -28.17 11.13 -14.94
C LEU A 985 -29.35 10.86 -14.04
N ILE A 986 -29.65 11.78 -13.11
CA ILE A 986 -30.78 11.59 -12.22
C ILE A 986 -32.05 11.37 -13.03
N ILE A 987 -32.26 12.20 -14.06
CA ILE A 987 -33.44 12.04 -14.90
C ILE A 987 -33.50 10.63 -15.43
N ASN A 988 -32.41 10.15 -16.03
CA ASN A 988 -32.37 8.79 -16.53
C ASN A 988 -32.75 7.80 -15.44
N LEU A 989 -32.13 7.94 -14.27
CA LEU A 989 -32.46 7.05 -13.16
C LEU A 989 -33.95 7.10 -12.86
N VAL A 990 -34.50 8.31 -12.76
CA VAL A 990 -35.94 8.43 -12.51
C VAL A 990 -36.72 7.70 -13.59
N GLY A 991 -36.36 7.94 -14.85
CA GLY A 991 -37.06 7.27 -15.92
C GLY A 991 -37.03 5.76 -15.76
N VAL A 992 -35.87 5.22 -15.37
CA VAL A 992 -35.75 3.78 -15.20
C VAL A 992 -36.82 3.28 -14.24
N VAL A 993 -36.96 3.95 -13.09
CA VAL A 993 -37.98 3.54 -12.13
C VAL A 993 -39.35 3.57 -12.80
N ALA A 994 -39.67 4.67 -13.47
CA ALA A 994 -40.96 4.77 -14.15
C ALA A 994 -41.16 3.62 -15.11
N GLY A 995 -40.10 3.22 -15.81
CA GLY A 995 -40.23 2.14 -16.78
C GLY A 995 -40.80 0.89 -16.15
N ILE A 996 -40.18 0.44 -15.05
CA ILE A 996 -40.64 -0.80 -14.44
C ILE A 996 -42.08 -0.65 -13.96
N SER A 997 -42.48 0.56 -13.58
CA SER A 997 -43.86 0.77 -13.16
C SER A 997 -44.83 0.40 -14.28
N TYR A 998 -44.53 0.83 -15.51
CA TYR A 998 -45.40 0.49 -16.62
C TYR A 998 -45.48 -1.03 -16.80
N ALA A 999 -44.36 -1.72 -16.54
CA ALA A 999 -44.39 -3.18 -16.61
C ALA A 999 -45.45 -3.74 -15.67
N ILE A 1000 -45.49 -3.25 -14.43
CA ILE A 1000 -46.45 -3.73 -13.46
C ILE A 1000 -47.87 -3.54 -13.98
N ASN A 1001 -48.08 -2.50 -14.78
CA ASN A 1001 -49.41 -2.24 -15.33
C ASN A 1001 -49.73 -3.17 -16.49
N SER A 1002 -48.74 -3.48 -17.33
CA SER A 1002 -49.06 -3.97 -18.66
C SER A 1002 -48.81 -5.47 -18.80
N GLY A 1003 -48.22 -6.10 -17.78
CA GLY A 1003 -48.08 -7.54 -17.80
C GLY A 1003 -47.33 -8.07 -19.01
N TYR A 1004 -48.07 -8.61 -19.98
CA TYR A 1004 -47.52 -9.22 -21.19
C TYR A 1004 -46.53 -8.29 -21.90
N GLN A 1005 -46.64 -6.99 -21.64
CA GLN A 1005 -45.73 -6.02 -22.25
C GLN A 1005 -44.64 -5.59 -21.27
N SER A 1006 -44.20 -6.51 -20.42
CA SER A 1006 -43.09 -6.22 -19.53
C SER A 1006 -41.76 -6.52 -20.19
N TRP A 1007 -41.68 -7.62 -20.93
CA TRP A 1007 -40.50 -7.92 -21.73
C TRP A 1007 -40.55 -7.20 -23.07
N GLY A 1008 -39.60 -7.50 -23.96
CA GLY A 1008 -39.60 -6.96 -25.29
C GLY A 1008 -39.22 -5.49 -25.37
N PRO A 1009 -40.18 -4.64 -25.77
CA PRO A 1009 -39.86 -3.22 -25.94
C PRO A 1009 -39.34 -2.56 -24.68
N LEU A 1010 -39.90 -2.91 -23.53
CA LEU A 1010 -39.41 -2.35 -22.27
C LEU A 1010 -37.99 -2.81 -21.99
N PHE A 1011 -37.67 -4.05 -22.35
CA PHE A 1011 -36.30 -4.53 -22.21
C PHE A 1011 -35.34 -3.76 -23.10
N GLY A 1012 -35.76 -3.44 -24.32
CA GLY A 1012 -34.94 -2.60 -25.18
C GLY A 1012 -34.72 -1.22 -24.60
N LYS A 1013 -35.78 -0.62 -24.06
CA LYS A 1013 -35.65 0.69 -23.42
C LYS A 1013 -34.72 0.63 -22.22
N LEU A 1014 -34.83 -0.42 -21.40
CA LEU A 1014 -33.94 -0.58 -20.26
C LEU A 1014 -32.50 -0.77 -20.72
N PHE A 1015 -32.29 -1.51 -21.81
CA PHE A 1015 -30.93 -1.67 -22.35
C PHE A 1015 -30.36 -0.34 -22.77
N PHE A 1016 -31.16 0.48 -23.45
CA PHE A 1016 -30.70 1.80 -23.88
C PHE A 1016 -30.37 2.68 -22.68
N ALA A 1017 -31.25 2.67 -21.67
CA ALA A 1017 -31.02 3.46 -20.47
C ALA A 1017 -29.77 3.01 -19.73
N PHE A 1018 -29.57 1.68 -19.64
CA PHE A 1018 -28.38 1.14 -19.00
C PHE A 1018 -27.12 1.55 -19.75
N TRP A 1019 -27.17 1.52 -21.08
CA TRP A 1019 -26.04 1.98 -21.88
C TRP A 1019 -25.71 3.43 -21.56
N VAL A 1020 -26.74 4.30 -21.51
CA VAL A 1020 -26.51 5.71 -21.23
C VAL A 1020 -25.93 5.91 -19.84
N ILE A 1021 -26.50 5.24 -18.83
CA ILE A 1021 -26.05 5.49 -17.47
C ILE A 1021 -24.66 4.90 -17.24
N ILE A 1022 -24.33 3.82 -17.94
CA ILE A 1022 -22.99 3.24 -17.79
C ILE A 1022 -21.96 4.09 -18.52
N HIS A 1023 -22.37 4.82 -19.57
CA HIS A 1023 -21.50 5.86 -20.11
C HIS A 1023 -21.35 7.01 -19.12
N LEU A 1024 -22.40 7.33 -18.39
CA LEU A 1024 -22.40 8.40 -17.40
C LEU A 1024 -21.91 7.94 -16.03
N TYR A 1025 -21.41 6.71 -15.93
CA TYR A 1025 -21.00 6.17 -14.63
C TYR A 1025 -19.87 6.95 -13.96
N PRO A 1026 -18.77 7.30 -14.64
CA PRO A 1026 -17.70 8.03 -13.94
C PRO A 1026 -18.18 9.36 -13.41
N PHE A 1027 -17.71 9.71 -12.22
CA PHE A 1027 -18.10 10.93 -11.48
C PHE A 1027 -19.62 10.95 -11.27
N LEU A 1028 -20.30 12.04 -11.61
CA LEU A 1028 -21.71 12.26 -11.28
C LEU A 1028 -22.08 11.75 -9.89
N GLU B 252 -12.14 48.15 27.57
CA GLU B 252 -11.42 47.85 26.34
C GLU B 252 -10.96 46.40 26.31
N ALA B 253 -10.23 45.99 27.35
CA ALA B 253 -9.76 44.61 27.47
C ALA B 253 -10.84 43.73 28.08
N ARG B 254 -11.99 43.69 27.40
CA ARG B 254 -13.15 42.94 27.85
C ARG B 254 -13.56 41.84 26.87
N GLN B 255 -12.83 41.67 25.78
CA GLN B 255 -13.17 40.63 24.81
C GLN B 255 -12.99 39.26 25.45
N PRO B 256 -14.00 38.38 25.36
CA PRO B 256 -13.86 37.06 25.98
C PRO B 256 -12.76 36.24 25.33
N LEU B 257 -12.09 35.43 26.15
CA LEU B 257 -11.02 34.56 25.65
C LEU B 257 -11.56 33.43 24.79
N SER B 258 -12.85 33.17 24.81
CA SER B 258 -13.46 32.12 24.00
C SER B 258 -14.88 32.52 23.65
N ARG B 259 -15.40 31.91 22.60
CA ARG B 259 -16.74 32.23 22.11
C ARG B 259 -17.50 30.94 21.82
N LYS B 260 -18.75 30.90 22.25
CA LYS B 260 -19.65 29.79 21.95
C LYS B 260 -20.38 30.10 20.66
N VAL B 261 -20.04 29.37 19.60
CA VAL B 261 -20.63 29.57 18.28
C VAL B 261 -21.83 28.64 18.15
N SER B 262 -23.00 29.23 17.98
CA SER B 262 -24.19 28.44 17.68
C SER B 262 -24.13 27.96 16.24
N ILE B 263 -24.55 26.72 16.02
CA ILE B 263 -24.56 26.17 14.66
C ILE B 263 -25.50 27.01 13.80
N PRO B 264 -25.06 27.46 12.62
CA PRO B 264 -25.87 28.44 11.87
C PRO B 264 -27.22 27.87 11.45
N SER B 265 -28.19 28.76 11.31
CA SER B 265 -29.57 28.38 11.04
C SER B 265 -29.77 28.00 9.58
N SER B 266 -28.96 27.07 9.09
CA SER B 266 -29.11 26.50 7.76
C SER B 266 -29.05 24.98 7.74
N ARG B 267 -28.49 24.35 8.77
CA ARG B 267 -28.43 22.90 8.89
C ARG B 267 -29.14 22.38 10.14
N ILE B 268 -29.03 23.09 11.26
CA ILE B 268 -29.63 22.62 12.50
C ILE B 268 -31.16 22.76 12.44
N ASN B 269 -31.66 23.83 11.81
CA ASN B 269 -33.11 23.99 11.71
C ASN B 269 -33.76 22.92 10.85
N PRO B 270 -33.25 22.58 9.65
CA PRO B 270 -33.82 21.42 8.94
C PRO B 270 -33.72 20.15 9.75
N TYR B 271 -32.64 19.98 10.51
CA TYR B 271 -32.48 18.81 11.36
C TYR B 271 -33.59 18.73 12.40
N ARG B 272 -33.88 19.85 13.08
CA ARG B 272 -34.94 19.86 14.08
C ARG B 272 -36.30 19.64 13.43
N MET B 273 -36.54 20.23 12.26
CA MET B 273 -37.81 20.02 11.58
C MET B 273 -38.00 18.55 11.20
N VAL B 274 -36.92 17.90 10.75
CA VAL B 274 -37.00 16.50 10.38
C VAL B 274 -37.20 15.63 11.60
N ILE B 275 -36.59 15.99 12.73
CA ILE B 275 -36.84 15.25 13.98
C ILE B 275 -38.31 15.36 14.38
N MET B 276 -38.88 16.57 14.27
CA MET B 276 -40.29 16.74 14.61
C MET B 276 -41.18 15.93 13.68
N LEU B 277 -40.88 15.95 12.38
CA LEU B 277 -41.64 15.15 11.43
C LEU B 277 -41.53 13.67 11.74
N ARG B 278 -40.33 13.21 12.12
CA ARG B 278 -40.14 11.80 12.44
C ARG B 278 -40.88 11.42 13.72
N LEU B 279 -40.93 12.33 14.68
CA LEU B 279 -41.72 12.09 15.89
C LEU B 279 -43.20 11.94 15.54
N VAL B 280 -43.72 12.84 14.70
CA VAL B 280 -45.13 12.78 14.32
C VAL B 280 -45.42 11.49 13.57
N ILE B 281 -44.54 11.11 12.65
CA ILE B 281 -44.78 9.91 11.84
C ILE B 281 -44.63 8.65 12.68
N LEU B 282 -43.73 8.67 13.67
CA LEU B 282 -43.63 7.57 14.62
C LEU B 282 -44.92 7.42 15.41
N CYS B 283 -45.47 8.54 15.88
CA CYS B 283 -46.74 8.47 16.60
C CYS B 283 -47.85 7.92 15.73
N ILE B 284 -47.93 8.37 14.47
CA ILE B 284 -48.97 7.90 13.57
C ILE B 284 -48.81 6.41 13.28
N PHE B 285 -47.57 5.98 13.01
CA PHE B 285 -47.31 4.58 12.72
C PHE B 285 -47.63 3.69 13.91
N LEU B 286 -47.27 4.13 15.12
CA LEU B 286 -47.56 3.32 16.29
C LEU B 286 -49.05 3.28 16.58
N HIS B 287 -49.75 4.39 16.33
CA HIS B 287 -51.20 4.39 16.45
C HIS B 287 -51.83 3.39 15.49
N TYR B 288 -51.32 3.33 14.26
CA TYR B 288 -51.80 2.31 13.33
C TYR B 288 -51.48 0.91 13.83
N ARG B 289 -50.26 0.71 14.34
CA ARG B 289 -49.85 -0.63 14.77
C ARG B 289 -50.66 -1.13 15.94
N ILE B 290 -51.07 -0.23 16.84
CA ILE B 290 -51.96 -0.63 17.93
C ILE B 290 -53.28 -1.13 17.38
N THR B 291 -53.82 -0.45 16.37
CA THR B 291 -55.02 -0.90 15.69
C THR B 291 -54.65 -1.96 14.65
N ASN B 292 -55.66 -2.45 13.93
CA ASN B 292 -55.51 -3.47 12.91
C ASN B 292 -54.63 -4.63 13.37
N PRO B 293 -55.09 -5.45 14.30
CA PRO B 293 -54.27 -6.57 14.77
C PRO B 293 -54.08 -7.62 13.68
N VAL B 294 -53.08 -8.47 13.90
CA VAL B 294 -52.85 -9.65 13.08
C VAL B 294 -54.04 -10.58 13.31
N PRO B 295 -54.37 -11.51 12.39
CA PRO B 295 -55.50 -12.43 12.64
C PRO B 295 -55.50 -13.07 14.02
N ASN B 296 -56.70 -13.48 14.45
CA ASN B 296 -56.94 -13.82 15.85
C ASN B 296 -56.09 -15.02 16.29
N ALA B 297 -55.87 -15.11 17.61
CA ALA B 297 -55.16 -16.20 18.26
C ALA B 297 -53.69 -16.28 17.87
N TYR B 298 -53.08 -15.14 17.53
CA TYR B 298 -51.66 -15.09 17.20
C TYR B 298 -50.93 -14.26 18.25
N PRO B 299 -50.19 -14.89 19.18
CA PRO B 299 -49.41 -14.11 20.16
C PRO B 299 -48.17 -13.47 19.57
N LEU B 300 -47.89 -13.67 18.28
CA LEU B 300 -46.71 -13.12 17.63
C LEU B 300 -46.77 -11.61 17.48
N TRP B 301 -47.96 -11.00 17.61
CA TRP B 301 -48.14 -9.58 17.36
C TRP B 301 -47.95 -8.74 18.63
N LEU B 302 -48.37 -9.25 19.79
CA LEU B 302 -48.25 -8.48 21.03
C LEU B 302 -46.78 -8.21 21.36
N VAL B 303 -45.93 -9.23 21.22
CA VAL B 303 -44.50 -9.05 21.47
C VAL B 303 -43.92 -8.04 20.49
N SER B 304 -44.33 -8.11 19.23
CA SER B 304 -43.82 -7.19 18.22
C SER B 304 -44.18 -5.75 18.55
N VAL B 305 -45.44 -5.50 18.92
CA VAL B 305 -45.85 -4.12 19.19
C VAL B 305 -45.22 -3.63 20.50
N ILE B 306 -45.01 -4.53 21.46
CA ILE B 306 -44.32 -4.14 22.69
C ILE B 306 -42.89 -3.72 22.39
N CYS B 307 -42.20 -4.50 21.55
CA CYS B 307 -40.84 -4.15 21.17
C CYS B 307 -40.80 -2.86 20.38
N GLU B 308 -41.79 -2.64 19.50
CA GLU B 308 -41.85 -1.39 18.75
C GLU B 308 -42.07 -0.20 19.67
N ILE B 309 -42.93 -0.36 20.68
CA ILE B 309 -43.14 0.71 21.65
C ILE B 309 -41.85 1.02 22.39
N TRP B 310 -41.14 -0.02 22.83
CA TRP B 310 -39.90 0.21 23.55
C TRP B 310 -38.86 0.89 22.66
N PHE B 311 -38.79 0.48 21.39
CA PHE B 311 -37.84 1.09 20.46
C PHE B 311 -38.17 2.56 20.24
N ALA B 312 -39.46 2.89 20.11
CA ALA B 312 -39.85 4.29 19.95
C ALA B 312 -39.49 5.11 21.17
N ILE B 313 -39.75 4.57 22.38
CA ILE B 313 -39.41 5.29 23.60
C ILE B 313 -37.90 5.49 23.70
N SER B 314 -37.12 4.45 23.38
CA SER B 314 -35.67 4.57 23.45
C SER B 314 -35.15 5.59 22.44
N TRP B 315 -35.71 5.60 21.24
CA TRP B 315 -35.29 6.58 20.25
C TRP B 315 -35.63 8.00 20.68
N ILE B 316 -36.81 8.20 21.26
CA ILE B 316 -37.18 9.53 21.75
C ILE B 316 -36.22 9.97 22.84
N LEU B 317 -35.92 9.06 23.78
CA LEU B 317 -35.02 9.38 24.88
C LEU B 317 -33.62 9.68 24.40
N ASP B 318 -33.18 9.00 23.33
CA ASP B 318 -31.84 9.26 22.77
C ASP B 318 -31.80 10.54 21.96
N GLN B 319 -32.88 10.85 21.23
CA GLN B 319 -32.89 11.99 20.32
C GLN B 319 -33.15 13.31 21.04
N PHE B 320 -33.83 13.28 22.18
CA PHE B 320 -34.13 14.52 22.89
C PHE B 320 -32.89 15.33 23.25
N PRO B 321 -31.79 14.75 23.82
CA PRO B 321 -30.60 15.57 24.13
C PRO B 321 -29.69 15.81 22.93
N LYS B 322 -30.29 16.21 21.81
CA LYS B 322 -29.53 16.56 20.62
C LYS B 322 -30.11 17.79 19.93
N TRP B 323 -30.80 18.65 20.67
CA TRP B 323 -31.52 19.77 20.08
C TRP B 323 -30.69 21.03 19.93
N LEU B 324 -29.68 21.23 20.77
CA LEU B 324 -28.88 22.46 20.77
C LEU B 324 -27.40 22.13 20.75
N PRO B 325 -26.87 21.70 19.61
CA PRO B 325 -25.41 21.54 19.49
C PRO B 325 -24.74 22.87 19.26
N VAL B 326 -23.63 23.09 19.95
CA VAL B 326 -22.84 24.31 19.84
C VAL B 326 -21.38 23.94 19.67
N ASN B 327 -20.60 24.84 19.09
CA ASN B 327 -19.16 24.71 19.01
C ASN B 327 -18.51 25.79 19.86
N ARG B 328 -17.21 25.64 20.09
CA ARG B 328 -16.45 26.60 20.89
C ARG B 328 -15.16 26.97 20.17
N GLU B 329 -14.87 28.26 20.13
CA GLU B 329 -13.71 28.78 19.42
C GLU B 329 -12.87 29.62 20.38
N THR B 330 -11.58 29.32 20.45
CA THR B 330 -10.68 29.91 21.43
C THR B 330 -9.79 30.96 20.80
N TYR B 331 -9.43 31.97 21.59
CA TYR B 331 -8.53 33.04 21.17
C TYR B 331 -7.24 32.91 21.98
N LEU B 332 -6.26 32.19 21.42
CA LEU B 332 -4.98 32.02 22.09
C LEU B 332 -4.22 33.35 22.15
N ASP B 333 -4.36 34.18 21.12
CA ASP B 333 -3.66 35.46 21.09
C ASP B 333 -4.14 36.38 22.21
N ARG B 334 -5.46 36.41 22.46
CA ARG B 334 -5.98 37.24 23.53
C ARG B 334 -5.50 36.75 24.89
N LEU B 335 -5.47 35.43 25.09
CA LEU B 335 -4.97 34.87 26.34
C LEU B 335 -3.50 35.22 26.55
N ALA B 336 -2.70 35.12 25.49
CA ALA B 336 -1.28 35.46 25.59
C ALA B 336 -1.10 36.93 25.90
N LEU B 337 -1.87 37.81 25.23
CA LEU B 337 -1.73 39.24 25.45
C LEU B 337 -2.17 39.64 26.85
N ARG B 338 -3.21 38.99 27.38
CA ARG B 338 -3.74 39.39 28.68
C ARG B 338 -2.86 38.90 29.81
N TYR B 339 -2.28 37.71 29.69
CA TYR B 339 -1.55 37.07 30.79
C TYR B 339 -0.08 36.84 30.49
N ASP B 340 0.23 36.17 29.37
CA ASP B 340 1.61 35.79 29.06
C ASP B 340 2.26 36.90 28.24
N ARG B 341 2.58 38.00 28.92
CA ARG B 341 3.18 39.16 28.28
C ARG B 341 4.69 39.03 28.24
N GLU B 342 5.30 39.53 27.16
CA GLU B 342 6.74 39.45 26.99
C GLU B 342 7.44 40.47 27.87
N GLY B 343 8.58 40.07 28.43
CA GLY B 343 9.35 40.94 29.29
C GLY B 343 8.90 41.00 30.74
N GLU B 344 7.79 40.33 31.07
CA GLU B 344 7.24 40.31 32.42
C GLU B 344 7.02 38.87 32.85
N PRO B 345 7.04 38.59 34.15
CA PRO B 345 6.77 37.22 34.62
C PRO B 345 5.37 36.77 34.22
N SER B 346 5.27 35.49 33.87
CA SER B 346 4.01 34.94 33.38
C SER B 346 2.99 34.86 34.50
N GLN B 347 1.75 35.24 34.19
CA GLN B 347 0.64 35.17 35.13
C GLN B 347 -0.28 33.99 34.88
N LEU B 348 0.13 33.05 34.02
CA LEU B 348 -0.69 31.88 33.76
C LEU B 348 -0.76 30.99 34.99
N ALA B 349 -1.90 30.34 35.18
CA ALA B 349 -2.10 29.48 36.33
C ALA B 349 -1.28 28.20 36.20
N ALA B 350 -0.82 27.69 37.34
CA ALA B 350 -0.04 26.46 37.36
C ALA B 350 -0.92 25.26 37.04
N VAL B 351 -0.31 24.24 36.43
CA VAL B 351 -1.00 23.02 36.04
C VAL B 351 -0.21 21.81 36.51
N ASP B 352 -0.90 20.85 37.11
CA ASP B 352 -0.31 19.58 37.52
C ASP B 352 -0.87 18.48 36.64
N ILE B 353 0.00 17.69 36.03
CA ILE B 353 -0.38 16.66 35.07
C ILE B 353 -0.10 15.30 35.69
N PHE B 354 -1.16 14.51 35.86
CA PHE B 354 -1.09 13.17 36.45
C PHE B 354 -1.04 12.13 35.34
N VAL B 355 -0.13 11.17 35.47
CA VAL B 355 0.04 10.08 34.52
C VAL B 355 -0.11 8.77 35.27
N SER B 356 -1.10 7.97 34.87
CA SER B 356 -1.41 6.72 35.56
C SER B 356 -0.75 5.55 34.85
N THR B 357 -0.04 4.71 35.61
CA THR B 357 0.50 3.46 35.10
C THR B 357 0.45 2.42 36.21
N VAL B 358 0.39 1.14 35.81
CA VAL B 358 0.19 0.06 36.77
C VAL B 358 1.27 -1.01 36.65
N ASP B 359 1.50 -1.53 35.43
CA ASP B 359 2.38 -2.68 35.24
C ASP B 359 3.34 -2.43 34.08
N PRO B 360 4.65 -2.40 34.33
CA PRO B 360 5.60 -2.24 33.22
C PRO B 360 5.61 -3.41 32.25
N LEU B 361 5.24 -4.61 32.70
CA LEU B 361 5.23 -5.76 31.79
C LEU B 361 4.08 -5.66 30.81
N LYS B 362 2.88 -5.32 31.29
CA LYS B 362 1.73 -5.17 30.39
C LYS B 362 1.82 -3.87 29.60
N GLU B 363 2.27 -2.79 30.25
CA GLU B 363 2.39 -1.49 29.60
C GLU B 363 3.86 -1.21 29.33
N PRO B 364 4.31 -1.22 28.07
CA PRO B 364 5.74 -1.07 27.79
C PRO B 364 6.28 0.23 28.34
N PRO B 365 7.48 0.21 28.93
CA PRO B 365 8.05 1.46 29.48
C PRO B 365 8.33 2.50 28.41
N LEU B 366 8.50 2.10 27.15
CA LEU B 366 8.78 3.07 26.10
C LEU B 366 7.59 4.01 25.87
N VAL B 367 6.38 3.46 25.93
CA VAL B 367 5.19 4.29 25.73
C VAL B 367 5.05 5.30 26.87
N THR B 368 5.26 4.86 28.10
CA THR B 368 5.19 5.77 29.24
C THR B 368 6.29 6.83 29.14
N ALA B 369 7.49 6.43 28.71
CA ALA B 369 8.56 7.39 28.52
C ALA B 369 8.21 8.43 27.48
N ASN B 370 7.60 8.01 26.37
CA ASN B 370 7.19 8.94 25.33
C ASN B 370 6.11 9.90 25.84
N THR B 371 5.17 9.37 26.62
CA THR B 371 4.14 10.24 27.21
C THR B 371 4.77 11.28 28.13
N VAL B 372 5.71 10.86 28.98
CA VAL B 372 6.36 11.79 29.89
C VAL B 372 7.16 12.83 29.10
N LEU B 373 7.84 12.41 28.05
CA LEU B 373 8.60 13.35 27.22
C LEU B 373 7.69 14.36 26.55
N SER B 374 6.54 13.91 26.04
CA SER B 374 5.60 14.83 25.41
C SER B 374 5.02 15.81 26.43
N ILE B 375 4.78 15.34 27.66
CA ILE B 375 4.23 16.21 28.69
C ILE B 375 5.26 17.25 29.13
N LEU B 376 6.51 16.83 29.31
CA LEU B 376 7.54 17.75 29.79
C LEU B 376 7.89 18.82 28.77
N ALA B 377 7.54 18.63 27.51
CA ALA B 377 7.84 19.59 26.45
C ALA B 377 6.64 20.43 26.06
N VAL B 378 5.62 20.51 26.93
CA VAL B 378 4.42 21.26 26.60
C VAL B 378 4.76 22.76 26.47
N ASP B 379 3.98 23.45 25.64
CA ASP B 379 4.18 24.88 25.40
C ASP B 379 3.54 25.69 26.52
N TYR B 380 4.19 25.64 27.68
CA TYR B 380 3.74 26.31 28.89
C TYR B 380 4.97 26.68 29.71
N PRO B 381 4.87 27.71 30.54
CA PRO B 381 6.02 28.06 31.40
C PRO B 381 6.42 26.88 32.28
N VAL B 382 7.73 26.69 32.42
CA VAL B 382 8.25 25.54 33.15
C VAL B 382 7.96 25.67 34.64
N ASP B 383 7.88 26.92 35.14
CA ASP B 383 7.57 27.12 36.55
C ASP B 383 6.09 26.87 36.85
N LYS B 384 5.24 26.83 35.84
CA LYS B 384 3.81 26.62 36.01
C LYS B 384 3.37 25.23 35.61
N VAL B 385 4.30 24.29 35.40
CA VAL B 385 3.99 22.93 34.99
C VAL B 385 4.64 21.96 35.95
N SER B 386 3.87 21.02 36.48
CA SER B 386 4.39 19.94 37.29
C SER B 386 3.85 18.63 36.76
N CYS B 387 4.65 17.57 36.86
CA CYS B 387 4.28 16.26 36.36
C CYS B 387 4.40 15.23 37.48
N TYR B 388 3.33 14.46 37.69
CA TYR B 388 3.32 13.39 38.69
C TYR B 388 2.96 12.09 37.98
N VAL B 389 3.80 11.07 38.16
CA VAL B 389 3.58 9.75 37.59
C VAL B 389 3.28 8.80 38.73
N SER B 390 2.10 8.17 38.69
CA SER B 390 1.68 7.21 39.71
C SER B 390 1.82 5.81 39.13
N ASP B 391 2.78 5.05 39.66
CA ASP B 391 3.01 3.66 39.28
C ASP B 391 2.43 2.79 40.39
N ASP B 392 1.28 2.16 40.12
CA ASP B 392 0.60 1.39 41.14
C ASP B 392 1.32 0.09 41.46
N GLY B 393 2.17 -0.40 40.56
CA GLY B 393 2.86 -1.66 40.78
C GLY B 393 4.11 -1.57 41.62
N ALA B 394 4.60 -0.36 41.91
CA ALA B 394 5.83 -0.17 42.69
C ALA B 394 7.00 -0.93 42.08
N ALA B 395 7.12 -0.85 40.76
CA ALA B 395 8.13 -1.60 40.04
C ALA B 395 9.43 -0.81 39.93
N MET B 396 10.55 -1.50 40.10
CA MET B 396 11.85 -0.86 39.93
C MET B 396 12.09 -0.45 38.48
N LEU B 397 11.56 -1.24 37.53
CA LEU B 397 11.74 -0.92 36.12
C LEU B 397 11.13 0.43 35.79
N THR B 398 9.95 0.75 36.35
CA THR B 398 9.34 2.04 36.10
C THR B 398 10.20 3.18 36.64
N PHE B 399 10.76 2.99 37.83
CA PHE B 399 11.61 4.04 38.43
C PHE B 399 12.86 4.28 37.58
N GLU B 400 13.52 3.20 37.16
CA GLU B 400 14.72 3.34 36.33
C GLU B 400 14.38 3.96 34.98
N ALA B 401 13.25 3.56 34.39
CA ALA B 401 12.83 4.12 33.11
C ALA B 401 12.52 5.60 33.26
N LEU B 402 11.90 6.01 34.36
CA LEU B 402 11.63 7.43 34.59
C LEU B 402 12.92 8.23 34.76
N ALA B 403 13.90 7.65 35.47
CA ALA B 403 15.19 8.34 35.59
C ALA B 403 15.85 8.52 34.23
N GLU B 404 15.88 7.45 33.43
CA GLU B 404 16.46 7.55 32.10
C GLU B 404 15.68 8.52 31.22
N THR B 405 14.35 8.55 31.36
CA THR B 405 13.53 9.45 30.59
C THR B 405 13.82 10.90 30.95
N SER B 406 14.00 11.19 32.23
CA SER B 406 14.39 12.55 32.63
C SER B 406 15.76 12.91 32.08
N GLU B 407 16.71 11.97 32.13
CA GLU B 407 18.03 12.24 31.59
C GLU B 407 17.98 12.54 30.09
N PHE B 408 17.15 11.82 29.35
CA PHE B 408 17.03 12.07 27.92
C PHE B 408 16.25 13.37 27.66
N ALA B 409 15.24 13.66 28.48
CA ALA B 409 14.49 14.90 28.33
C ALA B 409 15.38 16.10 28.52
N ARG B 410 16.40 15.99 29.38
CA ARG B 410 17.35 17.07 29.60
C ARG B 410 17.90 17.62 28.29
N LYS B 411 18.03 16.79 27.26
CA LYS B 411 18.47 17.24 25.95
C LYS B 411 17.37 17.26 24.90
N TRP B 412 16.28 16.51 25.10
CA TRP B 412 15.21 16.47 24.13
C TRP B 412 14.34 17.72 24.19
N VAL B 413 14.07 18.23 25.40
CA VAL B 413 13.16 19.36 25.54
C VAL B 413 13.65 20.62 24.82
N PRO B 414 14.93 21.04 24.96
CA PRO B 414 15.35 22.26 24.24
C PRO B 414 15.19 22.16 22.74
N PHE B 415 15.44 21.00 22.15
CA PHE B 415 15.32 20.84 20.71
C PHE B 415 13.88 21.09 20.26
N SER B 416 12.92 20.41 20.90
CA SER B 416 11.52 20.57 20.51
C SER B 416 11.02 21.98 20.78
N LYS B 417 11.45 22.58 21.90
CA LYS B 417 11.03 23.94 22.21
C LYS B 417 11.59 24.94 21.20
N LYS B 418 12.84 24.75 20.78
CA LYS B 418 13.48 25.69 19.86
C LYS B 418 12.89 25.57 18.46
N TYR B 419 12.76 24.35 17.96
CA TYR B 419 12.32 24.15 16.58
C TYR B 419 10.81 23.99 16.44
N SER B 420 10.09 23.94 17.54
CA SER B 420 8.62 23.87 17.54
C SER B 420 8.12 22.71 16.68
N ILE B 421 8.55 21.51 17.04
CA ILE B 421 8.16 20.30 16.32
C ILE B 421 6.84 19.80 16.88
N GLU B 422 6.07 19.13 16.01
CA GLU B 422 4.78 18.57 16.39
C GLU B 422 4.60 17.22 15.71
N PRO B 423 4.30 16.15 16.47
CA PRO B 423 4.14 16.09 17.92
C PRO B 423 5.48 16.08 18.65
N ARG B 424 5.47 16.36 19.94
CA ARG B 424 6.71 16.42 20.72
C ARG B 424 7.08 15.10 21.36
N ALA B 425 6.35 14.02 21.07
CA ALA B 425 6.76 12.69 21.46
C ALA B 425 7.78 12.16 20.46
N PRO B 426 8.99 11.81 20.89
CA PRO B 426 10.03 11.42 19.91
C PRO B 426 9.67 10.20 19.08
N GLU B 427 8.94 9.24 19.65
CA GLU B 427 8.61 8.03 18.89
C GLU B 427 7.72 8.36 17.70
N TRP B 428 6.71 9.20 17.91
CA TRP B 428 5.77 9.52 16.84
C TRP B 428 6.29 10.61 15.91
N TYR B 429 7.16 11.49 16.42
CA TYR B 429 7.73 12.51 15.56
C TYR B 429 8.70 11.91 14.54
N PHE B 430 9.55 10.99 14.99
CA PHE B 430 10.56 10.40 14.12
C PHE B 430 10.03 9.28 13.24
N SER B 431 8.78 8.85 13.45
CA SER B 431 8.16 7.80 12.67
C SER B 431 6.98 8.33 11.86
N GLN B 432 7.16 9.50 11.26
CA GLN B 432 6.13 10.13 10.44
C GLN B 432 6.63 10.24 9.01
N LYS B 433 5.77 9.87 8.06
CA LYS B 433 6.10 9.98 6.65
C LYS B 433 5.93 11.40 6.12
N ILE B 434 5.37 12.31 6.93
CA ILE B 434 5.21 13.70 6.50
C ILE B 434 6.59 14.34 6.34
N ASP B 435 6.73 15.15 5.29
CA ASP B 435 7.98 15.86 5.03
C ASP B 435 8.38 16.68 6.25
N TYR B 436 9.53 16.34 6.83
CA TYR B 436 10.01 16.98 8.05
C TYR B 436 10.72 18.30 7.80
N LEU B 437 10.94 18.67 6.54
CA LEU B 437 11.60 19.93 6.20
C LEU B 437 10.60 20.99 5.74
N LYS B 438 9.36 20.91 6.20
CA LYS B 438 8.31 21.82 5.80
C LYS B 438 8.15 22.91 6.86
N ASP B 439 8.10 24.17 6.40
CA ASP B 439 8.02 25.34 7.28
C ASP B 439 9.18 25.37 8.28
N LYS B 440 10.38 25.10 7.78
CA LYS B 440 11.60 25.17 8.59
C LYS B 440 12.50 26.27 8.04
N VAL B 441 12.94 27.16 8.92
CA VAL B 441 13.69 28.34 8.53
C VAL B 441 15.10 28.32 9.08
N HIS B 442 15.29 27.80 10.29
CA HIS B 442 16.58 27.88 10.96
C HIS B 442 17.67 27.18 10.14
N PRO B 443 18.80 27.83 9.87
CA PRO B 443 19.85 27.19 9.07
C PRO B 443 20.45 25.96 9.72
N SER B 444 20.45 25.87 11.04
CA SER B 444 21.10 24.78 11.76
C SER B 444 20.10 23.73 12.25
N PHE B 445 19.09 23.42 11.44
CA PHE B 445 18.07 22.47 11.82
C PHE B 445 18.39 21.04 11.40
N VAL B 446 19.05 20.84 10.26
CA VAL B 446 19.27 19.49 9.74
C VAL B 446 20.24 18.71 10.63
N LYS B 447 21.38 19.33 10.97
CA LYS B 447 22.36 18.64 11.82
C LYS B 447 21.80 18.40 13.21
N ASP B 448 21.07 19.38 13.77
CA ASP B 448 20.46 19.19 15.07
C ASP B 448 19.45 18.06 15.05
N ARG B 449 18.64 17.98 13.99
CA ARG B 449 17.67 16.89 13.89
C ARG B 449 18.36 15.54 13.77
N ARG B 450 19.44 15.46 12.99
CA ARG B 450 20.18 14.20 12.87
C ARG B 450 20.76 13.77 14.20
N ALA B 451 21.37 14.71 14.93
CA ALA B 451 21.93 14.40 16.24
C ALA B 451 20.84 13.96 17.21
N MET B 452 19.68 14.63 17.18
CA MET B 452 18.59 14.25 18.06
C MET B 452 18.06 12.87 17.73
N LYS B 453 17.98 12.54 16.44
CA LYS B 453 17.52 11.21 16.04
C LYS B 453 18.48 10.14 16.54
N ARG B 454 19.78 10.36 16.36
CA ARG B 454 20.76 9.39 16.84
C ARG B 454 20.70 9.24 18.37
N GLU B 455 20.57 10.37 19.07
CA GLU B 455 20.47 10.31 20.53
C GLU B 455 19.22 9.56 20.98
N TYR B 456 18.10 9.76 20.27
CA TYR B 456 16.88 9.04 20.61
C TYR B 456 17.04 7.55 20.36
N GLU B 457 17.73 7.18 19.28
CA GLU B 457 17.98 5.76 19.03
C GLU B 457 18.83 5.14 20.15
N GLU B 458 19.86 5.85 20.59
CA GLU B 458 20.67 5.35 21.71
C GLU B 458 19.84 5.26 23.00
N PHE B 459 18.95 6.23 23.23
CA PHE B 459 18.09 6.18 24.40
C PHE B 459 17.14 4.99 24.35
N LYS B 460 16.60 4.69 23.17
CA LYS B 460 15.76 3.52 23.01
C LYS B 460 16.53 2.23 23.27
N VAL B 461 17.78 2.19 22.81
CA VAL B 461 18.63 1.02 23.09
C VAL B 461 18.84 0.87 24.59
N ARG B 462 19.09 1.97 25.29
CA ARG B 462 19.28 1.91 26.74
C ARG B 462 18.01 1.44 27.45
N ILE B 463 16.85 1.92 26.99
CA ILE B 463 15.58 1.49 27.59
C ILE B 463 15.35 0.00 27.35
N ASN B 464 15.68 -0.48 26.15
CA ASN B 464 15.56 -1.90 25.87
C ASN B 464 16.48 -2.72 26.77
N GLY B 465 17.70 -2.23 27.00
CA GLY B 465 18.60 -2.92 27.91
C GLY B 465 18.07 -2.96 29.33
N LEU B 466 17.49 -1.86 29.79
CA LEU B 466 16.89 -1.83 31.13
C LEU B 466 15.74 -2.82 31.24
N VAL B 467 14.90 -2.88 30.20
CA VAL B 467 13.77 -3.82 30.21
C VAL B 467 14.27 -5.26 30.23
N SER B 468 15.30 -5.55 29.42
CA SER B 468 15.86 -6.90 29.40
C SER B 468 16.44 -7.28 30.76
N LYS B 469 17.12 -6.33 31.41
CA LYS B 469 17.64 -6.61 32.75
C LYS B 469 16.50 -6.85 33.74
N ALA B 470 15.44 -6.05 33.67
CA ALA B 470 14.35 -6.18 34.62
C ALA B 470 13.44 -7.36 34.32
N GLN B 471 13.61 -8.02 33.17
CA GLN B 471 12.76 -9.15 32.82
C GLN B 471 12.91 -10.29 33.82
N LYS B 472 14.14 -10.59 34.23
CA LYS B 472 14.39 -11.70 35.14
C LYS B 472 14.35 -11.20 36.58
N VAL B 473 13.50 -11.81 37.40
CA VAL B 473 13.35 -11.44 38.81
C VAL B 473 14.45 -12.16 39.60
N PRO B 474 15.32 -11.42 40.29
CA PRO B 474 16.36 -12.08 41.08
C PRO B 474 15.80 -12.82 42.27
N GLU B 475 16.53 -13.85 42.71
CA GLU B 475 16.09 -14.63 43.86
C GLU B 475 16.15 -13.82 45.15
N GLU B 476 17.21 -13.04 45.32
CA GLU B 476 17.40 -12.27 46.55
C GLU B 476 16.67 -10.94 46.54
N GLY B 477 16.00 -10.58 45.46
CA GLY B 477 15.24 -9.34 45.40
C GLY B 477 16.01 -8.24 44.68
N TRP B 478 15.25 -7.23 44.25
CA TRP B 478 15.84 -6.11 43.53
C TRP B 478 16.71 -5.26 44.46
N VAL B 479 17.80 -4.73 43.90
CA VAL B 479 18.74 -3.90 44.63
C VAL B 479 18.96 -2.62 43.84
N MET B 480 18.93 -1.49 44.53
CA MET B 480 19.14 -0.20 43.87
C MET B 480 20.59 -0.07 43.42
N GLN B 481 20.82 0.90 42.52
CA GLN B 481 22.18 1.19 42.09
C GLN B 481 23.04 1.68 43.25
N ASP B 482 22.43 2.34 44.23
CA ASP B 482 23.16 2.76 45.43
C ASP B 482 23.60 1.57 46.27
N GLY B 483 22.94 0.42 46.11
CA GLY B 483 23.25 -0.76 46.88
C GLY B 483 22.21 -1.14 47.91
N THR B 484 21.33 -0.21 48.29
CA THR B 484 20.25 -0.53 49.22
C THR B 484 19.15 -1.31 48.52
N PRO B 485 18.46 -2.19 49.24
CA PRO B 485 17.39 -2.97 48.62
C PRO B 485 16.23 -2.08 48.18
N TRP B 486 15.56 -2.50 47.12
CA TRP B 486 14.41 -1.77 46.60
C TRP B 486 13.25 -1.89 47.58
N PRO B 487 12.72 -0.78 48.10
CA PRO B 487 11.62 -0.88 49.08
C PRO B 487 10.38 -1.57 48.56
N GLY B 488 10.09 -1.47 47.26
CA GLY B 488 8.93 -2.11 46.69
C GLY B 488 9.18 -3.53 46.24
N ASN B 489 9.90 -4.30 47.06
CA ASN B 489 10.19 -5.69 46.72
C ASN B 489 8.91 -6.51 46.64
N ASN B 490 8.00 -6.32 47.59
CA ASN B 490 6.70 -6.98 47.60
C ASN B 490 5.65 -5.97 47.18
N THR B 491 4.95 -6.26 46.08
CA THR B 491 3.97 -5.32 45.56
C THR B 491 2.79 -5.16 46.53
N ARG B 492 2.41 -6.22 47.22
CA ARG B 492 1.25 -6.17 48.10
C ARG B 492 1.58 -5.59 49.48
N ASP B 493 2.85 -5.52 49.86
CA ASP B 493 3.24 -5.11 51.20
C ASP B 493 4.41 -4.12 51.14
N HIS B 494 4.29 -3.10 50.29
CA HIS B 494 5.34 -2.11 50.20
C HIS B 494 4.88 -0.77 50.75
N PRO B 495 5.79 0.03 51.30
CA PRO B 495 5.42 1.35 51.82
C PRO B 495 5.37 2.39 50.69
N GLY B 496 5.13 3.63 51.07
CA GLY B 496 5.02 4.71 50.11
C GLY B 496 6.35 5.40 49.88
N MET B 497 6.64 5.68 48.60
CA MET B 497 7.88 6.33 48.21
C MET B 497 7.57 7.46 47.24
N ILE B 498 8.30 8.56 47.38
CA ILE B 498 8.16 9.73 46.51
C ILE B 498 9.56 10.21 46.13
N GLN B 499 9.77 10.41 44.83
CA GLN B 499 11.06 10.85 44.31
C GLN B 499 10.85 11.97 43.29
N VAL B 500 11.72 12.97 43.35
CA VAL B 500 11.68 14.11 42.43
C VAL B 500 12.95 14.08 41.60
N PHE B 501 12.80 14.03 40.27
CA PHE B 501 13.94 13.94 39.36
C PHE B 501 14.40 15.31 38.85
N LEU B 502 13.51 16.02 38.17
CA LEU B 502 13.80 17.34 37.63
C LEU B 502 12.92 18.37 38.32
N GLY B 503 13.43 19.59 38.41
CA GLY B 503 12.70 20.67 39.03
C GLY B 503 13.61 21.88 39.21
N GLN B 504 13.42 22.58 40.34
CA GLN B 504 14.22 23.76 40.63
C GLN B 504 15.69 23.41 40.80
N SER B 505 15.98 22.34 41.54
CA SER B 505 17.35 21.91 41.79
C SER B 505 17.66 20.57 41.11
N GLY B 506 16.80 20.13 40.19
CA GLY B 506 17.04 18.87 39.51
C GLY B 506 18.13 18.92 38.47
N GLY B 507 18.50 20.11 38.01
CA GLY B 507 19.54 20.28 37.02
C GLY B 507 19.13 21.21 35.90
N LEU B 508 20.03 21.37 34.95
CA LEU B 508 19.83 22.25 33.81
C LEU B 508 19.86 21.46 32.51
N ASP B 509 19.12 21.94 31.52
CA ASP B 509 19.12 21.31 30.21
C ASP B 509 20.34 21.76 29.41
N THR B 510 20.37 21.45 28.12
CA THR B 510 21.51 21.80 27.29
C THR B 510 21.63 23.30 27.08
N GLU B 511 20.54 24.05 27.24
CA GLU B 511 20.56 25.50 27.05
C GLU B 511 20.74 26.26 28.35
N GLY B 512 20.86 25.57 29.48
CA GLY B 512 21.07 26.24 30.76
C GLY B 512 19.81 26.70 31.46
N ASN B 513 18.64 26.41 30.91
CA ASN B 513 17.38 26.81 31.53
C ASN B 513 16.96 25.75 32.57
N GLU B 514 15.72 25.82 33.01
CA GLU B 514 15.16 24.83 33.92
C GLU B 514 14.20 23.91 33.17
N LEU B 515 13.77 22.86 33.84
CA LEU B 515 12.87 21.87 33.28
C LEU B 515 11.67 21.70 34.19
N PRO B 516 10.52 21.30 33.64
CA PRO B 516 9.33 21.09 34.49
C PRO B 516 9.57 20.02 35.55
N ARG B 517 8.98 20.23 36.71
CA ARG B 517 9.18 19.32 37.83
C ARG B 517 8.55 17.96 37.53
N LEU B 518 9.30 16.90 37.83
CA LEU B 518 8.86 15.53 37.60
C LEU B 518 8.95 14.75 38.90
N VAL B 519 7.83 14.15 39.29
CA VAL B 519 7.72 13.44 40.56
C VAL B 519 7.22 12.03 40.30
N TYR B 520 7.90 11.05 40.90
CA TYR B 520 7.46 9.66 40.87
C TYR B 520 6.94 9.30 42.25
N VAL B 521 5.67 8.89 42.32
CA VAL B 521 5.01 8.56 43.57
C VAL B 521 4.43 7.16 43.49
N SER B 522 4.47 6.43 44.59
CA SER B 522 3.86 5.12 44.71
C SER B 522 3.23 5.00 46.08
N ARG B 523 1.90 4.93 46.12
CA ARG B 523 1.19 4.94 47.39
C ARG B 523 1.42 3.64 48.16
N GLU B 524 1.33 3.74 49.48
CA GLU B 524 1.58 2.59 50.34
C GLU B 524 0.54 1.50 50.12
N LYS B 525 1.01 0.26 50.03
CA LYS B 525 0.14 -0.89 49.85
C LYS B 525 0.38 -1.88 50.99
N ARG B 526 -0.70 -2.33 51.62
CA ARG B 526 -0.63 -3.28 52.72
C ARG B 526 -1.68 -4.37 52.50
N PRO B 527 -1.40 -5.59 52.96
CA PRO B 527 -2.35 -6.68 52.73
C PRO B 527 -3.66 -6.47 53.48
N GLY B 528 -4.76 -6.90 52.85
CA GLY B 528 -6.06 -6.84 53.45
C GLY B 528 -6.77 -5.50 53.35
N PHE B 529 -6.15 -4.49 52.75
CA PHE B 529 -6.73 -3.17 52.62
C PHE B 529 -7.11 -2.91 51.17
N GLN B 530 -8.33 -2.44 50.94
CA GLN B 530 -8.76 -2.10 49.60
C GLN B 530 -8.11 -0.79 49.15
N HIS B 531 -7.86 -0.68 47.84
CA HIS B 531 -7.20 0.49 47.28
C HIS B 531 -7.96 1.16 46.16
N HIS B 532 -9.02 0.55 45.65
CA HIS B 532 -9.94 1.14 44.66
C HIS B 532 -9.29 1.43 43.32
N LYS B 533 -8.06 0.97 43.10
CA LYS B 533 -7.39 0.98 41.80
C LYS B 533 -7.23 2.43 41.33
N LYS B 534 -7.72 2.80 40.14
CA LYS B 534 -7.37 4.08 39.54
C LYS B 534 -7.97 5.25 40.30
N ALA B 535 -9.16 5.09 40.88
CA ALA B 535 -9.76 6.17 41.65
C ALA B 535 -8.91 6.50 42.88
N GLY B 536 -8.48 5.47 43.61
CA GLY B 536 -7.60 5.71 44.75
C GLY B 536 -6.26 6.28 44.33
N ALA B 537 -5.72 5.81 43.21
CA ALA B 537 -4.46 6.37 42.71
C ALA B 537 -4.62 7.85 42.38
N MET B 538 -5.73 8.23 41.74
CA MET B 538 -5.97 9.63 41.40
C MET B 538 -6.14 10.47 42.65
N ASN B 539 -6.85 9.95 43.66
CA ASN B 539 -7.01 10.70 44.91
C ASN B 539 -5.67 10.91 45.60
N ALA B 540 -4.84 9.87 45.66
CA ALA B 540 -3.52 10.01 46.25
C ALA B 540 -2.66 11.01 45.47
N LEU B 541 -2.76 10.98 44.15
CA LEU B 541 -2.04 11.95 43.33
C LEU B 541 -2.49 13.37 43.62
N VAL B 542 -3.80 13.56 43.76
CA VAL B 542 -4.33 14.90 44.07
C VAL B 542 -3.80 15.38 45.40
N ARG B 543 -3.82 14.52 46.42
CA ARG B 543 -3.33 14.91 47.73
C ARG B 543 -1.83 15.24 47.69
N VAL B 544 -1.04 14.42 47.00
CA VAL B 544 0.40 14.65 46.93
C VAL B 544 0.68 15.96 46.20
N SER B 545 -0.02 16.21 45.09
CA SER B 545 0.20 17.45 44.34
C SER B 545 -0.21 18.67 45.16
N ALA B 546 -1.31 18.56 45.92
CA ALA B 546 -1.71 19.66 46.78
C ALA B 546 -0.66 19.92 47.86
N VAL B 547 -0.06 18.86 48.40
CA VAL B 547 0.97 19.04 49.41
C VAL B 547 2.23 19.68 48.81
N LEU B 548 2.60 19.27 47.60
CA LEU B 548 3.87 19.69 47.02
C LEU B 548 3.77 20.98 46.21
N THR B 549 2.87 21.02 45.22
CA THR B 549 2.76 22.17 44.32
C THR B 549 1.44 22.91 44.47
N ASN B 550 0.34 22.20 44.70
CA ASN B 550 -0.98 22.80 44.86
C ASN B 550 -1.41 23.59 43.62
N GLY B 551 -1.25 22.98 42.45
CA GLY B 551 -1.68 23.60 41.21
C GLY B 551 -3.20 23.69 41.13
N PRO B 552 -3.70 24.85 40.69
CA PRO B 552 -5.16 25.04 40.62
C PRO B 552 -5.86 24.13 39.62
N PHE B 553 -5.16 23.62 38.62
CA PHE B 553 -5.76 22.77 37.59
C PHE B 553 -4.96 21.49 37.43
N LEU B 554 -5.68 20.39 37.19
CA LEU B 554 -5.06 19.07 37.10
C LEU B 554 -5.48 18.39 35.79
N LEU B 555 -4.51 18.00 34.99
CA LEU B 555 -4.74 17.31 33.73
C LEU B 555 -4.47 15.82 33.90
N ASN B 556 -5.48 14.99 33.66
CA ASN B 556 -5.38 13.56 33.88
C ASN B 556 -5.02 12.85 32.57
N LEU B 557 -4.10 11.89 32.65
CA LEU B 557 -3.68 11.15 31.46
C LEU B 557 -3.27 9.74 31.83
N ASP B 558 -3.45 8.83 30.87
CA ASP B 558 -2.99 7.46 30.97
C ASP B 558 -1.58 7.34 30.40
N CYS B 559 -1.03 6.14 30.45
CA CYS B 559 0.33 5.92 29.96
C CYS B 559 0.40 5.92 28.44
N ASP B 560 -0.68 5.52 27.76
CA ASP B 560 -0.68 5.36 26.32
C ASP B 560 -1.17 6.59 25.56
N HIS B 561 -1.49 7.68 26.26
CA HIS B 561 -1.96 8.90 25.64
C HIS B 561 -0.89 9.98 25.76
N TYR B 562 -0.49 10.53 24.62
CA TYR B 562 0.54 11.55 24.58
C TYR B 562 -0.04 12.86 24.05
N ILE B 563 0.57 13.97 24.47
CA ILE B 563 0.10 15.30 24.08
C ILE B 563 0.48 15.55 22.63
N ASN B 564 -0.50 15.47 21.74
CA ASN B 564 -0.23 15.67 20.32
C ASN B 564 -0.03 17.15 19.99
N ASN B 565 -0.83 18.03 20.58
CA ASN B 565 -0.76 19.46 20.35
C ASN B 565 -0.16 20.13 21.58
N SER B 566 0.99 20.78 21.39
CA SER B 566 1.72 21.38 22.52
C SER B 566 0.98 22.55 23.15
N LYS B 567 -0.03 23.11 22.49
CA LYS B 567 -0.78 24.23 23.00
C LYS B 567 -2.09 23.81 23.66
N ALA B 568 -2.20 22.54 24.07
CA ALA B 568 -3.43 22.07 24.70
C ALA B 568 -3.69 22.78 26.02
N LEU B 569 -2.63 23.03 26.80
CA LEU B 569 -2.80 23.71 28.08
C LEU B 569 -3.33 25.13 27.89
N ARG B 570 -2.84 25.84 26.86
CA ARG B 570 -3.34 27.18 26.59
C ARG B 570 -4.80 27.14 26.15
N GLU B 571 -5.18 26.13 25.35
CA GLU B 571 -6.57 25.98 24.96
C GLU B 571 -7.45 25.74 26.18
N ALA B 572 -6.96 24.95 27.14
CA ALA B 572 -7.72 24.71 28.36
C ALA B 572 -7.84 25.97 29.20
N MET B 573 -6.74 26.72 29.34
CA MET B 573 -6.77 27.95 30.13
C MET B 573 -7.62 29.03 29.48
N CYS B 574 -7.83 28.96 28.17
CA CYS B 574 -8.74 29.91 27.52
C CYS B 574 -10.14 29.83 28.12
N PHE B 575 -10.56 28.65 28.57
CA PHE B 575 -11.83 28.50 29.26
C PHE B 575 -11.68 28.60 30.77
N MET B 576 -10.62 27.99 31.33
CA MET B 576 -10.46 27.93 32.77
C MET B 576 -10.22 29.30 33.38
N MET B 577 -9.40 30.13 32.72
CA MET B 577 -8.95 31.40 33.29
C MET B 577 -9.79 32.59 32.84
N ASP B 578 -10.90 32.34 32.16
CA ASP B 578 -11.82 33.42 31.80
C ASP B 578 -12.51 33.92 33.06
N PRO B 579 -12.39 35.22 33.39
CA PRO B 579 -13.03 35.70 34.64
C PRO B 579 -14.53 35.49 34.69
N ASN B 580 -15.23 35.65 33.57
CA ASN B 580 -16.68 35.49 33.57
C ASN B 580 -17.09 34.03 33.57
N LEU B 581 -16.34 33.18 32.87
CA LEU B 581 -16.74 31.79 32.67
C LEU B 581 -15.99 30.82 33.59
N GLY B 582 -14.74 31.12 33.94
CA GLY B 582 -13.94 30.16 34.68
C GLY B 582 -14.46 29.86 36.08
N LYS B 583 -15.24 30.79 36.65
CA LYS B 583 -15.77 30.57 37.99
C LYS B 583 -16.78 29.42 38.01
N HIS B 584 -17.48 29.18 36.90
CA HIS B 584 -18.53 28.18 36.85
C HIS B 584 -18.12 26.92 36.11
N VAL B 585 -16.85 26.76 35.76
CA VAL B 585 -16.38 25.63 34.98
C VAL B 585 -15.71 24.63 35.91
N CYS B 586 -16.12 23.37 35.83
CA CYS B 586 -15.58 22.29 36.64
C CYS B 586 -14.47 21.53 35.92
N TYR B 587 -14.65 21.20 34.64
CA TYR B 587 -13.61 20.53 33.89
C TYR B 587 -13.78 20.82 32.40
N VAL B 588 -12.66 20.71 31.69
CA VAL B 588 -12.61 20.84 30.24
C VAL B 588 -12.22 19.48 29.67
N GLN B 589 -13.03 18.98 28.74
CA GLN B 589 -12.84 17.66 28.16
C GLN B 589 -12.48 17.77 26.69
N PHE B 590 -11.48 17.00 26.27
CA PHE B 590 -11.04 16.95 24.89
C PHE B 590 -11.45 15.61 24.26
N PRO B 591 -11.71 15.59 22.96
CA PRO B 591 -12.08 14.33 22.30
C PRO B 591 -10.94 13.34 22.32
N GLN B 592 -11.29 12.05 22.39
CA GLN B 592 -10.30 10.98 22.39
C GLN B 592 -10.02 10.55 20.96
N ARG B 593 -8.79 10.76 20.51
CA ARG B 593 -8.35 10.36 19.18
C ARG B 593 -7.27 9.30 19.31
N PHE B 594 -7.31 8.32 18.42
CA PHE B 594 -6.35 7.22 18.43
C PHE B 594 -5.66 7.16 17.07
N ASP B 595 -4.34 6.95 17.10
CA ASP B 595 -3.57 6.81 15.87
C ASP B 595 -3.41 5.33 15.51
N GLY B 596 -3.16 5.09 14.22
CA GLY B 596 -3.01 3.74 13.73
C GLY B 596 -4.29 2.96 13.57
N ILE B 597 -5.44 3.62 13.66
CA ILE B 597 -6.71 2.92 13.47
C ILE B 597 -6.82 2.44 12.03
N ASP B 598 -7.40 1.25 11.87
CA ASP B 598 -7.62 0.70 10.54
C ASP B 598 -8.47 1.64 9.70
N ARG B 599 -8.10 1.77 8.42
CA ARG B 599 -8.80 2.69 7.54
C ARG B 599 -10.27 2.32 7.40
N ASN B 600 -10.55 1.02 7.25
CA ASN B 600 -11.94 0.57 7.24
C ASN B 600 -12.56 0.64 8.63
N ASP B 601 -11.73 0.49 9.67
CA ASP B 601 -12.18 0.55 11.07
C ASP B 601 -13.27 -0.48 11.34
N ARG B 602 -12.86 -1.75 11.27
CA ARG B 602 -13.79 -2.85 11.52
C ARG B 602 -14.40 -2.75 12.92
N TYR B 603 -13.56 -2.50 13.92
CA TYR B 603 -14.01 -2.44 15.31
C TYR B 603 -14.73 -1.15 15.65
N ALA B 604 -14.78 -0.18 14.72
CA ALA B 604 -15.32 1.16 14.98
C ALA B 604 -14.59 1.81 16.16
N ASN B 605 -13.27 1.65 16.20
CA ASN B 605 -12.48 2.23 17.28
C ASN B 605 -12.50 3.75 17.25
N ARG B 606 -12.74 4.34 16.07
CA ARG B 606 -12.79 5.79 15.97
C ARG B 606 -13.90 6.38 16.84
N ASN B 607 -15.09 5.79 16.76
CA ASN B 607 -16.25 6.22 17.56
C ASN B 607 -16.50 7.72 17.38
N THR B 608 -16.50 8.17 16.12
CA THR B 608 -16.65 9.59 15.85
C THR B 608 -18.06 10.09 16.14
N VAL B 609 -19.05 9.21 16.12
CA VAL B 609 -20.42 9.65 16.37
C VAL B 609 -20.58 10.13 17.80
N PHE B 610 -20.03 9.38 18.76
CA PHE B 610 -20.14 9.77 20.17
C PHE B 610 -19.38 11.05 20.45
N PHE B 611 -18.21 11.22 19.84
CA PHE B 611 -17.35 12.36 20.14
C PHE B 611 -17.65 13.57 19.26
N ASP B 612 -18.52 13.44 18.26
CA ASP B 612 -18.85 14.53 17.36
C ASP B 612 -20.31 14.91 17.35
N ILE B 613 -21.20 14.01 17.74
CA ILE B 613 -22.64 14.28 17.78
C ILE B 613 -23.17 14.27 19.22
N ASN B 614 -22.88 13.20 19.96
CA ASN B 614 -23.38 13.10 21.33
C ASN B 614 -22.75 14.15 22.23
N LEU B 615 -21.42 14.25 22.22
CA LEU B 615 -20.74 15.21 23.09
C LEU B 615 -20.97 16.64 22.63
N ARG B 616 -21.04 16.86 21.32
CA ARG B 616 -21.35 18.21 20.81
C ARG B 616 -22.73 18.65 21.25
N GLY B 617 -23.71 17.76 21.19
CA GLY B 617 -25.05 18.10 21.68
C GLY B 617 -25.07 18.29 23.18
N LEU B 618 -24.30 17.49 23.92
CA LEU B 618 -24.25 17.62 25.37
C LEU B 618 -23.63 18.95 25.79
N ASP B 619 -22.65 19.42 25.01
CA ASP B 619 -21.97 20.67 25.36
C ASP B 619 -22.92 21.85 25.34
N GLY B 620 -23.96 21.80 24.53
CA GLY B 620 -24.91 22.90 24.43
C GLY B 620 -25.91 23.00 25.56
N ILE B 621 -25.99 21.98 26.42
CA ILE B 621 -26.94 21.97 27.53
C ILE B 621 -26.23 22.29 28.83
N GLN B 622 -25.32 21.41 29.26
CA GLN B 622 -24.52 21.65 30.44
C GLN B 622 -23.06 21.27 30.27
N GLY B 623 -22.69 20.53 29.23
CA GLY B 623 -21.32 20.18 28.99
C GLY B 623 -21.13 18.70 28.75
N PRO B 624 -19.95 18.32 28.27
CA PRO B 624 -19.67 16.91 27.98
C PRO B 624 -19.54 16.10 29.26
N VAL B 625 -19.66 14.79 29.10
CA VAL B 625 -19.49 13.86 30.21
C VAL B 625 -18.01 13.50 30.31
N TYR B 626 -17.56 13.25 31.54
CA TYR B 626 -16.17 12.88 31.77
C TYR B 626 -15.91 11.47 31.26
N VAL B 627 -14.81 11.30 30.52
CA VAL B 627 -14.52 10.04 29.84
C VAL B 627 -13.14 9.52 30.21
N GLY B 628 -12.53 10.09 31.24
CA GLY B 628 -11.26 9.57 31.72
C GLY B 628 -10.04 10.38 31.29
N THR B 629 -9.34 9.89 30.28
CA THR B 629 -8.10 10.53 29.85
C THR B 629 -8.39 11.86 29.16
N GLY B 630 -7.38 12.73 29.15
CA GLY B 630 -7.46 14.00 28.45
C GLY B 630 -8.47 14.98 29.01
N CYS B 631 -8.50 15.16 30.32
CA CYS B 631 -9.43 16.07 30.97
C CYS B 631 -8.70 16.96 31.96
N VAL B 632 -9.10 18.24 32.00
CA VAL B 632 -8.52 19.23 32.90
C VAL B 632 -9.56 19.59 33.95
N PHE B 633 -9.25 19.31 35.20
CA PHE B 633 -10.18 19.50 36.32
C PHE B 633 -9.77 20.71 37.15
N ASN B 634 -10.77 21.40 37.67
CA ASN B 634 -10.57 22.47 38.64
C ASN B 634 -10.49 21.89 40.04
N ARG B 635 -9.62 22.46 40.88
CA ARG B 635 -9.43 21.93 42.22
C ARG B 635 -10.67 22.14 43.07
N THR B 636 -11.30 23.32 42.98
CA THR B 636 -12.46 23.62 43.81
C THR B 636 -13.63 22.68 43.50
N ALA B 637 -13.87 22.41 42.22
CA ALA B 637 -14.91 21.47 41.85
C ALA B 637 -14.57 20.06 42.33
N LEU B 638 -13.29 19.70 42.25
CA LEU B 638 -12.86 18.38 42.72
C LEU B 638 -13.04 18.24 44.23
N TYR B 639 -12.86 19.33 44.98
CA TYR B 639 -12.94 19.29 46.42
C TYR B 639 -14.37 19.22 46.95
N GLY B 640 -15.38 19.28 46.07
CA GLY B 640 -16.76 19.17 46.47
C GLY B 640 -17.46 20.50 46.72
N TYR B 641 -16.79 21.62 46.49
CA TYR B 641 -17.41 22.91 46.71
C TYR B 641 -18.43 23.23 45.62
N GLU B 642 -19.50 23.91 46.00
CA GLU B 642 -20.53 24.31 45.06
C GLU B 642 -20.07 25.51 44.23
N PRO B 643 -20.51 25.61 42.98
CA PRO B 643 -20.15 26.76 42.16
C PRO B 643 -20.84 28.01 42.67
N PRO B 644 -20.28 29.19 42.41
CA PRO B 644 -20.91 30.43 42.86
C PRO B 644 -22.27 30.63 42.23
N LEU B 645 -23.20 31.18 43.00
CA LEU B 645 -24.55 31.41 42.51
C LEU B 645 -24.58 32.59 41.55
N LYS B 646 -25.31 32.42 40.45
CA LYS B 646 -25.43 33.48 39.44
C LYS B 646 -26.65 34.35 39.75
N PRO B 647 -26.48 35.66 39.96
CA PRO B 647 -27.58 36.56 40.26
C PRO B 647 -28.28 37.08 39.01
N SER B 713 -15.16 26.08 61.72
CA SER B 713 -15.38 25.15 60.62
C SER B 713 -14.16 24.26 60.41
N GLN B 714 -13.23 24.28 61.37
CA GLN B 714 -12.04 23.45 61.27
C GLN B 714 -12.40 21.96 61.34
N MET B 715 -13.33 21.61 62.23
CA MET B 715 -13.73 20.21 62.37
C MET B 715 -14.39 19.70 61.10
N SER B 716 -15.20 20.53 60.44
CA SER B 716 -15.83 20.13 59.20
C SER B 716 -14.79 19.85 58.11
N LEU B 717 -13.79 20.73 58.00
CA LEU B 717 -12.73 20.51 57.02
C LEU B 717 -11.92 19.26 57.34
N GLU B 718 -11.65 19.03 58.62
CA GLU B 718 -10.90 17.84 59.03
C GLU B 718 -11.68 16.57 58.70
N LYS B 719 -12.98 16.57 58.97
CA LYS B 719 -13.80 15.40 58.67
C LYS B 719 -13.93 15.17 57.17
N ARG B 720 -14.09 16.24 56.39
CA ARG B 720 -14.29 16.10 54.96
C ARG B 720 -13.02 15.64 54.25
N PHE B 721 -11.89 16.26 54.58
CA PHE B 721 -10.65 15.98 53.86
C PHE B 721 -9.81 14.92 54.55
N GLY B 722 -9.40 15.16 55.78
CA GLY B 722 -8.58 14.19 56.49
C GLY B 722 -7.90 14.84 57.69
N GLN B 723 -6.96 14.08 58.26
CA GLN B 723 -6.25 14.50 59.46
C GLN B 723 -4.97 15.27 59.16
N SER B 724 -4.65 15.51 57.89
CA SER B 724 -3.44 16.24 57.51
C SER B 724 -3.73 17.73 57.55
N ALA B 725 -3.09 18.43 58.48
CA ALA B 725 -3.31 19.87 58.62
C ALA B 725 -2.73 20.63 57.43
N VAL B 726 -1.60 20.15 56.89
CA VAL B 726 -0.98 20.84 55.76
C VAL B 726 -1.90 20.81 54.54
N PHE B 727 -2.51 19.65 54.27
CA PHE B 727 -3.42 19.55 53.13
C PHE B 727 -4.64 20.45 53.32
N VAL B 728 -5.19 20.48 54.53
CA VAL B 728 -6.35 21.34 54.79
C VAL B 728 -5.99 22.80 54.60
N ALA B 729 -4.81 23.21 55.10
CA ALA B 729 -4.36 24.59 54.90
C ALA B 729 -4.16 24.90 53.42
N SER B 730 -3.63 23.94 52.66
CA SER B 730 -3.40 24.16 51.24
C SER B 730 -4.73 24.28 50.49
N THR B 731 -5.75 23.56 50.92
CA THR B 731 -7.06 23.66 50.28
C THR B 731 -7.67 25.05 50.41
N LEU B 732 -7.23 25.85 51.37
CA LEU B 732 -7.76 27.20 51.58
C LEU B 732 -7.01 28.26 50.77
N MET B 733 -5.97 27.89 50.04
CA MET B 733 -5.22 28.83 49.23
C MET B 733 -6.01 29.14 47.96
N GLU B 734 -6.42 30.40 47.81
CA GLU B 734 -7.27 30.77 46.68
C GLU B 734 -6.48 30.78 45.37
N ASN B 735 -5.20 31.14 45.42
CA ASN B 735 -4.36 31.23 44.24
C ASN B 735 -3.44 30.03 44.08
N GLY B 736 -3.60 29.01 44.90
CA GLY B 736 -2.75 27.83 44.81
C GLY B 736 -1.36 28.08 45.36
N GLY B 737 -0.45 27.17 45.02
CA GLY B 737 0.91 27.26 45.49
C GLY B 737 1.07 26.79 46.92
N VAL B 738 2.32 26.81 47.38
CA VAL B 738 2.65 26.40 48.75
C VAL B 738 3.12 27.62 49.53
N PRO B 739 2.77 27.74 50.81
CA PRO B 739 3.25 28.88 51.59
C PRO B 739 4.76 28.85 51.78
N GLN B 740 5.35 30.04 51.89
CA GLN B 740 6.78 30.14 52.09
C GLN B 740 7.15 29.69 53.50
N SER B 741 8.46 29.58 53.73
CA SER B 741 9.09 29.09 54.96
C SER B 741 8.81 27.61 55.17
N ALA B 742 8.28 26.90 54.17
CA ALA B 742 8.05 25.47 54.27
C ALA B 742 9.29 24.72 53.80
N THR B 743 9.88 23.94 54.70
CA THR B 743 11.10 23.21 54.39
C THR B 743 10.77 22.03 53.48
N PRO B 744 11.49 21.86 52.37
CA PRO B 744 11.24 20.69 51.50
C PRO B 744 11.40 19.36 52.22
N GLU B 745 12.33 19.29 53.19
CA GLU B 745 12.48 18.08 53.97
C GLU B 745 11.23 17.74 54.76
N THR B 746 10.45 18.76 55.15
CA THR B 746 9.18 18.54 55.82
C THR B 746 8.04 18.34 54.83
N LEU B 747 8.11 18.99 53.66
CA LEU B 747 7.09 18.79 52.64
C LEU B 747 7.09 17.35 52.14
N LEU B 748 8.27 16.76 51.97
CA LEU B 748 8.36 15.36 51.58
C LEU B 748 7.76 14.45 52.64
N LYS B 749 8.03 14.74 53.91
CA LYS B 749 7.44 13.93 54.99
C LYS B 749 5.93 14.05 55.00
N GLU B 750 5.40 15.26 54.81
CA GLU B 750 3.95 15.44 54.77
C GLU B 750 3.33 14.72 53.59
N ALA B 751 3.99 14.77 52.43
CA ALA B 751 3.48 14.08 51.25
C ALA B 751 3.50 12.57 51.45
N ILE B 752 4.52 12.05 52.14
CA ILE B 752 4.54 10.63 52.48
C ILE B 752 3.40 10.30 53.44
N HIS B 753 3.13 11.20 54.39
CA HIS B 753 2.06 10.96 55.35
C HIS B 753 0.70 10.91 54.67
N VAL B 754 0.42 11.83 53.75
CA VAL B 754 -0.88 11.88 53.11
C VAL B 754 -1.08 10.76 52.10
N ILE B 755 -0.01 10.06 51.73
CA ILE B 755 -0.11 8.98 50.75
C ILE B 755 -0.22 7.62 51.41
N SER B 756 -0.32 7.59 52.74
CA SER B 756 -0.43 6.34 53.47
C SER B 756 -1.74 5.62 53.14
N CYS B 757 -1.72 4.29 53.30
CA CYS B 757 -2.87 3.48 52.93
C CYS B 757 -4.07 3.79 53.81
N GLY B 758 -3.86 3.95 55.11
CA GLY B 758 -4.96 4.17 56.03
C GLY B 758 -5.27 5.63 56.27
N TYR B 759 -5.25 6.44 55.22
CA TYR B 759 -5.53 7.86 55.36
C TYR B 759 -7.00 8.20 55.08
N GLU B 760 -7.59 7.59 54.05
CA GLU B 760 -8.96 7.92 53.66
C GLU B 760 -9.97 7.14 54.50
N ASP B 761 -9.87 7.29 55.82
CA ASP B 761 -10.83 6.71 56.74
C ASP B 761 -11.64 7.82 57.40
N LYS B 762 -12.94 7.57 57.57
CA LYS B 762 -13.88 8.55 58.14
C LYS B 762 -13.89 9.86 57.36
N THR B 763 -13.51 9.83 56.10
CA THR B 763 -13.48 11.01 55.25
C THR B 763 -14.43 10.85 54.07
N ASP B 764 -14.60 11.92 53.32
CA ASP B 764 -15.47 11.94 52.15
C ASP B 764 -14.76 11.55 50.86
N TRP B 765 -13.49 11.18 50.94
CA TRP B 765 -12.76 10.80 49.73
C TRP B 765 -13.36 9.54 49.12
N GLY B 766 -13.65 9.62 47.82
CA GLY B 766 -14.19 8.49 47.10
C GLY B 766 -15.70 8.31 47.21
N SER B 767 -16.37 9.11 48.01
CA SER B 767 -17.82 9.03 48.16
C SER B 767 -18.52 10.33 47.83
N GLU B 768 -17.96 11.47 48.22
CA GLU B 768 -18.53 12.78 47.91
C GLU B 768 -17.55 13.74 47.23
N ILE B 769 -16.25 13.53 47.35
CA ILE B 769 -15.26 14.40 46.75
C ILE B 769 -14.25 13.56 45.99
N GLY B 770 -13.59 14.20 45.01
CA GLY B 770 -12.58 13.53 44.23
C GLY B 770 -13.18 12.46 43.32
N TRP B 771 -12.33 11.47 42.99
CA TRP B 771 -12.76 10.36 42.16
C TRP B 771 -13.65 9.43 42.99
N ILE B 772 -14.89 9.26 42.56
CA ILE B 772 -15.88 8.50 43.34
C ILE B 772 -15.61 7.02 43.20
N TYR B 773 -15.52 6.32 44.32
CA TYR B 773 -15.16 4.91 44.33
C TYR B 773 -16.29 4.04 43.80
N GLY B 774 -15.95 2.78 43.54
CA GLY B 774 -16.91 1.82 43.04
C GLY B 774 -16.31 0.89 42.00
N SER B 775 -17.01 -0.19 41.66
CA SER B 775 -16.59 -1.13 40.64
C SER B 775 -17.02 -0.69 39.24
N VAL B 776 -17.27 0.59 39.05
CA VAL B 776 -17.74 1.13 37.78
C VAL B 776 -16.55 1.71 37.04
N THR B 777 -16.73 2.01 35.75
CA THR B 777 -15.71 2.70 34.98
C THR B 777 -15.29 4.00 35.65
N GLU B 778 -16.18 4.57 36.46
CA GLU B 778 -15.93 5.63 37.43
C GLU B 778 -15.76 7.00 36.77
N ASP B 779 -15.57 7.07 35.47
CA ASP B 779 -15.43 8.38 34.84
C ASP B 779 -16.77 9.03 34.54
N ILE B 780 -17.86 8.29 34.60
CA ILE B 780 -19.19 8.90 34.48
C ILE B 780 -19.68 9.37 35.85
N LEU B 781 -19.35 8.63 36.90
CA LEU B 781 -19.86 8.95 38.24
C LEU B 781 -19.31 10.28 38.74
N THR B 782 -18.01 10.52 38.57
CA THR B 782 -17.40 11.75 39.06
C THR B 782 -17.98 12.96 38.33
N GLY B 783 -18.05 12.90 37.00
CA GLY B 783 -18.61 14.01 36.25
C GLY B 783 -20.06 14.25 36.57
N PHE B 784 -20.84 13.17 36.75
CA PHE B 784 -22.25 13.34 37.08
C PHE B 784 -22.43 13.96 38.46
N LYS B 785 -21.61 13.55 39.43
CA LYS B 785 -21.69 14.14 40.76
C LYS B 785 -21.29 15.60 40.74
N MET B 786 -20.29 15.96 39.93
CA MET B 786 -19.93 17.36 39.76
C MET B 786 -21.07 18.16 39.15
N HIS B 787 -21.72 17.59 38.12
CA HIS B 787 -22.81 18.28 37.45
C HIS B 787 -24.02 18.44 38.35
N ALA B 788 -24.25 17.49 39.26
CA ALA B 788 -25.40 17.56 40.15
C ALA B 788 -25.33 18.75 41.10
N ARG B 789 -24.16 19.35 41.27
CA ARG B 789 -24.01 20.54 42.11
C ARG B 789 -24.18 21.83 41.34
N GLY B 790 -24.45 21.76 40.04
CA GLY B 790 -24.62 22.95 39.23
C GLY B 790 -23.40 23.38 38.45
N TRP B 791 -22.34 22.58 38.44
CA TRP B 791 -21.14 22.94 37.70
C TRP B 791 -21.37 22.81 36.20
N ARG B 792 -20.60 23.59 35.44
CA ARG B 792 -20.65 23.58 33.99
C ARG B 792 -19.34 23.04 33.44
N SER B 793 -19.44 22.14 32.46
CA SER B 793 -18.27 21.55 31.83
C SER B 793 -18.14 22.06 30.40
N ILE B 794 -16.91 22.09 29.91
CA ILE B 794 -16.58 22.68 28.61
C ILE B 794 -16.01 21.60 27.71
N TYR B 795 -16.49 21.56 26.47
CA TYR B 795 -15.99 20.65 25.45
C TYR B 795 -15.13 21.45 24.48
N CYS B 796 -13.83 21.16 24.48
CA CYS B 796 -12.87 21.85 23.63
C CYS B 796 -12.47 20.95 22.47
N MET B 797 -12.56 21.47 21.26
CA MET B 797 -12.24 20.72 20.03
C MET B 797 -11.28 21.52 19.17
N PRO B 798 -9.98 21.47 19.49
CA PRO B 798 -9.00 22.15 18.64
C PRO B 798 -8.89 21.48 17.28
N LYS B 799 -8.44 22.26 16.29
CA LYS B 799 -8.28 21.72 14.94
C LYS B 799 -7.27 20.56 14.94
N ARG B 800 -6.14 20.76 15.60
CA ARG B 800 -5.19 19.66 15.81
C ARG B 800 -5.52 18.96 17.12
N PRO B 801 -5.69 17.64 17.13
CA PRO B 801 -6.06 16.96 18.37
C PRO B 801 -5.05 17.20 19.48
N ALA B 802 -5.56 17.43 20.69
CA ALA B 802 -4.69 17.73 21.82
C ALA B 802 -3.93 16.50 22.27
N PHE B 803 -4.62 15.36 22.39
CA PHE B 803 -4.02 14.12 22.85
C PHE B 803 -4.37 12.99 21.90
N LYS B 804 -3.43 12.06 21.74
CA LYS B 804 -3.63 10.90 20.88
C LYS B 804 -3.19 9.64 21.61
N GLY B 805 -3.89 8.54 21.31
CA GLY B 805 -3.61 7.27 21.95
C GLY B 805 -3.51 6.12 20.98
N SER B 806 -3.58 4.90 21.49
CA SER B 806 -3.50 3.69 20.68
C SER B 806 -4.77 2.88 20.85
N ALA B 807 -5.41 2.53 19.73
CA ALA B 807 -6.62 1.74 19.75
C ALA B 807 -6.29 0.26 19.95
N PRO B 808 -7.23 -0.52 20.49
CA PRO B 808 -6.98 -1.96 20.64
C PRO B 808 -6.78 -2.62 19.28
N ILE B 809 -5.88 -3.60 19.25
CA ILE B 809 -5.50 -4.26 18.01
C ILE B 809 -6.46 -5.40 17.66
N ASN B 810 -6.84 -6.21 18.65
CA ASN B 810 -7.71 -7.34 18.43
C ASN B 810 -9.13 -7.04 18.88
N LEU B 811 -10.09 -7.79 18.32
CA LEU B 811 -11.49 -7.59 18.67
C LEU B 811 -11.79 -8.03 20.11
N SER B 812 -10.95 -8.90 20.69
CA SER B 812 -11.19 -9.36 22.05
C SER B 812 -11.14 -8.20 23.04
N ASP B 813 -10.14 -7.32 22.89
CA ASP B 813 -10.02 -6.17 23.80
C ASP B 813 -11.21 -5.22 23.63
N ARG B 814 -11.63 -4.98 22.39
CA ARG B 814 -12.78 -4.11 22.15
C ARG B 814 -14.04 -4.68 22.78
N LEU B 815 -14.28 -5.97 22.59
CA LEU B 815 -15.44 -6.60 23.20
C LEU B 815 -15.37 -6.55 24.72
N ASN B 816 -14.18 -6.79 25.29
CA ASN B 816 -14.03 -6.75 26.73
C ASN B 816 -14.30 -5.36 27.29
N GLN B 817 -13.81 -4.32 26.60
CA GLN B 817 -14.03 -2.97 27.10
C GLN B 817 -15.47 -2.52 26.91
N VAL B 818 -16.14 -2.99 25.85
CA VAL B 818 -17.58 -2.70 25.69
C VAL B 818 -18.37 -3.38 26.81
N LEU B 819 -18.02 -4.63 27.12
CA LEU B 819 -18.67 -5.32 28.22
C LEU B 819 -18.42 -4.61 29.55
N ARG B 820 -17.20 -4.11 29.75
CA ARG B 820 -16.88 -3.37 30.97
C ARG B 820 -17.70 -2.09 31.06
N TRP B 821 -17.84 -1.36 29.95
CA TRP B 821 -18.64 -0.15 29.96
C TRP B 821 -20.10 -0.44 30.27
N ALA B 822 -20.65 -1.50 29.65
CA ALA B 822 -22.06 -1.83 29.89
C ALA B 822 -22.27 -2.32 31.32
N LEU B 823 -21.31 -3.08 31.86
CA LEU B 823 -21.39 -3.51 33.25
C LEU B 823 -21.34 -2.31 34.19
N GLY B 824 -20.49 -1.34 33.90
CA GLY B 824 -20.46 -0.13 34.71
C GLY B 824 -21.76 0.64 34.64
N SER B 825 -22.36 0.71 33.45
CA SER B 825 -23.64 1.40 33.30
C SER B 825 -24.74 0.71 34.10
N VAL B 826 -24.82 -0.61 34.01
CA VAL B 826 -25.88 -1.32 34.73
C VAL B 826 -25.63 -1.26 36.23
N GLU B 827 -24.36 -1.20 36.64
CA GLU B 827 -24.05 -1.00 38.05
C GLU B 827 -24.50 0.38 38.52
N ILE B 828 -24.30 1.40 37.68
CA ILE B 828 -24.79 2.74 38.00
C ILE B 828 -26.31 2.73 38.13
N LEU B 829 -26.98 1.93 37.29
CA LEU B 829 -28.45 1.88 37.33
C LEU B 829 -28.94 1.42 38.70
N PHE B 830 -28.37 0.34 39.24
CA PHE B 830 -28.69 -0.12 40.57
C PHE B 830 -27.67 0.42 41.58
N SER B 831 -27.73 1.73 41.78
CA SER B 831 -26.86 2.40 42.75
C SER B 831 -27.52 3.69 43.18
N ARG B 832 -27.01 4.26 44.27
CA ARG B 832 -27.57 5.50 44.80
C ARG B 832 -27.40 6.67 43.84
N HIS B 833 -26.33 6.66 43.03
CA HIS B 833 -26.03 7.74 42.12
C HIS B 833 -26.73 7.59 40.77
N CYS B 834 -27.81 6.84 40.71
CA CYS B 834 -28.52 6.66 39.45
C CYS B 834 -29.26 7.96 39.11
N PRO B 835 -29.19 8.43 37.87
CA PRO B 835 -29.71 9.77 37.55
C PRO B 835 -31.22 9.91 37.67
N ILE B 836 -31.96 8.79 37.80
CA ILE B 836 -33.42 8.87 37.80
C ILE B 836 -33.92 9.66 39.00
N TRP B 837 -33.39 9.37 40.19
CA TRP B 837 -33.81 10.07 41.39
C TRP B 837 -32.70 10.80 42.13
N TYR B 838 -31.43 10.47 41.89
CA TYR B 838 -30.36 11.18 42.58
C TYR B 838 -30.25 12.61 42.09
N GLY B 839 -30.06 13.54 43.02
CA GLY B 839 -29.93 14.94 42.69
C GLY B 839 -31.23 15.65 42.39
N TYR B 840 -32.37 15.06 42.74
CA TYR B 840 -33.65 15.71 42.51
C TYR B 840 -33.76 16.99 43.34
N GLY B 841 -34.24 18.06 42.70
CA GLY B 841 -34.33 19.34 43.36
C GLY B 841 -33.03 20.11 43.41
N GLY B 842 -31.97 19.62 42.77
CA GLY B 842 -30.69 20.29 42.76
C GLY B 842 -30.56 21.28 41.64
N ARG B 843 -29.31 21.53 41.23
CA ARG B 843 -28.98 22.48 40.18
C ARG B 843 -28.59 21.78 38.88
N LEU B 844 -29.16 20.61 38.61
CA LEU B 844 -28.90 19.87 37.40
C LEU B 844 -30.00 20.14 36.39
N LYS B 845 -29.61 20.48 35.16
CA LYS B 845 -30.59 20.75 34.11
C LYS B 845 -31.38 19.49 33.77
N TRP B 846 -32.67 19.69 33.48
CA TRP B 846 -33.53 18.55 33.21
C TRP B 846 -33.11 17.81 31.93
N LEU B 847 -32.66 18.55 30.91
CA LEU B 847 -32.18 17.91 29.70
C LEU B 847 -30.88 17.15 29.97
N GLU B 848 -30.02 17.69 30.83
CA GLU B 848 -28.81 16.97 31.22
C GLU B 848 -29.16 15.69 31.96
N ARG B 849 -30.17 15.74 32.83
CA ARG B 849 -30.62 14.52 33.51
C ARG B 849 -31.17 13.52 32.50
N PHE B 850 -31.91 14.00 31.49
CA PHE B 850 -32.40 13.11 30.45
C PHE B 850 -31.26 12.43 29.72
N ALA B 851 -30.21 13.20 29.38
CA ALA B 851 -29.05 12.62 28.70
C ALA B 851 -28.33 11.61 29.60
N TYR B 852 -28.25 11.90 30.89
CA TYR B 852 -27.60 10.97 31.81
C TYR B 852 -28.39 9.67 31.93
N VAL B 853 -29.71 9.77 32.00
CA VAL B 853 -30.56 8.58 32.00
C VAL B 853 -30.39 7.81 30.70
N ASN B 854 -30.24 8.53 29.59
CA ASN B 854 -30.01 7.89 28.29
C ASN B 854 -28.71 7.08 28.31
N THR B 855 -27.62 7.70 28.76
CA THR B 855 -26.33 7.02 28.76
C THR B 855 -26.19 6.02 29.91
N THR B 856 -27.16 5.97 30.83
CA THR B 856 -27.11 5.02 31.94
C THR B 856 -27.92 3.76 31.67
N ILE B 857 -29.16 3.88 31.22
CA ILE B 857 -30.06 2.75 31.09
C ILE B 857 -30.01 2.15 29.67
N TYR B 858 -29.02 2.52 28.87
CA TYR B 858 -28.96 2.03 27.49
C TYR B 858 -28.85 0.52 27.36
N PRO B 859 -28.00 -0.22 28.11
CA PRO B 859 -27.86 -1.66 27.83
C PRO B 859 -29.12 -2.45 28.12
N VAL B 860 -30.05 -1.91 28.90
CA VAL B 860 -31.33 -2.59 29.11
C VAL B 860 -32.04 -2.81 27.79
N THR B 861 -31.90 -1.84 26.86
CA THR B 861 -32.45 -1.97 25.51
C THR B 861 -32.04 -3.29 24.84
N ALA B 862 -30.96 -3.91 25.29
CA ALA B 862 -30.53 -5.18 24.73
C ALA B 862 -31.61 -6.25 24.84
N ILE B 863 -32.37 -6.25 25.93
CA ILE B 863 -33.35 -7.33 26.16
C ILE B 863 -34.42 -7.38 25.07
N PRO B 864 -35.09 -6.28 24.73
CA PRO B 864 -36.06 -6.36 23.61
C PRO B 864 -35.40 -6.63 22.27
N LEU B 865 -34.23 -6.01 22.00
CA LEU B 865 -33.56 -6.18 20.72
C LEU B 865 -33.37 -7.65 20.37
N LEU B 866 -32.77 -8.40 21.29
CA LEU B 866 -32.62 -9.85 21.10
C LEU B 866 -33.95 -10.49 20.71
N ILE B 867 -35.00 -10.18 21.47
CA ILE B 867 -36.33 -10.71 21.15
C ILE B 867 -36.73 -10.35 19.74
N TYR B 868 -36.55 -9.08 19.36
CA TYR B 868 -36.87 -8.67 18.00
C TYR B 868 -36.00 -9.40 17.00
N CYS B 869 -34.73 -9.63 17.34
CA CYS B 869 -33.84 -10.38 16.44
C CYS B 869 -34.31 -11.82 16.31
N ILE B 870 -35.01 -12.35 17.31
CA ILE B 870 -35.59 -13.68 17.20
C ILE B 870 -36.88 -13.65 16.39
N LEU B 871 -37.51 -12.47 16.26
CA LEU B 871 -38.83 -12.39 15.64
C LEU B 871 -38.86 -12.91 14.19
N PRO B 872 -37.90 -12.57 13.31
CA PRO B 872 -38.00 -13.08 11.92
C PRO B 872 -37.98 -14.60 11.82
N ALA B 873 -37.05 -15.26 12.51
CA ALA B 873 -36.86 -16.69 12.34
C ALA B 873 -38.15 -17.46 12.62
N VAL B 874 -38.76 -17.22 13.78
CA VAL B 874 -40.05 -17.84 14.08
C VAL B 874 -41.07 -17.45 13.03
N CYS B 875 -41.11 -16.16 12.67
CA CYS B 875 -42.00 -15.70 11.61
C CYS B 875 -41.77 -16.49 10.32
N LEU B 876 -40.53 -16.89 10.06
CA LEU B 876 -40.25 -17.72 8.89
C LEU B 876 -40.67 -19.16 9.13
N LEU B 877 -40.44 -19.69 10.33
CA LEU B 877 -40.76 -21.08 10.61
C LEU B 877 -42.26 -21.28 10.82
N THR B 878 -42.90 -20.37 11.54
CA THR B 878 -44.32 -20.50 11.83
C THR B 878 -45.17 -20.19 10.59
N ASN B 879 -44.61 -19.48 9.61
CA ASN B 879 -45.28 -19.13 8.35
C ASN B 879 -46.40 -18.11 8.60
N LYS B 880 -46.14 -17.15 9.49
CA LYS B 880 -47.02 -16.01 9.69
C LYS B 880 -46.16 -14.76 9.85
N PHE B 881 -46.67 -13.64 9.33
CA PHE B 881 -45.95 -12.38 9.35
C PHE B 881 -46.42 -11.53 10.51
N ILE B 882 -45.54 -10.65 10.99
CA ILE B 882 -45.82 -9.87 12.19
C ILE B 882 -46.94 -8.87 11.93
N ILE B 883 -46.94 -8.24 10.77
CA ILE B 883 -47.95 -7.22 10.44
C ILE B 883 -49.19 -7.90 9.86
N PRO B 884 -50.35 -7.24 9.89
CA PRO B 884 -51.54 -7.83 9.26
C PRO B 884 -51.46 -7.80 7.74
N GLN B 885 -52.56 -8.13 7.06
CA GLN B 885 -52.58 -8.10 5.60
C GLN B 885 -52.17 -6.73 5.10
N ILE B 886 -51.33 -6.72 4.07
CA ILE B 886 -50.76 -5.48 3.56
C ILE B 886 -51.87 -4.57 3.05
N SER B 887 -51.77 -3.29 3.39
CA SER B 887 -52.75 -2.28 2.99
C SER B 887 -52.04 -1.03 2.50
N ASN B 888 -52.63 -0.38 1.49
CA ASN B 888 -52.06 0.87 0.98
C ASN B 888 -52.08 1.95 2.05
N LEU B 889 -53.18 2.05 2.79
CA LEU B 889 -53.29 3.02 3.89
C LEU B 889 -52.19 2.82 4.93
N ALA B 890 -51.67 1.60 5.06
CA ALA B 890 -50.54 1.31 5.93
C ALA B 890 -49.21 1.41 5.22
N SER B 891 -49.14 0.98 3.96
CA SER B 891 -47.88 1.01 3.23
C SER B 891 -47.38 2.44 3.04
N ILE B 892 -48.29 3.40 2.92
CA ILE B 892 -47.87 4.79 2.82
C ILE B 892 -47.12 5.21 4.09
N TRP B 893 -47.65 4.84 5.25
CA TRP B 893 -46.98 5.16 6.51
C TRP B 893 -45.65 4.42 6.63
N PHE B 894 -45.62 3.15 6.23
CA PHE B 894 -44.35 2.41 6.29
C PHE B 894 -43.27 3.07 5.44
N ILE B 895 -43.58 3.35 4.17
CA ILE B 895 -42.60 3.92 3.26
C ILE B 895 -42.17 5.30 3.73
N SER B 896 -43.14 6.13 4.16
CA SER B 896 -42.82 7.47 4.62
C SER B 896 -41.98 7.44 5.89
N LEU B 897 -42.23 6.47 6.78
CA LEU B 897 -41.40 6.32 7.97
C LEU B 897 -39.97 5.95 7.61
N PHE B 898 -39.80 5.00 6.67
CA PHE B 898 -38.46 4.63 6.25
C PHE B 898 -37.73 5.82 5.62
N LEU B 899 -38.44 6.59 4.79
CA LEU B 899 -37.84 7.76 4.18
C LEU B 899 -37.48 8.81 5.23
N SER B 900 -38.31 8.97 6.25
CA SER B 900 -37.99 9.91 7.33
C SER B 900 -36.74 9.48 8.07
N ILE B 901 -36.59 8.18 8.33
CA ILE B 901 -35.38 7.67 8.98
C ILE B 901 -34.16 7.97 8.11
N PHE B 902 -34.26 7.71 6.81
CA PHE B 902 -33.14 7.98 5.93
C PHE B 902 -32.81 9.47 5.89
N ALA B 903 -33.83 10.32 5.87
CA ALA B 903 -33.61 11.76 5.80
C ALA B 903 -32.97 12.29 7.07
N THR B 904 -33.41 11.83 8.23
CA THR B 904 -32.80 12.29 9.48
C THR B 904 -31.37 11.78 9.60
N GLY B 905 -31.10 10.58 9.11
CA GLY B 905 -29.72 10.12 9.04
C GLY B 905 -28.86 11.00 8.15
N ILE B 906 -29.40 11.38 6.99
CA ILE B 906 -28.66 12.23 6.06
C ILE B 906 -28.37 13.59 6.69
N LEU B 907 -29.35 14.16 7.39
CA LEU B 907 -29.16 15.48 7.98
C LEU B 907 -28.19 15.43 9.16
N GLU B 908 -28.29 14.37 9.98
CA GLU B 908 -27.32 14.19 11.06
C GLU B 908 -25.91 14.03 10.49
N MET B 909 -25.80 13.39 9.33
CA MET B 909 -24.53 13.37 8.61
C MET B 909 -24.07 14.76 8.22
N ARG B 910 -24.97 15.53 7.61
CA ARG B 910 -24.55 16.76 6.95
C ARG B 910 -24.17 17.85 7.95
N TRP B 911 -24.82 17.89 9.12
CA TRP B 911 -24.46 18.93 10.08
C TRP B 911 -23.22 18.58 10.89
N SER B 912 -22.79 17.31 10.90
CA SER B 912 -21.62 16.90 11.67
C SER B 912 -20.45 16.44 10.83
N GLY B 913 -20.68 16.05 9.57
CA GLY B 913 -19.60 15.55 8.75
C GLY B 913 -19.08 14.19 9.13
N VAL B 914 -19.90 13.37 9.78
CA VAL B 914 -19.45 12.05 10.22
C VAL B 914 -19.20 11.14 9.01
N GLY B 915 -20.13 11.12 8.07
CA GLY B 915 -19.97 10.29 6.89
C GLY B 915 -20.91 9.08 6.92
N ILE B 916 -21.28 8.62 5.72
CA ILE B 916 -22.19 7.49 5.62
C ILE B 916 -21.53 6.21 6.11
N ASP B 917 -20.24 6.04 5.82
CA ASP B 917 -19.53 4.85 6.26
C ASP B 917 -19.57 4.73 7.78
N GLU B 918 -19.16 5.79 8.48
CA GLU B 918 -19.09 5.71 9.94
C GLU B 918 -20.47 5.66 10.56
N TRP B 919 -21.45 6.33 9.98
CA TRP B 919 -22.82 6.29 10.51
C TRP B 919 -23.40 4.88 10.41
N TRP B 920 -23.25 4.25 9.25
CA TRP B 920 -23.74 2.88 9.08
C TRP B 920 -22.97 1.91 9.96
N ARG B 921 -21.66 2.12 10.10
CA ARG B 921 -20.87 1.29 11.00
C ARG B 921 -21.36 1.43 12.44
N ASN B 922 -21.68 2.65 12.85
CA ASN B 922 -22.18 2.87 14.22
C ASN B 922 -23.53 2.20 14.41
N GLU B 923 -24.40 2.26 13.40
CA GLU B 923 -25.71 1.61 13.53
C GLU B 923 -25.56 0.11 13.69
N GLN B 924 -24.82 -0.53 12.78
CA GLN B 924 -24.63 -1.97 12.87
C GLN B 924 -23.85 -2.34 14.13
N PHE B 925 -23.00 -1.43 14.62
CA PHE B 925 -22.24 -1.73 15.83
C PHE B 925 -23.11 -1.60 17.07
N TRP B 926 -24.07 -0.67 17.08
CA TRP B 926 -25.06 -0.66 18.13
C TRP B 926 -25.87 -1.95 18.13
N VAL B 927 -26.22 -2.45 16.94
CA VAL B 927 -26.95 -3.72 16.87
C VAL B 927 -26.12 -4.84 17.46
N ILE B 928 -24.86 -4.98 17.00
CA ILE B 928 -24.03 -6.09 17.44
C ILE B 928 -23.73 -5.98 18.92
N GLY B 929 -23.53 -4.77 19.43
CA GLY B 929 -23.32 -4.60 20.86
C GLY B 929 -24.52 -5.01 21.67
N GLY B 930 -25.72 -4.54 21.28
CA GLY B 930 -26.92 -4.91 22.01
C GLY B 930 -27.17 -6.40 22.03
N VAL B 931 -26.87 -7.10 20.93
CA VAL B 931 -27.11 -8.53 20.90
C VAL B 931 -25.97 -9.36 21.49
N SER B 932 -24.76 -8.80 21.56
CA SER B 932 -23.60 -9.57 22.00
C SER B 932 -23.17 -9.24 23.42
N ALA B 933 -22.79 -7.98 23.66
CA ALA B 933 -22.16 -7.62 24.91
C ALA B 933 -23.12 -7.00 25.91
N HIS B 934 -24.06 -6.19 25.42
CA HIS B 934 -25.05 -5.58 26.31
C HIS B 934 -25.91 -6.65 26.96
N LEU B 935 -26.25 -7.71 26.22
CA LEU B 935 -27.05 -8.79 26.78
C LEU B 935 -26.33 -9.49 27.92
N PHE B 936 -25.06 -9.86 27.69
CA PHE B 936 -24.28 -10.50 28.74
C PHE B 936 -24.09 -9.58 29.94
N ALA B 937 -23.86 -8.29 29.69
CA ALA B 937 -23.68 -7.35 30.79
C ALA B 937 -24.96 -7.21 31.61
N VAL B 938 -26.12 -7.16 30.94
CA VAL B 938 -27.38 -7.08 31.66
C VAL B 938 -27.62 -8.35 32.47
N PHE B 939 -27.33 -9.51 31.89
CA PHE B 939 -27.48 -10.76 32.63
C PHE B 939 -26.60 -10.78 33.87
N GLN B 940 -25.33 -10.39 33.71
CA GLN B 940 -24.40 -10.41 34.84
C GLN B 940 -24.80 -9.38 35.90
N GLY B 941 -25.27 -8.22 35.48
CA GLY B 941 -25.71 -7.22 36.45
C GLY B 941 -26.95 -7.66 37.21
N LEU B 942 -27.90 -8.28 36.52
CA LEU B 942 -29.08 -8.80 37.20
C LEU B 942 -28.70 -9.90 38.18
N LEU B 943 -27.78 -10.78 37.78
CA LEU B 943 -27.32 -11.82 38.70
C LEU B 943 -26.63 -11.23 39.92
N LYS B 944 -25.80 -10.19 39.71
CA LYS B 944 -25.11 -9.55 40.82
C LYS B 944 -26.08 -8.86 41.77
N VAL B 945 -27.08 -8.17 41.22
CA VAL B 945 -28.06 -7.49 42.05
C VAL B 945 -28.90 -8.49 42.84
N LEU B 946 -29.35 -9.55 42.17
CA LEU B 946 -30.14 -10.57 42.85
C LEU B 946 -29.29 -11.40 43.80
N ALA B 947 -28.02 -11.63 43.47
CA ALA B 947 -27.13 -12.40 44.33
C ALA B 947 -25.93 -11.55 44.75
N THR B 975 -14.63 -16.53 22.37
CA THR B 975 -15.14 -16.10 23.67
C THR B 975 -16.66 -16.25 23.71
N THR B 976 -17.22 -16.36 24.92
CA THR B 976 -18.66 -16.54 25.06
C THR B 976 -19.43 -15.32 24.56
N LEU B 977 -18.81 -14.13 24.61
CA LEU B 977 -19.50 -12.91 24.20
C LEU B 977 -19.92 -12.96 22.74
N LEU B 978 -19.23 -13.76 21.92
CA LEU B 978 -19.56 -13.90 20.51
C LEU B 978 -20.48 -15.07 20.22
N ILE B 979 -20.89 -15.83 21.24
CA ILE B 979 -21.63 -17.07 21.02
C ILE B 979 -23.10 -16.81 20.72
N PRO B 980 -23.83 -15.98 21.47
CA PRO B 980 -25.25 -15.75 21.14
C PRO B 980 -25.44 -15.25 19.72
N PRO B 981 -24.88 -14.09 19.35
CA PRO B 981 -25.29 -13.48 18.06
C PRO B 981 -24.96 -14.34 16.87
N THR B 982 -23.75 -14.93 16.85
CA THR B 982 -23.42 -15.93 15.84
C THR B 982 -24.55 -16.94 15.70
N THR B 983 -24.89 -17.62 16.80
CA THR B 983 -26.01 -18.55 16.80
C THR B 983 -27.25 -17.88 16.23
N LEU B 984 -27.59 -16.70 16.76
CA LEU B 984 -28.74 -15.96 16.24
C LEU B 984 -28.62 -15.78 14.74
N LEU B 985 -27.47 -15.25 14.29
CA LEU B 985 -27.24 -15.12 12.86
C LEU B 985 -27.44 -16.44 12.15
N ILE B 986 -26.80 -17.50 12.64
CA ILE B 986 -26.96 -18.82 12.02
C ILE B 986 -28.43 -19.18 11.99
N ILE B 987 -29.14 -18.98 13.10
CA ILE B 987 -30.56 -19.29 13.15
C ILE B 987 -31.28 -18.57 12.02
N ASN B 988 -31.05 -17.26 11.89
CA ASN B 988 -31.67 -16.50 10.81
C ASN B 988 -31.35 -17.13 9.48
N LEU B 989 -30.07 -17.42 9.24
CA LEU B 989 -29.68 -18.06 7.99
C LEU B 989 -30.46 -19.34 7.77
N VAL B 990 -30.52 -20.19 8.80
CA VAL B 990 -31.27 -21.44 8.68
C VAL B 990 -32.71 -21.13 8.30
N GLY B 991 -33.32 -20.18 9.01
CA GLY B 991 -34.70 -19.83 8.71
C GLY B 991 -34.86 -19.43 7.26
N VAL B 992 -33.91 -18.64 6.74
CA VAL B 992 -34.01 -18.21 5.34
C VAL B 992 -34.14 -19.41 4.43
N VAL B 993 -33.28 -20.42 4.63
CA VAL B 993 -33.37 -21.63 3.80
C VAL B 993 -34.76 -22.23 3.92
N ALA B 994 -35.23 -22.41 5.16
CA ALA B 994 -36.56 -22.98 5.37
C ALA B 994 -37.61 -22.18 4.62
N GLY B 995 -37.48 -20.85 4.61
CA GLY B 995 -38.47 -20.03 3.94
C GLY B 995 -38.66 -20.43 2.49
N ILE B 996 -37.55 -20.51 1.74
CA ILE B 996 -37.67 -20.83 0.32
C ILE B 996 -38.27 -22.21 0.14
N SER B 997 -38.02 -23.11 1.09
CA SER B 997 -38.61 -24.44 1.01
C SER B 997 -40.13 -24.36 0.95
N TYR B 998 -40.72 -23.54 1.83
CA TYR B 998 -42.18 -23.39 1.82
C TYR B 998 -42.65 -22.87 0.48
N ALA B 999 -41.87 -21.99 -0.15
CA ALA B 999 -42.22 -21.51 -1.48
C ALA B 999 -42.38 -22.68 -2.44
N ILE B 1000 -41.42 -23.61 -2.43
CA ILE B 1000 -41.48 -24.75 -3.34
C ILE B 1000 -42.77 -25.55 -3.11
N ASN B 1001 -43.27 -25.53 -1.87
CA ASN B 1001 -44.49 -26.26 -1.58
C ASN B 1001 -45.72 -25.51 -2.06
N SER B 1002 -45.71 -24.17 -1.94
CA SER B 1002 -46.98 -23.45 -1.96
C SER B 1002 -47.21 -22.72 -3.27
N GLY B 1003 -46.22 -22.71 -4.15
CA GLY B 1003 -46.43 -22.13 -5.47
C GLY B 1003 -46.90 -20.69 -5.45
N TYR B 1004 -48.20 -20.48 -5.69
CA TYR B 1004 -48.80 -19.15 -5.76
C TYR B 1004 -48.45 -18.28 -4.54
N GLN B 1005 -48.09 -18.93 -3.44
CA GLN B 1005 -47.72 -18.20 -2.23
C GLN B 1005 -46.20 -18.13 -2.07
N SER B 1006 -45.49 -18.03 -3.19
CA SER B 1006 -44.04 -17.85 -3.12
C SER B 1006 -43.67 -16.37 -3.02
N TRP B 1007 -44.38 -15.52 -3.78
CA TRP B 1007 -44.21 -14.08 -3.65
C TRP B 1007 -45.06 -13.54 -2.51
N GLY B 1008 -45.11 -12.22 -2.37
CA GLY B 1008 -45.96 -11.58 -1.39
C GLY B 1008 -45.45 -11.72 0.04
N PRO B 1009 -46.21 -12.44 0.88
CA PRO B 1009 -45.83 -12.55 2.29
C PRO B 1009 -44.44 -13.14 2.51
N LEU B 1010 -44.08 -14.14 1.71
CA LEU B 1010 -42.74 -14.71 1.84
C LEU B 1010 -41.67 -13.69 1.45
N PHE B 1011 -41.97 -12.84 0.46
CA PHE B 1011 -41.04 -11.78 0.09
C PHE B 1011 -40.87 -10.79 1.24
N GLY B 1012 -41.96 -10.46 1.92
CA GLY B 1012 -41.84 -9.59 3.09
C GLY B 1012 -41.01 -10.21 4.20
N LYS B 1013 -41.22 -11.51 4.44
CA LYS B 1013 -40.42 -12.20 5.44
C LYS B 1013 -38.94 -12.23 5.06
N LEU B 1014 -38.65 -12.47 3.77
CA LEU B 1014 -37.26 -12.45 3.31
C LEU B 1014 -36.66 -11.06 3.44
N PHE B 1015 -37.45 -10.02 3.16
CA PHE B 1015 -36.96 -8.66 3.33
C PHE B 1015 -36.60 -8.40 4.80
N PHE B 1016 -37.46 -8.83 5.71
CA PHE B 1016 -37.18 -8.64 7.14
C PHE B 1016 -35.94 -9.41 7.56
N ALA B 1017 -35.81 -10.66 7.10
CA ALA B 1017 -34.63 -11.46 7.43
C ALA B 1017 -33.36 -10.85 6.85
N PHE B 1018 -33.43 -10.34 5.63
CA PHE B 1018 -32.29 -9.69 5.02
C PHE B 1018 -31.89 -8.44 5.79
N TRP B 1019 -32.88 -7.66 6.24
CA TRP B 1019 -32.60 -6.50 7.06
C TRP B 1019 -31.85 -6.91 8.33
N VAL B 1020 -32.34 -7.97 9.00
CA VAL B 1020 -31.70 -8.40 10.24
C VAL B 1020 -30.28 -8.88 9.99
N ILE B 1021 -30.07 -9.69 8.95
CA ILE B 1021 -28.75 -10.27 8.74
C ILE B 1021 -27.77 -9.20 8.25
N ILE B 1022 -28.26 -8.19 7.52
CA ILE B 1022 -27.38 -7.12 7.08
C ILE B 1022 -27.03 -6.19 8.23
N HIS B 1023 -27.91 -6.10 9.24
CA HIS B 1023 -27.50 -5.46 10.48
C HIS B 1023 -26.46 -6.29 11.21
N LEU B 1024 -26.59 -7.61 11.15
CA LEU B 1024 -25.66 -8.53 11.77
C LEU B 1024 -24.46 -8.87 10.91
N TYR B 1025 -24.28 -8.17 9.78
CA TYR B 1025 -23.20 -8.49 8.86
C TYR B 1025 -21.80 -8.31 9.45
N PRO B 1026 -21.48 -7.20 10.13
CA PRO B 1026 -20.11 -7.06 10.67
C PRO B 1026 -19.79 -8.16 11.67
N PHE B 1027 -18.55 -8.63 11.62
CA PHE B 1027 -18.05 -9.75 12.43
C PHE B 1027 -18.92 -10.99 12.22
N LEU B 1028 -19.38 -11.64 13.29
CA LEU B 1028 -20.07 -12.94 13.23
C LEU B 1028 -19.42 -13.90 12.22
N GLU C 252 21.18 -40.66 33.54
CA GLU C 252 20.73 -39.29 33.79
C GLU C 252 20.73 -38.48 32.49
N ALA C 253 21.87 -38.45 31.80
CA ALA C 253 22.00 -37.74 30.53
C ALA C 253 21.51 -38.63 29.38
N ARG C 254 20.25 -39.04 29.50
CA ARG C 254 19.63 -39.93 28.51
C ARG C 254 18.44 -39.29 27.81
N GLN C 255 18.11 -38.04 28.11
CA GLN C 255 16.99 -37.39 27.47
C GLN C 255 17.28 -37.21 25.97
N PRO C 256 16.37 -37.61 25.09
CA PRO C 256 16.63 -37.48 23.65
C PRO C 256 16.75 -36.02 23.25
N LEU C 257 17.62 -35.77 22.26
CA LEU C 257 17.80 -34.42 21.75
C LEU C 257 16.59 -33.93 20.95
N SER C 258 15.69 -34.82 20.57
CA SER C 258 14.50 -34.43 19.83
C SER C 258 13.37 -35.39 20.19
N ARG C 259 12.14 -34.94 19.95
CA ARG C 259 10.96 -35.72 20.28
C ARG C 259 9.98 -35.69 19.12
N LYS C 260 9.43 -36.87 18.79
CA LYS C 260 8.40 -36.99 17.78
C LYS C 260 7.04 -36.85 18.47
N VAL C 261 6.37 -35.73 18.20
CA VAL C 261 5.08 -35.42 18.81
C VAL C 261 3.99 -35.93 17.88
N SER C 262 3.20 -36.87 18.37
CA SER C 262 2.02 -37.31 17.63
C SER C 262 0.93 -36.25 17.71
N ILE C 263 0.25 -36.03 16.58
CA ILE C 263 -0.84 -35.04 16.56
C ILE C 263 -1.91 -35.47 17.56
N PRO C 264 -2.35 -34.58 18.45
CA PRO C 264 -3.23 -35.02 19.55
C PRO C 264 -4.56 -35.57 19.04
N SER C 265 -5.13 -36.48 19.82
CA SER C 265 -6.34 -37.21 19.43
C SER C 265 -7.58 -36.35 19.57
N SER C 266 -7.57 -35.17 18.97
CA SER C 266 -8.73 -34.30 18.90
C SER C 266 -9.01 -33.76 17.51
N ARG C 267 -8.04 -33.78 16.61
CA ARG C 267 -8.21 -33.36 15.22
C ARG C 267 -7.91 -34.47 14.23
N ILE C 268 -6.89 -35.28 14.49
CA ILE C 268 -6.52 -36.33 13.55
C ILE C 268 -7.54 -37.46 13.55
N ASN C 269 -8.12 -37.78 14.71
CA ASN C 269 -9.13 -38.83 14.77
C ASN C 269 -10.41 -38.45 14.01
N PRO C 270 -10.98 -37.25 14.18
CA PRO C 270 -12.10 -36.87 13.30
C PRO C 270 -11.72 -36.89 11.84
N TYR C 271 -10.48 -36.50 11.53
CA TYR C 271 -10.01 -36.54 10.14
C TYR C 271 -10.05 -37.95 9.58
N ARG C 272 -9.52 -38.92 10.35
CA ARG C 272 -9.53 -40.31 9.90
C ARG C 272 -10.95 -40.84 9.78
N MET C 273 -11.82 -40.50 10.73
CA MET C 273 -13.21 -40.94 10.66
C MET C 273 -13.89 -40.39 9.41
N VAL C 274 -13.62 -39.12 9.08
CA VAL C 274 -14.23 -38.52 7.90
C VAL C 274 -13.67 -39.15 6.63
N ILE C 275 -12.39 -39.49 6.62
CA ILE C 275 -11.82 -40.19 5.46
C ILE C 275 -12.50 -41.55 5.28
N MET C 276 -12.72 -42.28 6.38
CA MET C 276 -13.39 -43.57 6.27
C MET C 276 -14.83 -43.40 5.77
N LEU C 277 -15.54 -42.40 6.28
CA LEU C 277 -16.88 -42.13 5.82
C LEU C 277 -16.89 -41.77 4.34
N ARG C 278 -15.90 -40.98 3.89
CA ARG C 278 -15.85 -40.59 2.49
C ARG C 278 -15.51 -41.79 1.61
N LEU C 279 -14.66 -42.70 2.10
CA LEU C 279 -14.40 -43.93 1.35
C LEU C 279 -15.67 -44.75 1.19
N VAL C 280 -16.43 -44.92 2.28
CA VAL C 280 -17.67 -45.69 2.23
C VAL C 280 -18.66 -45.04 1.27
N ILE C 281 -18.80 -43.72 1.33
CA ILE C 281 -19.77 -43.03 0.49
C ILE C 281 -19.33 -43.05 -0.97
N LEU C 282 -18.01 -42.99 -1.21
CA LEU C 282 -17.50 -43.14 -2.56
C LEU C 282 -17.83 -44.51 -3.12
N CYS C 283 -17.66 -45.57 -2.30
CA CYS C 283 -18.00 -46.91 -2.74
C CYS C 283 -19.50 -47.02 -3.06
N ILE C 284 -20.34 -46.45 -2.20
CA ILE C 284 -21.79 -46.53 -2.41
C ILE C 284 -22.19 -45.76 -3.68
N PHE C 285 -21.62 -44.56 -3.85
CA PHE C 285 -21.95 -43.75 -5.02
C PHE C 285 -21.50 -44.42 -6.31
N LEU C 286 -20.30 -45.02 -6.30
CA LEU C 286 -19.83 -45.70 -7.50
C LEU C 286 -20.64 -46.96 -7.78
N HIS C 287 -21.07 -47.67 -6.73
CA HIS C 287 -21.96 -48.80 -6.93
C HIS C 287 -23.26 -48.36 -7.58
N TYR C 288 -23.81 -47.23 -7.14
CA TYR C 288 -25.00 -46.70 -7.79
C TYR C 288 -24.71 -46.33 -9.24
N ARG C 289 -23.57 -45.69 -9.50
CA ARG C 289 -23.26 -45.21 -10.84
C ARG C 289 -23.08 -46.38 -11.81
N ILE C 290 -22.53 -47.50 -11.34
CA ILE C 290 -22.43 -48.68 -12.19
C ILE C 290 -23.82 -49.15 -12.59
N THR C 291 -24.76 -49.15 -11.65
CA THR C 291 -26.15 -49.47 -11.94
C THR C 291 -26.85 -48.24 -12.52
N ASN C 292 -28.14 -48.40 -12.80
CA ASN C 292 -28.98 -47.34 -13.37
C ASN C 292 -28.28 -46.61 -14.53
N PRO C 293 -28.10 -47.26 -15.67
CA PRO C 293 -27.44 -46.59 -16.79
C PRO C 293 -28.30 -45.47 -17.36
N VAL C 294 -27.65 -44.61 -18.13
CA VAL C 294 -28.32 -43.57 -18.90
C VAL C 294 -29.14 -44.29 -19.96
N PRO C 295 -30.21 -43.68 -20.52
CA PRO C 295 -30.97 -44.37 -21.59
C PRO C 295 -30.13 -45.01 -22.68
N ASN C 296 -30.70 -46.01 -23.33
CA ASN C 296 -29.95 -46.93 -24.18
C ASN C 296 -29.32 -46.20 -25.37
N ALA C 297 -28.25 -46.80 -25.89
CA ALA C 297 -27.53 -46.34 -27.08
C ALA C 297 -26.82 -45.00 -26.85
N TYR C 298 -26.42 -44.70 -25.62
CA TYR C 298 -25.69 -43.48 -25.31
C TYR C 298 -24.28 -43.85 -24.85
N PRO C 299 -23.26 -43.67 -25.70
CA PRO C 299 -21.88 -43.94 -25.24
C PRO C 299 -21.33 -42.87 -24.32
N LEU C 300 -22.10 -41.82 -24.02
CA LEU C 300 -21.64 -40.74 -23.15
C LEU C 300 -21.48 -41.17 -21.70
N TRP C 301 -22.07 -42.30 -21.30
CA TRP C 301 -22.07 -42.74 -19.92
C TRP C 301 -20.88 -43.62 -19.57
N LEU C 302 -20.45 -44.48 -20.49
CA LEU C 302 -19.33 -45.37 -20.22
C LEU C 302 -18.05 -44.58 -19.95
N VAL C 303 -17.78 -43.56 -20.76
CA VAL C 303 -16.60 -42.73 -20.53
C VAL C 303 -16.70 -42.02 -19.19
N SER C 304 -17.90 -41.55 -18.85
CA SER C 304 -18.08 -40.84 -17.58
C SER C 304 -17.80 -41.76 -16.39
N VAL C 305 -18.33 -42.98 -16.42
CA VAL C 305 -18.12 -43.87 -15.28
C VAL C 305 -16.68 -44.35 -15.23
N ILE C 306 -16.04 -44.51 -16.39
CA ILE C 306 -14.61 -44.88 -16.40
C ILE C 306 -13.79 -43.77 -15.76
N CYS C 307 -14.07 -42.51 -16.12
CA CYS C 307 -13.35 -41.39 -15.52
C CYS C 307 -13.63 -41.29 -14.03
N GLU C 308 -14.87 -41.56 -13.61
CA GLU C 308 -15.18 -41.53 -12.18
C GLU C 308 -14.43 -42.63 -11.43
N ILE C 309 -14.33 -43.82 -12.03
CA ILE C 309 -13.57 -44.90 -11.42
C ILE C 309 -12.12 -44.49 -11.27
N TRP C 310 -11.54 -43.91 -12.32
CA TRP C 310 -10.14 -43.51 -12.24
C TRP C 310 -9.94 -42.42 -11.19
N PHE C 311 -10.88 -41.47 -11.10
CA PHE C 311 -10.77 -40.42 -10.10
C PHE C 311 -10.85 -40.99 -8.69
N ALA C 312 -11.74 -41.95 -8.47
CA ALA C 312 -11.84 -42.57 -7.16
C ALA C 312 -10.55 -43.32 -6.80
N ILE C 313 -10.00 -44.06 -7.75
CA ILE C 313 -8.75 -44.77 -7.49
C ILE C 313 -7.62 -43.80 -7.19
N SER C 314 -7.53 -42.72 -7.96
CA SER C 314 -6.48 -41.73 -7.74
C SER C 314 -6.63 -41.06 -6.38
N TRP C 315 -7.87 -40.74 -5.99
CA TRP C 315 -8.08 -40.14 -4.68
C TRP C 315 -7.72 -41.09 -3.56
N ILE C 316 -8.07 -42.38 -3.70
CA ILE C 316 -7.70 -43.35 -2.67
C ILE C 316 -6.18 -43.44 -2.56
N LEU C 317 -5.50 -43.52 -3.71
CA LEU C 317 -4.05 -43.62 -3.72
C LEU C 317 -3.39 -42.39 -3.14
N ASP C 318 -3.98 -41.21 -3.33
CA ASP C 318 -3.42 -39.99 -2.77
C ASP C 318 -3.72 -39.87 -1.27
N GLN C 319 -4.89 -40.32 -0.84
CA GLN C 319 -5.31 -40.12 0.54
C GLN C 319 -4.72 -41.16 1.49
N PHE C 320 -4.36 -42.34 0.97
CA PHE C 320 -3.81 -43.38 1.85
C PHE C 320 -2.55 -42.94 2.60
N PRO C 321 -1.52 -42.30 1.96
CA PRO C 321 -0.34 -41.88 2.72
C PRO C 321 -0.53 -40.57 3.47
N LYS C 322 -1.65 -40.45 4.18
CA LYS C 322 -1.91 -39.27 5.01
C LYS C 322 -2.54 -39.66 6.35
N TRP C 323 -2.30 -40.89 6.81
CA TRP C 323 -2.98 -41.41 7.99
C TRP C 323 -2.27 -41.10 9.29
N LEU C 324 -0.95 -40.94 9.27
CA LEU C 324 -0.16 -40.75 10.49
C LEU C 324 0.75 -39.54 10.35
N PRO C 325 0.21 -38.33 10.41
CA PRO C 325 1.07 -37.14 10.44
C PRO C 325 1.64 -36.92 11.83
N VAL C 326 2.92 -36.59 11.89
CA VAL C 326 3.61 -36.33 13.15
C VAL C 326 4.42 -35.05 13.01
N ASN C 327 4.71 -34.40 14.14
CA ASN C 327 5.60 -33.27 14.17
C ASN C 327 6.86 -33.64 14.95
N ARG C 328 7.87 -32.78 14.85
CA ARG C 328 9.14 -33.02 15.53
C ARG C 328 9.58 -31.76 16.25
N GLU C 329 10.01 -31.92 17.50
CA GLU C 329 10.40 -30.80 18.35
C GLU C 329 11.81 -31.03 18.86
N THR C 330 12.67 -30.03 18.70
CA THR C 330 14.10 -30.16 18.97
C THR C 330 14.46 -29.44 20.27
N TYR C 331 15.47 -29.97 20.95
CA TYR C 331 16.00 -29.41 22.19
C TYR C 331 17.41 -28.91 21.91
N LEU C 332 17.53 -27.63 21.53
CA LEU C 332 18.84 -27.05 21.27
C LEU C 332 19.66 -26.94 22.55
N ASP C 333 19.00 -26.67 23.68
CA ASP C 333 19.71 -26.55 24.95
C ASP C 333 20.37 -27.86 25.35
N ARG C 334 19.67 -28.98 25.16
CA ARG C 334 20.24 -30.29 25.49
C ARG C 334 21.44 -30.60 24.59
N LEU C 335 21.32 -30.29 23.30
CA LEU C 335 22.44 -30.51 22.39
C LEU C 335 23.64 -29.67 22.78
N ALA C 336 23.41 -28.40 23.15
CA ALA C 336 24.52 -27.54 23.56
C ALA C 336 25.16 -28.05 24.85
N LEU C 337 24.34 -28.48 25.81
CA LEU C 337 24.88 -28.96 27.07
C LEU C 337 25.67 -30.25 26.89
N ARG C 338 25.19 -31.13 26.00
CA ARG C 338 25.83 -32.43 25.84
C ARG C 338 27.15 -32.32 25.08
N TYR C 339 27.20 -31.45 24.07
CA TYR C 339 28.34 -31.39 23.16
C TYR C 339 29.08 -30.05 23.19
N ASP C 340 28.37 -28.94 23.01
CA ASP C 340 29.00 -27.62 22.91
C ASP C 340 29.08 -27.00 24.30
N ARG C 341 29.99 -27.52 25.10
CA ARG C 341 30.18 -27.05 26.47
C ARG C 341 31.15 -25.88 26.51
N GLU C 342 30.89 -24.95 27.42
CA GLU C 342 31.72 -23.76 27.56
C GLU C 342 33.03 -24.10 28.26
N GLY C 343 34.11 -23.48 27.79
CA GLY C 343 35.43 -23.71 28.36
C GLY C 343 36.15 -24.94 27.85
N GLU C 344 35.51 -25.74 27.00
CA GLU C 344 36.09 -26.95 26.44
C GLU C 344 35.95 -26.93 24.93
N PRO C 345 36.84 -27.61 24.22
CA PRO C 345 36.71 -27.66 22.75
C PRO C 345 35.39 -28.29 22.33
N SER C 346 34.81 -27.75 21.27
CA SER C 346 33.51 -28.21 20.81
C SER C 346 33.59 -29.62 20.22
N GLN C 347 32.61 -30.45 20.56
CA GLN C 347 32.52 -31.81 20.06
C GLN C 347 31.48 -31.96 18.96
N LEU C 348 30.95 -30.85 18.44
CA LEU C 348 29.98 -30.92 17.36
C LEU C 348 30.63 -31.44 16.08
N ALA C 349 29.86 -32.19 15.30
CA ALA C 349 30.38 -32.76 14.07
C ALA C 349 30.56 -31.69 13.01
N ALA C 350 31.58 -31.88 12.17
CA ALA C 350 31.87 -30.93 11.10
C ALA C 350 30.80 -31.00 10.01
N VAL C 351 30.59 -29.87 9.34
CA VAL C 351 29.59 -29.76 8.29
C VAL C 351 30.23 -29.08 7.08
N ASP C 352 29.97 -29.64 5.90
CA ASP C 352 30.41 -29.07 4.63
C ASP C 352 29.17 -28.61 3.86
N ILE C 353 29.17 -27.35 3.45
CA ILE C 353 28.02 -26.73 2.80
C ILE C 353 28.38 -26.48 1.34
N PHE C 354 27.62 -27.11 0.44
CA PHE C 354 27.82 -26.99 -1.00
C PHE C 354 26.86 -25.95 -1.56
N VAL C 355 27.37 -25.07 -2.42
CA VAL C 355 26.58 -24.03 -3.06
C VAL C 355 26.74 -24.19 -4.57
N SER C 356 25.64 -24.42 -5.26
CA SER C 356 25.66 -24.67 -6.70
C SER C 356 25.37 -23.39 -7.47
N THR C 357 26.21 -23.06 -8.44
CA THR C 357 25.96 -21.97 -9.36
C THR C 357 26.50 -22.34 -10.73
N VAL C 358 25.93 -21.75 -11.78
CA VAL C 358 26.25 -22.13 -13.16
C VAL C 358 26.67 -20.93 -14.00
N ASP C 359 25.86 -19.88 -14.01
CA ASP C 359 26.07 -18.76 -14.92
C ASP C 359 25.95 -17.43 -14.19
N PRO C 360 27.02 -16.63 -14.12
CA PRO C 360 26.90 -15.31 -13.48
C PRO C 360 25.98 -14.35 -14.20
N LEU C 361 25.81 -14.52 -15.51
CA LEU C 361 24.93 -13.61 -16.26
C LEU C 361 23.47 -13.89 -15.93
N LYS C 362 23.08 -15.16 -15.90
CA LYS C 362 21.70 -15.51 -15.56
C LYS C 362 21.46 -15.38 -14.07
N GLU C 363 22.44 -15.78 -13.25
CA GLU C 363 22.32 -15.71 -11.80
C GLU C 363 23.18 -14.55 -11.30
N PRO C 364 22.59 -13.47 -10.81
CA PRO C 364 23.38 -12.29 -10.43
C PRO C 364 24.40 -12.63 -9.35
N PRO C 365 25.63 -12.11 -9.47
CA PRO C 365 26.65 -12.41 -8.45
C PRO C 365 26.30 -11.89 -7.07
N LEU C 366 25.44 -10.87 -6.97
CA LEU C 366 25.08 -10.33 -5.67
C LEU C 366 24.31 -11.36 -4.84
N VAL C 367 23.41 -12.11 -5.49
CA VAL C 367 22.64 -13.12 -4.77
C VAL C 367 23.55 -14.23 -4.25
N THR C 368 24.49 -14.69 -5.09
CA THR C 368 25.44 -15.71 -4.65
C THR C 368 26.32 -15.19 -3.52
N ALA C 369 26.74 -13.91 -3.62
CA ALA C 369 27.53 -13.32 -2.55
C ALA C 369 26.75 -13.27 -1.25
N ASN C 370 25.47 -12.91 -1.31
CA ASN C 370 24.66 -12.87 -0.10
C ASN C 370 24.48 -14.27 0.49
N THR C 371 24.29 -15.27 -0.36
CA THR C 371 24.19 -16.65 0.11
C THR C 371 25.48 -17.07 0.82
N VAL C 372 26.63 -16.77 0.22
CA VAL C 372 27.91 -17.12 0.82
C VAL C 372 28.10 -16.41 2.14
N LEU C 373 27.72 -15.13 2.20
CA LEU C 373 27.84 -14.36 3.44
C LEU C 373 26.95 -14.93 4.54
N SER C 374 25.73 -15.33 4.19
CA SER C 374 24.84 -15.94 5.18
C SER C 374 25.37 -17.28 5.66
N ILE C 375 25.98 -18.05 4.75
CA ILE C 375 26.52 -19.35 5.14
C ILE C 375 27.73 -19.19 6.04
N LEU C 376 28.62 -18.25 5.71
CA LEU C 376 29.85 -18.08 6.49
C LEU C 376 29.57 -17.53 7.89
N ALA C 377 28.39 -16.97 8.14
CA ALA C 377 28.05 -16.41 9.43
C ALA C 377 27.13 -17.32 10.24
N VAL C 378 27.08 -18.61 9.90
CA VAL C 378 26.19 -19.53 10.60
C VAL C 378 26.63 -19.67 12.06
N ASP C 379 25.66 -19.96 12.92
CA ASP C 379 25.91 -20.10 14.37
C ASP C 379 26.43 -21.51 14.65
N TYR C 380 27.68 -21.72 14.24
CA TYR C 380 28.38 -22.99 14.39
C TYR C 380 29.86 -22.70 14.56
N PRO C 381 30.60 -23.60 15.21
CA PRO C 381 32.06 -23.39 15.33
C PRO C 381 32.71 -23.26 13.96
N VAL C 382 33.65 -22.32 13.87
CA VAL C 382 34.29 -22.03 12.58
C VAL C 382 35.18 -23.18 12.15
N ASP C 383 35.73 -23.94 13.10
CA ASP C 383 36.56 -25.08 12.75
C ASP C 383 35.73 -26.26 12.28
N LYS C 384 34.42 -26.26 12.52
CA LYS C 384 33.54 -27.35 12.12
C LYS C 384 32.67 -26.98 10.92
N VAL C 385 32.98 -25.90 10.23
CA VAL C 385 32.19 -25.45 9.08
C VAL C 385 33.13 -25.24 7.90
N SER C 386 32.78 -25.84 6.77
CA SER C 386 33.49 -25.62 5.52
C SER C 386 32.47 -25.27 4.43
N CYS C 387 32.87 -24.41 3.50
CA CYS C 387 32.00 -23.98 2.42
C CYS C 387 32.67 -24.24 1.08
N TYR C 388 31.95 -24.90 0.19
CA TYR C 388 32.43 -25.19 -1.16
C TYR C 388 31.43 -24.62 -2.16
N VAL C 389 31.90 -23.79 -3.08
CA VAL C 389 31.08 -23.20 -4.12
C VAL C 389 31.49 -23.81 -5.46
N SER C 390 30.55 -24.45 -6.13
CA SER C 390 30.78 -25.07 -7.43
C SER C 390 30.19 -24.17 -8.51
N ASP C 391 31.06 -23.55 -9.30
CA ASP C 391 30.66 -22.72 -10.44
C ASP C 391 30.88 -23.55 -11.70
N ASP C 392 29.79 -24.02 -12.30
CA ASP C 392 29.89 -24.90 -13.46
C ASP C 392 30.35 -24.17 -14.70
N GLY C 393 30.18 -22.84 -14.74
CA GLY C 393 30.55 -22.07 -15.92
C GLY C 393 32.01 -21.70 -16.03
N ALA C 394 32.78 -21.89 -14.97
CA ALA C 394 34.20 -21.53 -14.94
C ALA C 394 34.40 -20.06 -15.31
N ALA C 395 33.57 -19.19 -14.75
CA ALA C 395 33.59 -17.78 -15.09
C ALA C 395 34.53 -17.02 -14.17
N MET C 396 35.28 -16.09 -14.77
CA MET C 396 36.17 -15.23 -13.99
C MET C 396 35.37 -14.31 -13.07
N LEU C 397 34.19 -13.88 -13.51
CA LEU C 397 33.37 -13.00 -12.69
C LEU C 397 33.00 -13.66 -11.37
N THR C 398 32.66 -14.95 -11.40
CA THR C 398 32.34 -15.66 -10.17
C THR C 398 33.54 -15.72 -9.23
N PHE C 399 34.73 -15.97 -9.76
CA PHE C 399 35.93 -16.03 -8.93
C PHE C 399 36.22 -14.68 -8.28
N GLU C 400 36.15 -13.60 -9.06
CA GLU C 400 36.40 -12.27 -8.50
C GLU C 400 35.33 -11.89 -7.48
N ALA C 401 34.07 -12.23 -7.76
CA ALA C 401 33.00 -11.96 -6.82
C ALA C 401 33.19 -12.73 -5.52
N LEU C 402 33.65 -13.98 -5.61
CA LEU C 402 33.91 -14.75 -4.40
C LEU C 402 35.06 -14.17 -3.60
N ALA C 403 36.11 -13.69 -4.28
CA ALA C 403 37.21 -13.05 -3.56
C ALA C 403 36.72 -11.79 -2.84
N GLU C 404 35.95 -10.95 -3.54
CA GLU C 404 35.42 -9.75 -2.91
C GLU C 404 34.47 -10.09 -1.77
N THR C 405 33.69 -11.16 -1.93
CA THR C 405 32.76 -11.58 -0.89
C THR C 405 33.50 -12.04 0.35
N SER C 406 34.60 -12.78 0.18
CA SER C 406 35.43 -13.15 1.33
C SER C 406 36.03 -11.93 2.01
N GLU C 407 36.50 -10.97 1.21
CA GLU C 407 37.08 -9.76 1.78
C GLU C 407 36.05 -8.99 2.59
N PHE C 408 34.81 -8.92 2.10
CA PHE C 408 33.75 -8.23 2.85
C PHE C 408 33.31 -9.03 4.07
N ALA C 409 33.26 -10.37 3.94
CA ALA C 409 32.91 -11.21 5.06
C ALA C 409 33.89 -11.06 6.20
N ARG C 410 35.16 -10.79 5.89
CA ARG C 410 36.18 -10.57 6.91
C ARG C 410 35.75 -9.55 7.95
N LYS C 411 34.92 -8.57 7.56
CA LYS C 411 34.38 -7.60 8.49
C LYS C 411 32.90 -7.78 8.78
N TRP C 412 32.16 -8.45 7.89
CA TRP C 412 30.73 -8.63 8.11
C TRP C 412 30.44 -9.70 9.16
N VAL C 413 31.22 -10.79 9.17
CA VAL C 413 30.95 -11.90 10.08
C VAL C 413 31.02 -11.49 11.55
N PRO C 414 32.06 -10.78 12.02
CA PRO C 414 32.09 -10.41 13.45
C PRO C 414 30.89 -9.59 13.89
N PHE C 415 30.40 -8.68 13.04
CA PHE C 415 29.26 -7.85 13.40
C PHE C 415 28.03 -8.70 13.66
N SER C 416 27.70 -9.58 12.71
CA SER C 416 26.52 -10.43 12.84
C SER C 416 26.66 -11.40 14.01
N LYS C 417 27.86 -11.95 14.21
CA LYS C 417 28.07 -12.87 15.32
C LYS C 417 27.93 -12.16 16.65
N LYS C 418 28.45 -10.93 16.76
CA LYS C 418 28.41 -10.21 18.02
C LYS C 418 27.00 -9.75 18.36
N TYR C 419 26.30 -9.16 17.39
CA TYR C 419 24.99 -8.58 17.67
C TYR C 419 23.84 -9.55 17.42
N SER C 420 24.11 -10.75 16.90
CA SER C 420 23.12 -11.78 16.69
C SER C 420 21.93 -11.26 15.87
N ILE C 421 22.25 -10.79 14.67
CA ILE C 421 21.22 -10.26 13.78
C ILE C 421 20.62 -11.41 12.97
N GLU C 422 19.35 -11.25 12.59
CA GLU C 422 18.64 -12.24 11.81
C GLU C 422 17.76 -11.53 10.78
N PRO C 423 17.88 -11.87 9.49
CA PRO C 423 18.78 -12.86 8.88
C PRO C 423 20.20 -12.32 8.76
N ARG C 424 21.18 -13.19 8.55
CA ARG C 424 22.57 -12.77 8.45
C ARG C 424 23.01 -12.47 7.02
N ALA C 425 22.08 -12.50 6.07
CA ALA C 425 22.37 -12.02 4.72
C ALA C 425 22.24 -10.51 4.70
N PRO C 426 23.29 -9.77 4.33
CA PRO C 426 23.22 -8.30 4.43
C PRO C 426 22.14 -7.67 3.57
N GLU C 427 21.85 -8.25 2.40
CA GLU C 427 20.85 -7.66 1.52
C GLU C 427 19.46 -7.69 2.15
N TRP C 428 19.10 -8.82 2.76
CA TRP C 428 17.77 -8.95 3.35
C TRP C 428 17.69 -8.35 4.74
N TYR C 429 18.81 -8.30 5.46
CA TYR C 429 18.81 -7.68 6.78
C TYR C 429 18.62 -6.17 6.68
N PHE C 430 19.31 -5.52 5.75
CA PHE C 430 19.26 -4.08 5.62
C PHE C 430 18.05 -3.59 4.85
N SER C 431 17.27 -4.48 4.25
CA SER C 431 16.08 -4.13 3.48
C SER C 431 14.82 -4.67 4.15
N GLN C 432 14.76 -4.55 5.47
CA GLN C 432 13.61 -5.01 6.25
C GLN C 432 12.95 -3.81 6.92
N LYS C 433 11.62 -3.75 6.83
CA LYS C 433 10.87 -2.69 7.48
C LYS C 433 10.67 -2.93 8.97
N ILE C 434 11.03 -4.12 9.46
CA ILE C 434 10.92 -4.41 10.88
C ILE C 434 11.85 -3.50 11.67
N ASP C 435 11.38 -3.03 12.83
CA ASP C 435 12.18 -2.17 13.69
C ASP C 435 13.48 -2.87 14.07
N TYR C 436 14.60 -2.28 13.65
CA TYR C 436 15.91 -2.87 13.85
C TYR C 436 16.48 -2.60 15.24
N LEU C 437 15.82 -1.80 16.06
CA LEU C 437 16.27 -1.50 17.42
C LEU C 437 15.49 -2.29 18.46
N LYS C 438 14.96 -3.45 18.09
CA LYS C 438 14.16 -4.27 18.99
C LYS C 438 15.03 -5.36 19.61
N ASP C 439 14.92 -5.51 20.93
CA ASP C 439 15.73 -6.47 21.69
C ASP C 439 17.23 -6.24 21.48
N LYS C 440 17.63 -4.97 21.52
CA LYS C 440 19.03 -4.59 21.41
C LYS C 440 19.47 -3.94 22.71
N VAL C 441 20.58 -4.44 23.27
CA VAL C 441 21.05 -4.02 24.59
C VAL C 441 22.39 -3.31 24.51
N HIS C 442 23.27 -3.74 23.60
CA HIS C 442 24.63 -3.23 23.57
C HIS C 442 24.64 -1.72 23.32
N PRO C 443 25.35 -0.94 24.13
CA PRO C 443 25.35 0.52 23.94
C PRO C 443 25.96 0.96 22.62
N SER C 444 26.88 0.18 22.05
CA SER C 444 27.62 0.56 20.85
C SER C 444 27.08 -0.12 19.60
N PHE C 445 25.76 -0.29 19.51
CA PHE C 445 25.13 -0.97 18.39
C PHE C 445 24.77 -0.04 17.25
N VAL C 446 24.37 1.20 17.53
CA VAL C 446 23.88 2.10 16.50
C VAL C 446 25.00 2.51 15.55
N LYS C 447 26.14 2.95 16.10
CA LYS C 447 27.25 3.37 15.26
C LYS C 447 27.82 2.19 14.48
N ASP C 448 27.92 1.02 15.12
CA ASP C 448 28.40 -0.17 14.41
C ASP C 448 27.47 -0.54 13.26
N ARG C 449 26.16 -0.46 13.49
CA ARG C 449 25.21 -0.77 12.44
C ARG C 449 25.32 0.24 11.28
N ARG C 450 25.48 1.52 11.60
CA ARG C 450 25.63 2.53 10.55
C ARG C 450 26.89 2.27 9.73
N ALA C 451 28.00 1.99 10.40
CA ALA C 451 29.24 1.71 9.69
C ALA C 451 29.11 0.47 8.83
N MET C 452 28.45 -0.57 9.35
CA MET C 452 28.26 -1.80 8.58
C MET C 452 27.38 -1.55 7.35
N LYS C 453 26.34 -0.73 7.50
CA LYS C 453 25.49 -0.40 6.37
C LYS C 453 26.26 0.34 5.28
N ARG C 454 27.07 1.33 5.69
CA ARG C 454 27.86 2.05 4.71
C ARG C 454 28.87 1.14 4.02
N GLU C 455 29.52 0.26 4.80
CA GLU C 455 30.48 -0.68 4.21
C GLU C 455 29.79 -1.63 3.24
N TYR C 456 28.59 -2.08 3.56
CA TYR C 456 27.85 -2.96 2.65
C TYR C 456 27.47 -2.22 1.37
N GLU C 457 27.10 -0.94 1.48
CA GLU C 457 26.81 -0.17 0.27
C GLU C 457 28.04 -0.04 -0.61
N GLU C 458 29.21 0.23 -0.01
CA GLU C 458 30.44 0.30 -0.79
C GLU C 458 30.77 -1.05 -1.43
N PHE C 459 30.54 -2.14 -0.70
CA PHE C 459 30.77 -3.48 -1.24
C PHE C 459 29.86 -3.76 -2.43
N LYS C 460 28.59 -3.34 -2.33
CA LYS C 460 27.67 -3.50 -3.45
C LYS C 460 28.13 -2.69 -4.66
N VAL C 461 28.64 -1.47 -4.42
CA VAL C 461 29.17 -0.67 -5.51
C VAL C 461 30.34 -1.37 -6.18
N ARG C 462 31.23 -1.96 -5.37
CA ARG C 462 32.37 -2.68 -5.93
C ARG C 462 31.92 -3.89 -6.75
N ILE C 463 30.91 -4.61 -6.26
CA ILE C 463 30.41 -5.76 -6.99
C ILE C 463 29.78 -5.32 -8.31
N ASN C 464 29.04 -4.21 -8.29
CA ASN C 464 28.48 -3.68 -9.53
C ASN C 464 29.56 -3.30 -10.51
N GLY C 465 30.65 -2.69 -10.03
CA GLY C 465 31.77 -2.37 -10.90
C GLY C 465 32.40 -3.60 -11.51
N LEU C 466 32.57 -4.65 -10.70
CA LEU C 466 33.12 -5.91 -11.22
C LEU C 466 32.21 -6.51 -12.29
N VAL C 467 30.90 -6.48 -12.06
CA VAL C 467 29.96 -7.02 -13.05
C VAL C 467 30.01 -6.21 -14.33
N SER C 468 30.08 -4.88 -14.22
CA SER C 468 30.16 -4.04 -15.40
C SER C 468 31.44 -4.32 -16.18
N LYS C 469 32.56 -4.50 -15.48
CA LYS C 469 33.80 -4.86 -16.16
C LYS C 469 33.69 -6.20 -16.86
N ALA C 470 33.10 -7.19 -16.20
CA ALA C 470 32.99 -8.53 -16.76
C ALA C 470 31.92 -8.64 -17.85
N GLN C 471 31.10 -7.60 -18.02
CA GLN C 471 30.05 -7.66 -19.03
C GLN C 471 30.62 -7.80 -20.43
N LYS C 472 31.68 -7.06 -20.75
CA LYS C 472 32.28 -7.08 -22.08
C LYS C 472 33.37 -8.14 -22.13
N VAL C 473 33.26 -9.06 -23.07
CA VAL C 473 34.23 -10.14 -23.25
C VAL C 473 35.39 -9.60 -24.09
N PRO C 474 36.62 -9.62 -23.58
CA PRO C 474 37.74 -9.11 -24.36
C PRO C 474 38.06 -10.02 -25.54
N GLU C 475 38.65 -9.43 -26.57
CA GLU C 475 39.01 -10.20 -27.76
C GLU C 475 40.14 -11.18 -27.47
N GLU C 476 41.13 -10.76 -26.68
CA GLU C 476 42.29 -11.60 -26.41
C GLU C 476 42.06 -12.56 -25.24
N GLY C 477 40.92 -12.50 -24.58
CA GLY C 477 40.62 -13.40 -23.50
C GLY C 477 40.83 -12.76 -22.13
N TRP C 478 40.23 -13.36 -21.11
CA TRP C 478 40.34 -12.86 -19.75
C TRP C 478 41.75 -13.04 -19.22
N VAL C 479 42.20 -12.08 -18.42
CA VAL C 479 43.53 -12.08 -17.82
C VAL C 479 43.39 -11.84 -16.32
N MET C 480 44.07 -12.64 -15.52
CA MET C 480 44.02 -12.49 -14.07
C MET C 480 44.69 -11.20 -13.64
N GLN C 481 44.41 -10.79 -12.40
CA GLN C 481 45.08 -9.62 -11.84
C GLN C 481 46.58 -9.85 -11.71
N ASP C 482 47.00 -11.09 -11.52
CA ASP C 482 48.42 -11.42 -11.48
C ASP C 482 49.08 -11.22 -12.84
N GLY C 483 48.30 -11.26 -13.92
CA GLY C 483 48.81 -11.12 -15.27
C GLY C 483 48.75 -12.40 -16.09
N THR C 484 48.62 -13.56 -15.46
CA THR C 484 48.50 -14.81 -16.18
C THR C 484 47.10 -14.94 -16.77
N PRO C 485 46.96 -15.61 -17.91
CA PRO C 485 45.63 -15.79 -18.52
C PRO C 485 44.73 -16.64 -17.66
N TRP C 486 43.43 -16.35 -17.74
CA TRP C 486 42.44 -17.11 -16.98
C TRP C 486 42.33 -18.52 -17.56
N PRO C 487 42.56 -19.57 -16.77
CA PRO C 487 42.50 -20.93 -17.33
C PRO C 487 41.15 -21.31 -17.90
N GLY C 488 40.06 -20.77 -17.36
CA GLY C 488 38.74 -21.07 -17.87
C GLY C 488 38.31 -20.17 -19.01
N ASN C 489 39.22 -19.90 -19.94
CA ASN C 489 38.88 -19.04 -21.08
C ASN C 489 37.80 -19.68 -21.94
N ASN C 490 37.89 -20.98 -22.19
CA ASN C 490 36.90 -21.72 -22.94
C ASN C 490 36.09 -22.56 -21.96
N THR C 491 34.79 -22.31 -21.90
CA THR C 491 33.94 -23.02 -20.95
C THR C 491 33.87 -24.51 -21.25
N ARG C 492 33.88 -24.88 -22.53
CA ARG C 492 33.74 -26.28 -22.92
C ARG C 492 35.05 -27.05 -22.84
N ASP C 493 36.20 -26.36 -22.78
CA ASP C 493 37.50 -27.02 -22.84
C ASP C 493 38.44 -26.44 -21.79
N HIS C 494 37.96 -26.35 -20.55
CA HIS C 494 38.81 -25.82 -19.49
C HIS C 494 39.16 -26.91 -18.49
N PRO C 495 40.33 -26.83 -17.85
CA PRO C 495 40.72 -27.83 -16.85
C PRO C 495 40.09 -27.51 -15.50
N GLY C 496 40.45 -28.31 -14.50
CA GLY C 496 39.91 -28.14 -13.16
C GLY C 496 40.79 -27.23 -12.31
N MET C 497 40.13 -26.35 -11.56
CA MET C 497 40.82 -25.40 -10.70
C MET C 497 40.15 -25.40 -9.32
N ILE C 498 40.98 -25.29 -8.28
CA ILE C 498 40.51 -25.23 -6.90
C ILE C 498 41.26 -24.14 -6.18
N GLN C 499 40.54 -23.25 -5.51
CA GLN C 499 41.12 -22.13 -4.77
C GLN C 499 40.49 -22.02 -3.41
N VAL C 500 41.30 -21.73 -2.40
CA VAL C 500 40.86 -21.56 -1.03
C VAL C 500 41.13 -20.12 -0.62
N PHE C 501 40.08 -19.41 -0.20
CA PHE C 501 40.18 -18.00 0.15
C PHE C 501 40.40 -17.78 1.64
N LEU C 502 39.46 -18.24 2.47
CA LEU C 502 39.54 -18.11 3.92
C LEU C 502 39.65 -19.51 4.54
N GLY C 503 40.31 -19.56 5.68
CA GLY C 503 40.48 -20.82 6.40
C GLY C 503 41.47 -20.63 7.53
N GLN C 504 42.27 -21.68 7.76
CA GLN C 504 43.26 -21.63 8.84
C GLN C 504 44.30 -20.55 8.59
N SER C 505 44.81 -20.45 7.36
CA SER C 505 45.81 -19.46 7.01
C SER C 505 45.28 -18.41 6.04
N GLY C 506 43.95 -18.34 5.88
CA GLY C 506 43.37 -17.35 4.98
C GLY C 506 43.38 -15.94 5.51
N GLY C 507 43.55 -15.77 6.82
CA GLY C 507 43.59 -14.46 7.44
C GLY C 507 42.70 -14.38 8.65
N LEU C 508 42.66 -13.19 9.24
CA LEU C 508 41.89 -12.93 10.45
C LEU C 508 40.84 -11.87 10.17
N ASP C 509 39.73 -11.96 10.91
CA ASP C 509 38.66 -10.98 10.80
C ASP C 509 39.03 -9.74 11.62
N THR C 510 38.06 -8.83 11.80
CA THR C 510 38.32 -7.61 12.54
C THR C 510 38.55 -7.86 14.03
N GLU C 511 38.08 -8.99 14.56
CA GLU C 511 38.25 -9.32 15.96
C GLU C 511 39.45 -10.21 16.22
N GLY C 512 40.20 -10.59 15.19
CA GLY C 512 41.37 -11.42 15.35
C GLY C 512 41.12 -12.90 15.42
N ASN C 513 39.89 -13.35 15.22
CA ASN C 513 39.56 -14.77 15.25
C ASN C 513 39.80 -15.37 13.86
N GLU C 514 39.29 -16.57 13.64
CA GLU C 514 39.34 -17.21 12.34
C GLU C 514 37.98 -17.17 11.66
N LEU C 515 37.96 -17.57 10.40
CA LEU C 515 36.75 -17.59 9.59
C LEU C 515 36.56 -18.96 8.98
N PRO C 516 35.30 -19.35 8.69
CA PRO C 516 35.06 -20.65 8.09
C PRO C 516 35.76 -20.78 6.74
N ARG C 517 36.23 -21.99 6.45
CA ARG C 517 36.98 -22.22 5.22
C ARG C 517 36.07 -22.09 4.00
N LEU C 518 36.56 -21.38 2.99
CA LEU C 518 35.82 -21.13 1.76
C LEU C 518 36.64 -21.63 0.58
N VAL C 519 36.05 -22.49 -0.23
CA VAL C 519 36.74 -23.13 -1.36
C VAL C 519 35.92 -22.88 -2.63
N TYR C 520 36.61 -22.44 -3.68
CA TYR C 520 36.01 -22.30 -5.01
C TYR C 520 36.56 -23.41 -5.89
N VAL C 521 35.67 -24.25 -6.42
CA VAL C 521 36.06 -25.39 -7.23
C VAL C 521 35.31 -25.32 -8.56
N SER C 522 35.98 -25.74 -9.63
CA SER C 522 35.38 -25.84 -10.96
C SER C 522 35.91 -27.10 -11.62
N ARG C 523 35.02 -28.08 -11.83
CA ARG C 523 35.45 -29.37 -12.35
C ARG C 523 35.89 -29.25 -13.81
N GLU C 524 36.78 -30.15 -14.21
CA GLU C 524 37.33 -30.13 -15.56
C GLU C 524 36.25 -30.42 -16.59
N LYS C 525 36.25 -29.63 -17.66
CA LYS C 525 35.30 -29.80 -18.76
C LYS C 525 36.08 -30.01 -20.04
N ARG C 526 35.70 -31.03 -20.80
CA ARG C 526 36.33 -31.35 -22.07
C ARG C 526 35.26 -31.65 -23.11
N PRO C 527 35.51 -31.34 -24.38
CA PRO C 527 34.49 -31.55 -25.41
C PRO C 527 34.18 -33.03 -25.61
N GLY C 528 32.91 -33.31 -25.89
CA GLY C 528 32.46 -34.66 -26.18
C GLY C 528 32.18 -35.53 -24.97
N PHE C 529 32.38 -35.02 -23.76
CA PHE C 529 32.17 -35.79 -22.54
C PHE C 529 30.95 -35.26 -21.81
N GLN C 530 30.05 -36.17 -21.43
CA GLN C 530 28.88 -35.78 -20.66
C GLN C 530 29.27 -35.44 -19.22
N HIS C 531 28.53 -34.51 -18.63
CA HIS C 531 28.81 -34.05 -17.28
C HIS C 531 27.64 -34.13 -16.32
N HIS C 532 26.43 -34.40 -16.80
CA HIS C 532 25.24 -34.67 -16.00
C HIS C 532 24.78 -33.47 -15.18
N LYS C 533 25.36 -32.30 -15.40
CA LYS C 533 24.89 -31.02 -14.86
C LYS C 533 24.96 -31.07 -13.33
N LYS C 534 23.86 -30.83 -12.61
CA LYS C 534 23.93 -30.61 -11.17
C LYS C 534 24.31 -31.88 -10.42
N ALA C 535 23.87 -33.04 -10.90
CA ALA C 535 24.25 -34.29 -10.23
C ALA C 535 25.75 -34.52 -10.28
N GLY C 536 26.35 -34.31 -11.45
CA GLY C 536 27.79 -34.44 -11.56
C GLY C 536 28.52 -33.39 -10.74
N ALA C 537 28.00 -32.16 -10.72
CA ALA C 537 28.60 -31.12 -9.90
C ALA C 537 28.57 -31.49 -8.42
N MET C 538 27.44 -32.03 -7.95
CA MET C 538 27.32 -32.44 -6.56
C MET C 538 28.27 -33.59 -6.24
N ASN C 539 28.40 -34.55 -7.16
CA ASN C 539 29.33 -35.66 -6.93
C ASN C 539 30.76 -35.17 -6.85
N ALA C 540 31.16 -34.27 -7.75
CA ALA C 540 32.50 -33.71 -7.71
C ALA C 540 32.72 -32.92 -6.42
N LEU C 541 31.70 -32.19 -5.97
CA LEU C 541 31.82 -31.46 -4.71
C LEU C 541 32.01 -32.42 -3.54
N VAL C 542 31.26 -33.52 -3.53
CA VAL C 542 31.39 -34.51 -2.47
C VAL C 542 32.79 -35.08 -2.44
N ARG C 543 33.33 -35.44 -3.62
CA ARG C 543 34.68 -36.00 -3.67
C ARG C 543 35.72 -34.99 -3.20
N VAL C 544 35.59 -33.74 -3.64
CA VAL C 544 36.56 -32.70 -3.25
C VAL C 544 36.51 -32.46 -1.75
N SER C 545 35.30 -32.39 -1.19
CA SER C 545 35.17 -32.17 0.25
C SER C 545 35.71 -33.34 1.04
N ALA C 546 35.49 -34.56 0.56
CA ALA C 546 36.06 -35.73 1.23
C ALA C 546 37.58 -35.69 1.19
N VAL C 547 38.15 -35.25 0.07
CA VAL C 547 39.61 -35.16 -0.03
C VAL C 547 40.15 -34.09 0.92
N LEU C 548 39.46 -32.95 1.01
CA LEU C 548 39.99 -31.79 1.73
C LEU C 548 39.60 -31.79 3.21
N THR C 549 38.31 -31.85 3.52
CA THR C 549 37.82 -31.75 4.89
C THR C 549 37.20 -33.05 5.40
N ASN C 550 36.47 -33.76 4.54
CA ASN C 550 35.82 -35.03 4.91
C ASN C 550 34.82 -34.84 6.05
N GLY C 551 33.97 -33.81 5.93
CA GLY C 551 32.92 -33.58 6.89
C GLY C 551 31.85 -34.65 6.86
N PRO C 552 31.44 -35.12 8.04
CA PRO C 552 30.45 -36.21 8.10
C PRO C 552 29.08 -35.83 7.55
N PHE C 553 28.74 -34.54 7.50
CA PHE C 553 27.44 -34.11 7.02
C PHE C 553 27.59 -33.02 5.97
N LEU C 554 26.71 -33.05 4.97
CA LEU C 554 26.79 -32.14 3.84
C LEU C 554 25.46 -31.44 3.64
N LEU C 555 25.46 -30.12 3.66
CA LEU C 555 24.26 -29.31 3.45
C LEU C 555 24.27 -28.75 2.04
N ASN C 556 23.25 -29.08 1.26
CA ASN C 556 23.18 -28.68 -0.14
C ASN C 556 22.35 -27.41 -0.30
N LEU C 557 22.82 -26.48 -1.12
CA LEU C 557 22.11 -25.23 -1.33
C LEU C 557 22.37 -24.71 -2.74
N ASP C 558 21.39 -23.98 -3.25
CA ASP C 558 21.50 -23.27 -4.52
C ASP C 558 22.02 -21.86 -4.28
N CYS C 559 22.17 -21.10 -5.36
CA CYS C 559 22.69 -19.75 -5.24
C CYS C 559 21.66 -18.77 -4.70
N ASP C 560 20.37 -19.03 -4.93
CA ASP C 560 19.32 -18.11 -4.56
C ASP C 560 18.71 -18.40 -3.20
N HIS C 561 19.20 -19.39 -2.48
CA HIS C 561 18.69 -19.75 -1.16
C HIS C 561 19.72 -19.38 -0.10
N TYR C 562 19.30 -18.55 0.87
CA TYR C 562 20.17 -18.09 1.94
C TYR C 562 19.67 -18.62 3.27
N ILE C 563 20.59 -18.77 4.21
CA ILE C 563 20.28 -19.29 5.54
C ILE C 563 19.55 -18.22 6.33
N ASN C 564 18.23 -18.36 6.48
CA ASN C 564 17.46 -17.38 7.21
C ASN C 564 17.66 -17.49 8.71
N ASN C 565 17.72 -18.72 9.23
CA ASN C 565 17.89 -18.97 10.66
C ASN C 565 19.30 -19.48 10.90
N SER C 566 20.09 -18.74 11.68
CA SER C 566 21.49 -19.07 11.90
C SER C 566 21.68 -20.36 12.69
N LYS C 567 20.64 -20.87 13.34
CA LYS C 567 20.73 -22.09 14.13
C LYS C 567 20.23 -23.31 13.36
N ALA C 568 20.19 -23.24 12.04
CA ALA C 568 19.71 -24.37 11.25
C ALA C 568 20.62 -25.59 11.40
N LEU C 569 21.93 -25.36 11.47
CA LEU C 569 22.87 -26.47 11.62
C LEU C 569 22.66 -27.18 12.95
N ARG C 570 22.41 -26.43 14.02
CA ARG C 570 22.14 -27.05 15.32
C ARG C 570 20.84 -27.84 15.30
N GLU C 571 19.82 -27.31 14.61
CA GLU C 571 18.57 -28.05 14.47
C GLU C 571 18.79 -29.36 13.72
N ALA C 572 19.65 -29.34 12.69
CA ALA C 572 19.95 -30.56 11.95
C ALA C 572 20.73 -31.55 12.81
N MET C 573 21.71 -31.06 13.58
CA MET C 573 22.50 -31.95 14.42
C MET C 573 21.69 -32.52 15.58
N CYS C 574 20.60 -31.86 15.96
CA CYS C 574 19.72 -32.41 16.98
C CYS C 574 19.19 -33.78 16.56
N PHE C 575 18.99 -33.99 15.25
CA PHE C 575 18.59 -35.30 14.73
C PHE C 575 19.78 -36.13 14.30
N MET C 576 20.77 -35.49 13.65
CA MET C 576 21.89 -36.23 13.08
C MET C 576 22.77 -36.85 14.16
N MET C 577 23.02 -36.12 15.24
CA MET C 577 23.98 -36.54 16.26
C MET C 577 23.34 -37.25 17.44
N ASP C 578 22.05 -37.57 17.36
CA ASP C 578 21.40 -38.36 18.39
C ASP C 578 21.93 -39.79 18.34
N PRO C 579 22.50 -40.32 19.43
CA PRO C 579 23.07 -41.68 19.37
C PRO C 579 22.05 -42.74 19.00
N ASN C 580 20.81 -42.63 19.49
CA ASN C 580 19.80 -43.65 19.19
C ASN C 580 19.23 -43.48 17.80
N LEU C 581 19.06 -42.24 17.34
CA LEU C 581 18.38 -41.98 16.07
C LEU C 581 19.33 -41.68 14.92
N GLY C 582 20.48 -41.07 15.19
CA GLY C 582 21.36 -40.63 14.11
C GLY C 582 21.93 -41.77 13.29
N LYS C 583 22.00 -42.97 13.86
CA LYS C 583 22.54 -44.11 13.12
C LYS C 583 21.66 -44.50 11.95
N HIS C 584 20.35 -44.27 12.06
CA HIS C 584 19.39 -44.69 11.05
C HIS C 584 18.89 -43.55 10.18
N VAL C 585 19.46 -42.36 10.29
CA VAL C 585 18.99 -41.19 9.57
C VAL C 585 19.91 -40.94 8.36
N CYS C 586 19.31 -40.80 7.19
CA CYS C 586 20.04 -40.55 5.95
C CYS C 586 20.12 -39.07 5.60
N TYR C 587 19.03 -38.34 5.76
CA TYR C 587 19.05 -36.90 5.51
C TYR C 587 17.95 -36.21 6.29
N VAL C 588 18.17 -34.93 6.56
CA VAL C 588 17.19 -34.06 7.20
C VAL C 588 16.79 -33.01 6.19
N GLN C 589 15.48 -32.88 5.98
CA GLN C 589 14.92 -31.97 4.97
C GLN C 589 14.14 -30.85 5.65
N PHE C 590 14.36 -29.63 5.17
CA PHE C 590 13.67 -28.45 5.66
C PHE C 590 12.68 -27.95 4.62
N PRO C 591 11.57 -27.35 5.04
CA PRO C 591 10.59 -26.83 4.07
C PRO C 591 11.18 -25.69 3.26
N GLN C 592 10.73 -25.59 2.01
CA GLN C 592 11.18 -24.53 1.11
C GLN C 592 10.26 -23.32 1.25
N ARG C 593 10.82 -22.22 1.73
CA ARG C 593 10.09 -20.97 1.89
C ARG C 593 10.70 -19.92 0.97
N PHE C 594 9.83 -19.10 0.36
CA PHE C 594 10.27 -18.06 -0.56
C PHE C 594 9.76 -16.72 -0.06
N ASP C 595 10.62 -15.71 -0.14
CA ASP C 595 10.24 -14.36 0.25
C ASP C 595 9.80 -13.55 -0.97
N GLY C 596 9.01 -12.52 -0.71
CA GLY C 596 8.48 -11.68 -1.77
C GLY C 596 7.34 -12.27 -2.56
N ILE C 597 6.76 -13.38 -2.08
CA ILE C 597 5.63 -13.99 -2.79
C ILE C 597 4.44 -13.04 -2.74
N ASP C 598 3.69 -12.99 -3.84
CA ASP C 598 2.48 -12.17 -3.90
C ASP C 598 1.51 -12.58 -2.80
N ARG C 599 0.88 -11.58 -2.19
CA ARG C 599 -0.04 -11.85 -1.08
C ARG C 599 -1.20 -12.72 -1.53
N ASN C 600 -1.76 -12.43 -2.70
CA ASN C 600 -2.80 -13.29 -3.26
C ASN C 600 -2.21 -14.61 -3.75
N ASP C 601 -0.95 -14.59 -4.19
CA ASP C 601 -0.25 -15.79 -4.67
C ASP C 601 -0.99 -16.43 -5.85
N ARG C 602 -1.03 -15.69 -6.95
CA ARG C 602 -1.71 -16.17 -8.16
C ARG C 602 -1.10 -17.50 -8.63
N TYR C 603 0.23 -17.56 -8.67
CA TYR C 603 0.93 -18.76 -9.15
C TYR C 603 0.94 -19.89 -8.15
N ALA C 604 0.45 -19.66 -6.93
CA ALA C 604 0.54 -20.64 -5.84
C ALA C 604 2.00 -21.03 -5.59
N ASN C 605 2.88 -20.03 -5.61
CA ASN C 605 4.30 -20.28 -5.38
C ASN C 605 4.58 -20.76 -3.97
N ARG C 606 3.70 -20.42 -3.02
CA ARG C 606 3.90 -20.84 -1.64
C ARG C 606 3.88 -22.36 -1.52
N ASN C 607 2.90 -23.00 -2.15
CA ASN C 607 2.77 -24.47 -2.16
C ASN C 607 2.79 -25.02 -0.73
N THR C 608 1.98 -24.40 0.14
CA THR C 608 1.98 -24.77 1.54
C THR C 608 1.33 -26.14 1.77
N VAL C 609 0.46 -26.59 0.85
CA VAL C 609 -0.19 -27.88 1.04
C VAL C 609 0.82 -29.01 0.95
N PHE C 610 1.72 -28.95 -0.03
CA PHE C 610 2.72 -30.00 -0.19
C PHE C 610 3.70 -30.02 0.97
N PHE C 611 4.09 -28.85 1.46
CA PHE C 611 5.11 -28.76 2.50
C PHE C 611 4.53 -28.82 3.91
N ASP C 612 3.21 -28.81 4.05
CA ASP C 612 2.57 -28.85 5.36
C ASP C 612 1.65 -30.04 5.57
N ILE C 613 1.15 -30.65 4.51
CA ILE C 613 0.26 -31.80 4.60
C ILE C 613 0.93 -33.05 4.03
N ASN C 614 1.43 -32.96 2.79
CA ASN C 614 2.03 -34.12 2.15
C ASN C 614 3.31 -34.53 2.87
N LEU C 615 4.22 -33.58 3.10
CA LEU C 615 5.49 -33.92 3.74
C LEU C 615 5.31 -34.26 5.21
N ARG C 616 4.37 -33.59 5.88
CA ARG C 616 4.09 -33.91 7.28
C ARG C 616 3.55 -35.34 7.41
N GLY C 617 2.66 -35.74 6.50
CA GLY C 617 2.19 -37.11 6.50
C GLY C 617 3.26 -38.11 6.14
N LEU C 618 4.15 -37.74 5.20
CA LEU C 618 5.23 -38.62 4.82
C LEU C 618 6.23 -38.83 5.95
N ASP C 619 6.44 -37.79 6.77
CA ASP C 619 7.39 -37.90 7.87
C ASP C 619 6.98 -38.96 8.89
N GLY C 620 5.69 -39.21 9.02
CA GLY C 620 5.21 -40.19 9.99
C GLY C 620 5.35 -41.64 9.57
N ILE C 621 5.69 -41.89 8.31
CA ILE C 621 5.84 -43.26 7.81
C ILE C 621 7.31 -43.63 7.70
N GLN C 622 8.05 -42.94 6.83
CA GLN C 622 9.48 -43.15 6.70
C GLN C 622 10.27 -41.86 6.56
N GLY C 623 9.62 -40.74 6.27
CA GLY C 623 10.31 -39.47 6.18
C GLY C 623 9.96 -38.71 4.90
N PRO C 624 10.34 -37.45 4.84
CA PRO C 624 10.04 -36.63 3.66
C PRO C 624 10.87 -37.05 2.47
N VAL C 625 10.40 -36.64 1.29
CA VAL C 625 11.12 -36.89 0.04
C VAL C 625 12.12 -35.76 -0.17
N TYR C 626 13.24 -36.09 -0.79
CA TYR C 626 14.27 -35.10 -1.09
C TYR C 626 13.80 -34.15 -2.18
N VAL C 627 13.98 -32.85 -1.96
CA VAL C 627 13.43 -31.84 -2.87
C VAL C 627 14.52 -30.88 -3.33
N GLY C 628 15.78 -31.24 -3.12
CA GLY C 628 16.88 -30.44 -3.64
C GLY C 628 17.55 -29.54 -2.62
N THR C 629 17.21 -28.25 -2.64
CA THR C 629 17.87 -27.30 -1.77
C THR C 629 17.46 -27.50 -0.32
N GLY C 630 18.30 -27.03 0.59
CA GLY C 630 18.02 -27.07 2.01
C GLY C 630 17.93 -28.45 2.62
N CYS C 631 18.88 -29.32 2.30
CA CYS C 631 18.89 -30.68 2.83
C CYS C 631 20.27 -31.03 3.37
N VAL C 632 20.29 -31.74 4.50
CA VAL C 632 21.52 -32.16 5.15
C VAL C 632 21.64 -33.68 5.01
N PHE C 633 22.68 -34.14 4.32
CA PHE C 633 22.89 -35.54 4.01
C PHE C 633 23.99 -36.12 4.87
N ASN C 634 23.83 -37.39 5.24
CA ASN C 634 24.87 -38.16 5.90
C ASN C 634 25.80 -38.77 4.86
N ARG C 635 27.10 -38.82 5.18
CA ARG C 635 28.07 -39.33 4.22
C ARG C 635 27.88 -40.83 3.98
N THR C 636 27.63 -41.59 5.04
CA THR C 636 27.51 -43.04 4.90
C THR C 636 26.31 -43.41 4.04
N ALA C 637 25.18 -42.73 4.23
CA ALA C 637 24.02 -42.98 3.38
C ALA C 637 24.30 -42.57 1.94
N LEU C 638 25.03 -41.48 1.75
CA LEU C 638 25.39 -41.03 0.41
C LEU C 638 26.31 -42.02 -0.29
N TYR C 639 27.18 -42.69 0.47
CA TYR C 639 28.16 -43.61 -0.10
C TYR C 639 27.54 -44.96 -0.50
N GLY C 640 26.26 -45.18 -0.22
CA GLY C 640 25.59 -46.40 -0.60
C GLY C 640 25.56 -47.48 0.47
N TYR C 641 26.08 -47.20 1.66
CA TYR C 641 26.08 -48.20 2.73
C TYR C 641 24.69 -48.37 3.31
N GLU C 642 24.37 -49.60 3.70
CA GLU C 642 23.09 -49.91 4.30
C GLU C 642 23.05 -49.45 5.75
N PRO C 643 21.88 -49.05 6.25
CA PRO C 643 21.79 -48.65 7.66
C PRO C 643 21.93 -49.85 8.57
N PRO C 644 22.36 -49.65 9.81
CA PRO C 644 22.52 -50.77 10.73
C PRO C 644 21.18 -51.45 11.01
N LEU C 645 21.22 -52.78 11.15
CA LEU C 645 20.01 -53.54 11.41
C LEU C 645 19.55 -53.34 12.85
N LYS C 646 18.24 -53.17 13.01
CA LYS C 646 17.66 -52.97 14.34
C LYS C 646 17.24 -54.31 14.91
N PRO C 647 17.76 -54.73 16.07
CA PRO C 647 17.41 -56.01 16.69
C PRO C 647 16.17 -55.92 17.56
N SER C 713 38.90 -56.62 0.49
CA SER C 713 37.78 -55.83 -0.01
C SER C 713 38.26 -54.53 -0.64
N GLN C 714 39.59 -54.44 -0.88
CA GLN C 714 40.15 -53.25 -1.49
C GLN C 714 39.66 -53.09 -2.93
N MET C 715 39.59 -54.20 -3.67
CA MET C 715 39.12 -54.13 -5.06
C MET C 715 37.68 -53.68 -5.14
N SER C 716 36.84 -54.15 -4.21
CA SER C 716 35.44 -53.72 -4.20
C SER C 716 35.32 -52.22 -3.97
N LEU C 717 36.09 -51.70 -3.01
CA LEU C 717 36.06 -50.26 -2.76
C LEU C 717 36.58 -49.48 -3.95
N GLU C 718 37.64 -49.97 -4.60
CA GLU C 718 38.17 -49.30 -5.77
C GLU C 718 37.17 -49.27 -6.91
N LYS C 719 36.47 -50.39 -7.14
CA LYS C 719 35.48 -50.44 -8.20
C LYS C 719 34.28 -49.55 -7.88
N ARG C 720 33.84 -49.53 -6.62
CA ARG C 720 32.66 -48.77 -6.26
C ARG C 720 32.92 -47.27 -6.31
N PHE C 721 34.04 -46.83 -5.74
CA PHE C 721 34.31 -45.40 -5.61
C PHE C 721 35.15 -44.86 -6.77
N GLY C 722 36.35 -45.38 -6.94
CA GLY C 722 37.21 -44.93 -8.00
C GLY C 722 38.65 -45.35 -7.78
N GLN C 723 39.53 -44.77 -8.58
CA GLN C 723 40.95 -45.11 -8.56
C GLN C 723 41.76 -44.23 -7.62
N SER C 724 41.11 -43.31 -6.90
CA SER C 724 41.80 -42.42 -5.98
C SER C 724 41.94 -43.13 -4.63
N ALA C 725 43.19 -43.44 -4.26
CA ALA C 725 43.41 -44.13 -3.00
C ALA C 725 43.13 -43.23 -1.80
N VAL C 726 43.40 -41.93 -1.93
CA VAL C 726 43.16 -41.01 -0.83
C VAL C 726 41.67 -40.92 -0.50
N PHE C 727 40.83 -40.84 -1.54
CA PHE C 727 39.39 -40.79 -1.32
C PHE C 727 38.88 -42.07 -0.67
N VAL C 728 39.37 -43.22 -1.13
CA VAL C 728 38.96 -44.49 -0.56
C VAL C 728 39.36 -44.58 0.91
N ALA C 729 40.59 -44.14 1.23
CA ALA C 729 41.03 -44.13 2.62
C ALA C 729 40.18 -43.18 3.46
N SER C 730 39.80 -42.03 2.90
CA SER C 730 38.98 -41.07 3.64
C SER C 730 37.59 -41.63 3.89
N THR C 731 37.06 -42.43 2.96
CA THR C 731 35.74 -43.01 3.16
C THR C 731 35.70 -43.98 4.34
N LEU C 732 36.84 -44.48 4.79
CA LEU C 732 36.91 -45.41 5.90
C LEU C 732 37.06 -44.72 7.25
N MET C 733 37.17 -43.40 7.27
CA MET C 733 37.30 -42.65 8.52
C MET C 733 35.92 -42.56 9.18
N GLU C 734 35.78 -43.16 10.36
CA GLU C 734 34.49 -43.21 11.03
C GLU C 734 34.10 -41.85 11.59
N ASN C 735 35.07 -41.05 12.03
CA ASN C 735 34.82 -39.75 12.63
C ASN C 735 35.08 -38.60 11.66
N GLY C 736 35.34 -38.90 10.39
CA GLY C 736 35.61 -37.86 9.43
C GLY C 736 37.00 -37.25 9.59
N GLY C 737 37.18 -36.10 8.96
CA GLY C 737 38.45 -35.40 9.01
C GLY C 737 39.48 -36.01 8.07
N VAL C 738 40.65 -35.38 8.06
CA VAL C 738 41.76 -35.85 7.22
C VAL C 738 42.88 -36.35 8.12
N PRO C 739 43.58 -37.41 7.73
CA PRO C 739 44.69 -37.90 8.56
C PRO C 739 45.83 -36.91 8.60
N GLN C 740 46.54 -36.91 9.73
CA GLN C 740 47.68 -36.02 9.89
C GLN C 740 48.84 -36.46 9.01
N SER C 741 49.87 -35.60 8.94
CA SER C 741 51.06 -35.73 8.11
C SER C 741 50.72 -35.60 6.63
N ALA C 742 49.51 -35.15 6.29
CA ALA C 742 49.13 -34.94 4.90
C ALA C 742 49.49 -33.51 4.49
N THR C 743 50.37 -33.39 3.50
CA THR C 743 50.81 -32.07 3.06
C THR C 743 49.71 -31.39 2.26
N PRO C 744 49.37 -30.14 2.57
CA PRO C 744 48.35 -29.43 1.78
C PRO C 744 48.70 -29.34 0.31
N GLU C 745 49.99 -29.22 -0.02
CA GLU C 745 50.41 -29.20 -1.41
C GLU C 745 50.05 -30.49 -2.13
N THR C 746 50.02 -31.62 -1.41
CA THR C 746 49.58 -32.88 -1.97
C THR C 746 48.08 -33.06 -1.91
N LEU C 747 47.42 -32.50 -0.88
CA LEU C 747 45.98 -32.56 -0.81
C LEU C 747 45.33 -31.81 -1.97
N LEU C 748 45.89 -30.65 -2.34
CA LEU C 748 45.37 -29.91 -3.48
C LEU C 748 45.53 -30.72 -4.77
N LYS C 749 46.68 -31.38 -4.93
CA LYS C 749 46.89 -32.21 -6.12
C LYS C 749 45.90 -33.36 -6.17
N GLU C 750 45.66 -34.01 -5.02
CA GLU C 750 44.69 -35.11 -4.99
C GLU C 750 43.28 -34.61 -5.29
N ALA C 751 42.91 -33.45 -4.76
CA ALA C 751 41.59 -32.89 -5.03
C ALA C 751 41.44 -32.53 -6.51
N ILE C 752 42.51 -32.04 -7.13
CA ILE C 752 42.47 -31.78 -8.57
C ILE C 752 42.33 -33.09 -9.34
N HIS C 753 42.99 -34.15 -8.86
CA HIS C 753 42.91 -35.44 -9.54
C HIS C 753 41.50 -36.00 -9.49
N VAL C 754 40.85 -35.94 -8.31
CA VAL C 754 39.53 -36.52 -8.17
C VAL C 754 38.45 -35.70 -8.87
N ILE C 755 38.76 -34.48 -9.28
CA ILE C 755 37.78 -33.60 -9.93
C ILE C 755 37.90 -33.67 -11.45
N SER C 756 38.76 -34.55 -11.96
CA SER C 756 38.96 -34.67 -13.40
C SER C 756 37.69 -35.19 -14.07
N CYS C 757 37.55 -34.87 -15.37
CA CYS C 757 36.35 -35.23 -16.10
C CYS C 757 36.22 -36.75 -16.25
N GLY C 758 37.32 -37.42 -16.55
CA GLY C 758 37.29 -38.85 -16.79
C GLY C 758 37.54 -39.69 -15.55
N TYR C 759 36.98 -39.29 -14.41
CA TYR C 759 37.17 -40.02 -13.17
C TYR C 759 36.05 -41.03 -12.91
N GLU C 760 34.80 -40.65 -13.16
CA GLU C 760 33.66 -41.51 -12.85
C GLU C 760 33.42 -42.53 -13.97
N ASP C 761 34.45 -43.29 -14.30
CA ASP C 761 34.34 -44.38 -15.26
C ASP C 761 34.50 -45.72 -14.56
N LYS C 762 33.69 -46.69 -14.98
CA LYS C 762 33.65 -48.03 -14.37
C LYS C 762 33.36 -47.98 -12.87
N THR C 763 32.71 -46.92 -12.40
CA THR C 763 32.37 -46.75 -11.00
C THR C 763 30.86 -46.69 -10.83
N ASP C 764 30.43 -46.69 -9.57
CA ASP C 764 29.02 -46.64 -9.23
C ASP C 764 28.51 -45.21 -9.05
N TRP C 765 29.34 -44.20 -9.30
CA TRP C 765 28.90 -42.82 -9.15
C TRP C 765 27.79 -42.50 -10.15
N GLY C 766 26.70 -41.94 -9.64
CA GLY C 766 25.59 -41.55 -10.49
C GLY C 766 24.62 -42.66 -10.83
N SER C 767 24.90 -43.90 -10.44
CA SER C 767 24.02 -45.02 -10.72
C SER C 767 23.57 -45.74 -9.46
N GLU C 768 24.46 -45.93 -8.49
CA GLU C 768 24.11 -46.57 -7.22
C GLU C 768 24.48 -45.75 -5.99
N ILE C 769 25.41 -44.79 -6.10
CA ILE C 769 25.83 -43.98 -4.97
C ILE C 769 25.80 -42.51 -5.38
N GLY C 770 25.68 -41.65 -4.37
CA GLY C 770 25.66 -40.22 -4.62
C GLY C 770 24.39 -39.76 -5.34
N TRP C 771 24.53 -38.64 -6.05
CA TRP C 771 23.43 -38.11 -6.84
C TRP C 771 23.23 -38.97 -8.07
N ILE C 772 22.05 -39.56 -8.20
CA ILE C 772 21.78 -40.52 -9.28
C ILE C 772 21.57 -39.77 -10.58
N TYR C 773 22.29 -40.17 -11.63
CA TYR C 773 22.25 -39.46 -12.89
C TYR C 773 20.94 -39.70 -13.63
N GLY C 774 20.72 -38.90 -14.67
CA GLY C 774 19.52 -38.99 -15.48
C GLY C 774 19.00 -37.64 -15.90
N SER C 775 18.07 -37.61 -16.86
CA SER C 775 17.45 -36.38 -17.31
C SER C 775 16.24 -35.99 -16.46
N VAL C 776 16.19 -36.46 -15.22
CA VAL C 776 15.10 -36.21 -14.32
C VAL C 776 15.49 -35.07 -13.39
N THR C 777 14.51 -34.52 -12.66
CA THR C 777 14.79 -33.51 -11.64
C THR C 777 15.81 -34.02 -10.63
N GLU C 778 15.91 -35.34 -10.48
CA GLU C 778 16.98 -36.08 -9.83
C GLU C 778 16.90 -35.99 -8.31
N ASP C 779 16.12 -35.07 -7.74
CA ASP C 779 16.03 -35.00 -6.29
C ASP C 779 15.06 -36.01 -5.71
N ILE C 780 14.20 -36.61 -6.53
CA ILE C 780 13.35 -37.70 -6.06
C ILE C 780 14.09 -39.04 -6.15
N LEU C 781 14.90 -39.20 -7.20
CA LEU C 781 15.57 -40.48 -7.42
C LEU C 781 16.57 -40.81 -6.32
N THR C 782 17.37 -39.82 -5.91
CA THR C 782 18.38 -40.06 -4.87
C THR C 782 17.73 -40.42 -3.55
N GLY C 783 16.73 -39.65 -3.14
CA GLY C 783 16.03 -39.95 -1.89
C GLY C 783 15.33 -41.29 -1.92
N PHE C 784 14.72 -41.62 -3.07
CA PHE C 784 14.02 -42.91 -3.17
C PHE C 784 15.02 -44.06 -3.12
N LYS C 785 16.17 -43.92 -3.77
CA LYS C 785 17.19 -44.97 -3.70
C LYS C 785 17.74 -45.13 -2.29
N MET C 786 17.91 -44.01 -1.57
CA MET C 786 18.32 -44.09 -0.18
C MET C 786 17.27 -44.80 0.68
N HIS C 787 15.99 -44.47 0.44
CA HIS C 787 14.92 -45.08 1.22
C HIS C 787 14.78 -46.57 0.92
N ALA C 788 15.07 -46.99 -0.31
CA ALA C 788 14.95 -48.39 -0.68
C ALA C 788 15.90 -49.29 0.09
N ARG C 789 16.94 -48.72 0.71
CA ARG C 789 17.87 -49.49 1.51
C ARG C 789 17.48 -49.56 2.97
N GLY C 790 16.37 -48.95 3.35
CA GLY C 790 15.91 -48.95 4.73
C GLY C 790 16.27 -47.72 5.53
N TRP C 791 16.82 -46.68 4.90
CA TRP C 791 17.18 -45.48 5.62
C TRP C 791 15.93 -44.69 6.01
N ARG C 792 16.06 -43.92 7.09
CA ARG C 792 15.00 -43.07 7.60
C ARG C 792 15.37 -41.61 7.42
N SER C 793 14.43 -40.81 6.94
CA SER C 793 14.65 -39.38 6.74
C SER C 793 13.83 -38.58 7.74
N ILE C 794 14.32 -37.39 8.06
CA ILE C 794 13.74 -36.55 9.10
C ILE C 794 13.27 -35.25 8.48
N TYR C 795 12.06 -34.84 8.84
CA TYR C 795 11.48 -33.57 8.42
C TYR C 795 11.54 -32.61 9.59
N CYS C 796 12.35 -31.56 9.46
CA CYS C 796 12.53 -30.56 10.49
C CYS C 796 11.81 -29.29 10.11
N MET C 797 10.98 -28.78 11.02
CA MET C 797 10.18 -27.58 10.80
C MET C 797 10.39 -26.60 11.95
N PRO C 798 11.47 -25.83 11.92
CA PRO C 798 11.67 -24.81 12.94
C PRO C 798 10.64 -23.70 12.83
N LYS C 799 10.40 -23.01 13.95
CA LYS C 799 9.44 -21.90 13.95
C LYS C 799 9.88 -20.80 12.98
N ARG C 800 11.16 -20.44 13.03
CA ARG C 800 11.72 -19.53 12.04
C ARG C 800 12.28 -20.34 10.89
N PRO C 801 11.91 -20.05 9.64
CA PRO C 801 12.40 -20.87 8.52
C PRO C 801 13.92 -20.87 8.45
N ALA C 802 14.48 -22.05 8.18
CA ALA C 802 15.93 -22.19 8.14
C ALA C 802 16.51 -21.52 6.90
N PHE C 803 15.91 -21.75 5.74
CA PHE C 803 16.39 -21.20 4.48
C PHE C 803 15.25 -20.52 3.74
N LYS C 804 15.57 -19.44 3.03
CA LYS C 804 14.60 -18.70 2.25
C LYS C 804 15.15 -18.44 0.85
N GLY C 805 14.25 -18.42 -0.13
CA GLY C 805 14.64 -18.20 -1.51
C GLY C 805 13.77 -17.19 -2.22
N SER C 806 13.84 -17.15 -3.55
CA SER C 806 13.07 -16.23 -4.36
C SER C 806 12.16 -17.01 -5.30
N ALA C 807 10.88 -16.69 -5.29
CA ALA C 807 9.91 -17.34 -6.15
C ALA C 807 9.98 -16.76 -7.56
N PRO C 808 9.57 -17.53 -8.57
CA PRO C 808 9.54 -16.99 -9.94
C PRO C 808 8.59 -15.81 -10.04
N ILE C 809 8.97 -14.83 -10.85
CA ILE C 809 8.21 -13.59 -10.97
C ILE C 809 7.09 -13.72 -12.00
N ASN C 810 7.37 -14.35 -13.15
CA ASN C 810 6.39 -14.50 -14.21
C ASN C 810 5.82 -15.91 -14.24
N LEU C 811 4.63 -16.04 -14.81
CA LEU C 811 3.97 -17.33 -14.91
C LEU C 811 4.69 -18.29 -15.85
N SER C 812 5.49 -17.75 -16.78
CA SER C 812 6.20 -18.60 -17.73
C SER C 812 7.17 -19.53 -17.00
N ASP C 813 7.93 -18.99 -16.03
CA ASP C 813 8.88 -19.81 -15.28
C ASP C 813 8.16 -20.87 -14.45
N ARG C 814 7.03 -20.50 -13.83
CA ARG C 814 6.28 -21.47 -13.05
C ARG C 814 5.76 -22.60 -13.93
N LEU C 815 5.20 -22.25 -15.09
CA LEU C 815 4.72 -23.28 -16.00
C LEU C 815 5.85 -24.16 -16.49
N ASN C 816 7.01 -23.55 -16.80
CA ASN C 816 8.15 -24.34 -17.27
C ASN C 816 8.64 -25.30 -16.21
N GLN C 817 8.69 -24.85 -14.95
CA GLN C 817 9.18 -25.75 -13.89
C GLN C 817 8.15 -26.82 -13.56
N VAL C 818 6.86 -26.53 -13.67
CA VAL C 818 5.84 -27.57 -13.49
C VAL C 818 5.96 -28.61 -14.60
N LEU C 819 6.17 -28.15 -15.84
CA LEU C 819 6.37 -29.09 -16.94
C LEU C 819 7.62 -29.92 -16.74
N ARG C 820 8.69 -29.30 -16.23
CA ARG C 820 9.91 -30.04 -15.94
C ARG C 820 9.68 -31.11 -14.88
N TRP C 821 8.96 -30.76 -13.81
CA TRP C 821 8.67 -31.74 -12.76
C TRP C 821 7.84 -32.89 -13.30
N ALA C 822 6.82 -32.59 -14.10
CA ALA C 822 5.98 -33.66 -14.63
C ALA C 822 6.74 -34.53 -15.62
N LEU C 823 7.62 -33.92 -16.43
CA LEU C 823 8.46 -34.69 -17.35
C LEU C 823 9.41 -35.60 -16.57
N GLY C 824 9.99 -35.09 -15.47
CA GLY C 824 10.81 -35.94 -14.64
C GLY C 824 10.05 -37.10 -14.03
N SER C 825 8.81 -36.84 -13.60
CA SER C 825 7.99 -37.89 -13.03
C SER C 825 7.67 -38.97 -14.06
N VAL C 826 7.27 -38.56 -15.27
CA VAL C 826 6.93 -39.55 -16.29
C VAL C 826 8.18 -40.30 -16.75
N GLU C 827 9.34 -39.63 -16.71
CA GLU C 827 10.60 -40.33 -17.00
C GLU C 827 10.91 -41.36 -15.94
N ILE C 828 10.65 -41.03 -14.67
CA ILE C 828 10.81 -42.00 -13.59
C ILE C 828 9.88 -43.19 -13.81
N LEU C 829 8.67 -42.92 -14.31
CA LEU C 829 7.71 -44.00 -14.51
C LEU C 829 8.24 -45.05 -15.48
N PHE C 830 8.79 -44.61 -16.62
CA PHE C 830 9.43 -45.53 -17.56
C PHE C 830 10.94 -45.54 -17.32
N SER C 831 11.32 -46.13 -16.18
CA SER C 831 12.72 -46.28 -15.83
C SER C 831 12.85 -47.44 -14.85
N ARG C 832 14.09 -47.89 -14.66
CA ARG C 832 14.33 -49.01 -13.76
C ARG C 832 14.01 -48.67 -12.31
N HIS C 833 14.14 -47.40 -11.92
CA HIS C 833 13.92 -46.97 -10.55
C HIS C 833 12.46 -46.62 -10.28
N CYS C 834 11.53 -47.13 -11.07
CA CYS C 834 10.12 -46.84 -10.84
C CYS C 834 9.65 -47.58 -9.60
N PRO C 835 8.91 -46.92 -8.69
CA PRO C 835 8.60 -47.53 -7.39
C PRO C 835 7.70 -48.75 -7.47
N ILE C 836 7.08 -49.02 -8.61
CA ILE C 836 6.11 -50.11 -8.68
C ILE C 836 6.78 -51.46 -8.44
N TRP C 837 7.92 -51.69 -9.07
CA TRP C 837 8.64 -52.95 -8.90
C TRP C 837 10.06 -52.82 -8.38
N TYR C 838 10.68 -51.65 -8.48
CA TYR C 838 12.03 -51.49 -7.96
C TYR C 838 12.04 -51.57 -6.44
N GLY C 839 13.03 -52.28 -5.90
CA GLY C 839 13.15 -52.42 -4.46
C GLY C 839 12.22 -53.42 -3.83
N TYR C 840 11.58 -54.27 -4.62
CA TYR C 840 10.68 -55.28 -4.06
C TYR C 840 11.45 -56.25 -3.18
N GLY C 841 10.89 -56.56 -2.01
CA GLY C 841 11.57 -57.42 -1.06
C GLY C 841 12.64 -56.75 -0.24
N GLY C 842 12.79 -55.44 -0.35
CA GLY C 842 13.79 -54.70 0.38
C GLY C 842 13.28 -54.22 1.73
N ARG C 843 13.90 -53.15 2.22
CA ARG C 843 13.55 -52.58 3.52
C ARG C 843 12.75 -51.28 3.38
N LEU C 844 11.95 -51.16 2.33
CA LEU C 844 11.10 -50.01 2.11
C LEU C 844 9.70 -50.28 2.62
N LYS C 845 9.16 -49.36 3.41
CA LYS C 845 7.82 -49.53 3.94
C LYS C 845 6.78 -49.51 2.83
N TRP C 846 5.74 -50.34 2.97
CA TRP C 846 4.72 -50.44 1.94
C TRP C 846 3.97 -49.13 1.76
N LEU C 847 3.69 -48.42 2.85
CA LEU C 847 3.03 -47.13 2.73
C LEU C 847 3.94 -46.10 2.07
N GLU C 848 5.24 -46.17 2.34
CA GLU C 848 6.19 -45.30 1.66
C GLU C 848 6.22 -45.60 0.16
N ARG C 849 6.17 -46.88 -0.21
CA ARG C 849 6.09 -47.24 -1.62
C ARG C 849 4.80 -46.73 -2.25
N PHE C 850 3.69 -46.80 -1.51
CA PHE C 850 2.43 -46.25 -2.01
C PHE C 850 2.55 -44.75 -2.26
N ALA C 851 3.17 -44.02 -1.32
CA ALA C 851 3.35 -42.59 -1.50
C ALA C 851 4.26 -42.28 -2.68
N TYR C 852 5.31 -43.09 -2.88
CA TYR C 852 6.21 -42.88 -4.01
C TYR C 852 5.49 -43.14 -5.34
N VAL C 853 4.66 -44.18 -5.39
CA VAL C 853 3.86 -44.41 -6.58
C VAL C 853 2.89 -43.25 -6.81
N ASN C 854 2.34 -42.70 -5.73
CA ASN C 854 1.45 -41.55 -5.84
C ASN C 854 2.18 -40.37 -6.47
N THR C 855 3.35 -40.03 -5.95
CA THR C 855 4.09 -38.88 -6.44
C THR C 855 4.79 -39.16 -7.77
N THR C 856 4.79 -40.41 -8.25
CA THR C 856 5.42 -40.75 -9.52
C THR C 856 4.43 -40.77 -10.68
N ILE C 857 3.30 -41.45 -10.52
CA ILE C 857 2.35 -41.67 -11.61
C ILE C 857 1.26 -40.60 -11.66
N TYR C 858 1.43 -39.51 -10.92
CA TYR C 858 0.41 -38.47 -10.88
C TYR C 858 0.07 -37.83 -12.24
N PRO C 859 1.03 -37.44 -13.09
CA PRO C 859 0.64 -36.71 -14.31
C PRO C 859 -0.17 -37.56 -15.29
N VAL C 860 -0.13 -38.88 -15.16
CA VAL C 860 -0.98 -39.74 -15.99
C VAL C 860 -2.44 -39.39 -15.78
N THR C 861 -2.82 -39.02 -14.54
CA THR C 861 -4.17 -38.57 -14.23
C THR C 861 -4.64 -37.45 -15.17
N ALA C 862 -3.71 -36.74 -15.81
CA ALA C 862 -4.08 -35.68 -16.73
C ALA C 862 -4.95 -36.21 -17.87
N ILE C 863 -4.70 -37.44 -18.34
CA ILE C 863 -5.41 -37.93 -19.52
C ILE C 863 -6.90 -38.05 -19.28
N PRO C 864 -7.39 -38.68 -18.20
CA PRO C 864 -8.85 -38.68 -17.98
C PRO C 864 -9.42 -37.30 -17.67
N LEU C 865 -8.68 -36.48 -16.89
CA LEU C 865 -9.18 -35.17 -16.52
C LEU C 865 -9.59 -34.36 -17.73
N LEU C 866 -8.69 -34.24 -18.71
CA LEU C 866 -9.02 -33.56 -19.96
C LEU C 866 -10.32 -34.10 -20.55
N ILE C 867 -10.44 -35.43 -20.63
CA ILE C 867 -11.66 -36.04 -21.15
C ILE C 867 -12.86 -35.58 -20.34
N TYR C 868 -12.74 -35.62 -19.02
CA TYR C 868 -13.85 -35.16 -18.18
C TYR C 868 -14.11 -33.68 -18.40
N CYS C 869 -13.06 -32.89 -18.62
CA CYS C 869 -13.25 -31.47 -18.90
C CYS C 869 -13.96 -31.27 -20.24
N ILE C 870 -13.83 -32.23 -21.16
CA ILE C 870 -14.57 -32.17 -22.41
C ILE C 870 -16.01 -32.63 -22.22
N LEU C 871 -16.29 -33.38 -21.15
CA LEU C 871 -17.60 -33.99 -20.96
C LEU C 871 -18.75 -32.98 -20.94
N PRO C 872 -18.66 -31.85 -20.21
CA PRO C 872 -19.82 -30.93 -20.20
C PRO C 872 -20.19 -30.39 -21.56
N ALA C 873 -19.21 -29.91 -22.33
CA ALA C 873 -19.50 -29.22 -23.58
C ALA C 873 -20.31 -30.09 -24.53
N VAL C 874 -19.86 -31.31 -24.78
CA VAL C 874 -20.63 -32.24 -25.59
C VAL C 874 -21.99 -32.48 -24.95
N CYS C 875 -22.01 -32.68 -23.63
CA CYS C 875 -23.27 -32.84 -22.91
C CYS C 875 -24.19 -31.65 -23.15
N LEU C 876 -23.62 -30.46 -23.31
CA LEU C 876 -24.43 -29.29 -23.62
C LEU C 876 -24.84 -29.27 -25.10
N LEU C 877 -23.93 -29.69 -25.99
CA LEU C 877 -24.24 -29.64 -27.42
C LEU C 877 -25.13 -30.80 -27.84
N THR C 878 -24.87 -32.00 -27.30
CA THR C 878 -25.66 -33.18 -27.66
C THR C 878 -27.04 -33.14 -27.02
N ASN C 879 -27.22 -32.35 -25.96
CA ASN C 879 -28.49 -32.21 -25.25
C ASN C 879 -28.87 -33.48 -24.50
N LYS C 880 -27.87 -34.13 -23.89
CA LYS C 880 -28.09 -35.25 -22.99
C LYS C 880 -27.14 -35.12 -21.82
N PHE C 881 -27.62 -35.52 -20.64
CA PHE C 881 -26.86 -35.40 -19.40
C PHE C 881 -26.18 -36.72 -19.09
N ILE C 882 -25.06 -36.63 -18.35
CA ILE C 882 -24.25 -37.82 -18.09
C ILE C 882 -24.98 -38.80 -17.18
N ILE C 883 -25.68 -38.29 -16.17
CA ILE C 883 -26.39 -39.14 -15.21
C ILE C 883 -27.76 -39.49 -15.75
N PRO C 884 -28.40 -40.56 -15.27
CA PRO C 884 -29.77 -40.86 -15.71
C PRO C 884 -30.79 -39.89 -15.12
N GLN C 885 -32.08 -40.19 -15.30
CA GLN C 885 -33.13 -39.33 -14.75
C GLN C 885 -32.93 -39.16 -13.25
N ILE C 886 -33.09 -37.91 -12.79
CA ILE C 886 -32.82 -37.58 -11.39
C ILE C 886 -33.74 -38.37 -10.48
N SER C 887 -33.17 -38.90 -9.40
CA SER C 887 -33.92 -39.69 -8.43
C SER C 887 -33.53 -39.26 -7.02
N ASN C 888 -34.51 -39.29 -6.11
CA ASN C 888 -34.23 -38.96 -4.72
C ASN C 888 -33.26 -39.96 -4.09
N LEU C 889 -33.46 -41.25 -4.38
CA LEU C 889 -32.56 -42.29 -3.89
C LEU C 889 -31.12 -42.05 -4.34
N ALA C 890 -30.92 -41.37 -5.46
CA ALA C 890 -29.60 -40.98 -5.94
C ALA C 890 -29.19 -39.61 -5.45
N SER C 891 -30.13 -38.66 -5.39
CA SER C 891 -29.79 -37.30 -4.98
C SER C 891 -29.29 -37.28 -3.54
N ILE C 892 -29.81 -38.16 -2.68
CA ILE C 892 -29.30 -38.24 -1.32
C ILE C 892 -27.81 -38.58 -1.32
N TRP C 893 -27.42 -39.56 -2.13
CA TRP C 893 -26.01 -39.93 -2.21
C TRP C 893 -25.17 -38.80 -2.81
N PHE C 894 -25.69 -38.13 -3.84
CA PHE C 894 -24.96 -37.01 -4.44
C PHE C 894 -24.69 -35.91 -3.41
N ILE C 895 -25.74 -35.46 -2.72
CA ILE C 895 -25.60 -34.37 -1.76
C ILE C 895 -24.71 -34.78 -0.60
N SER C 896 -24.89 -36.00 -0.09
CA SER C 896 -24.07 -36.46 1.01
C SER C 896 -22.61 -36.61 0.62
N LEU C 897 -22.34 -37.02 -0.62
CA LEU C 897 -20.97 -37.09 -1.11
C LEU C 897 -20.34 -35.72 -1.19
N PHE C 898 -21.08 -34.74 -1.72
CA PHE C 898 -20.56 -33.37 -1.77
C PHE C 898 -20.27 -32.83 -0.37
N LEU C 899 -21.18 -33.09 0.57
CA LEU C 899 -20.97 -32.65 1.95
C LEU C 899 -19.77 -33.35 2.58
N SER C 900 -19.57 -34.63 2.28
CA SER C 900 -18.40 -35.34 2.78
C SER C 900 -17.11 -34.74 2.25
N ILE C 901 -17.10 -34.38 0.96
CA ILE C 901 -15.93 -33.73 0.38
C ILE C 901 -15.65 -32.41 1.09
N PHE C 902 -16.70 -31.61 1.30
CA PHE C 902 -16.52 -30.33 1.98
C PHE C 902 -16.01 -30.53 3.41
N ALA C 903 -16.55 -31.54 4.11
CA ALA C 903 -16.16 -31.78 5.49
C ALA C 903 -14.71 -32.24 5.59
N THR C 904 -14.28 -33.14 4.70
CA THR C 904 -12.89 -33.59 4.74
C THR C 904 -11.94 -32.46 4.37
N GLY C 905 -12.35 -31.58 3.45
CA GLY C 905 -11.55 -30.39 3.18
C GLY C 905 -11.44 -29.50 4.41
N ILE C 906 -12.55 -29.30 5.12
CA ILE C 906 -12.54 -28.47 6.33
C ILE C 906 -11.62 -29.06 7.39
N LEU C 907 -11.68 -30.39 7.57
CA LEU C 907 -10.85 -31.01 8.60
C LEU C 907 -9.37 -31.01 8.21
N GLU C 908 -9.06 -31.23 6.94
CA GLU C 908 -7.69 -31.12 6.47
C GLU C 908 -7.16 -29.71 6.67
N MET C 909 -8.05 -28.71 6.51
CA MET C 909 -7.70 -27.34 6.87
C MET C 909 -7.40 -27.21 8.35
N ARG C 910 -8.27 -27.74 9.21
CA ARG C 910 -8.22 -27.42 10.63
C ARG C 910 -7.03 -28.08 11.30
N TRP C 911 -6.63 -29.29 10.86
CA TRP C 911 -5.49 -29.92 11.50
C TRP C 911 -4.15 -29.41 11.01
N SER C 912 -4.10 -28.70 9.88
CA SER C 912 -2.85 -28.19 9.34
C SER C 912 -2.76 -26.67 9.33
N GLY C 913 -3.88 -25.95 9.40
CA GLY C 913 -3.85 -24.51 9.35
C GLY C 913 -3.50 -23.93 7.99
N VAL C 914 -3.76 -24.66 6.92
CA VAL C 914 -3.41 -24.18 5.58
C VAL C 914 -4.28 -22.99 5.19
N GLY C 915 -5.58 -23.10 5.41
CA GLY C 915 -6.48 -22.01 5.08
C GLY C 915 -7.34 -22.33 3.87
N ILE C 916 -8.53 -21.73 3.83
CA ILE C 916 -9.46 -21.99 2.73
C ILE C 916 -8.92 -21.40 1.43
N ASP C 917 -8.29 -20.22 1.51
CA ASP C 917 -7.74 -19.60 0.31
C ASP C 917 -6.71 -20.51 -0.36
N GLU C 918 -5.72 -20.98 0.42
CA GLU C 918 -4.65 -21.77 -0.17
C GLU C 918 -5.15 -23.15 -0.58
N TRP C 919 -6.10 -23.72 0.16
CA TRP C 919 -6.65 -25.03 -0.21
C TRP C 919 -7.39 -24.95 -1.53
N TRP C 920 -8.25 -23.94 -1.69
CA TRP C 920 -8.98 -23.77 -2.95
C TRP C 920 -8.03 -23.44 -4.09
N ARG C 921 -7.01 -22.63 -3.82
CA ARG C 921 -6.00 -22.33 -4.84
C ARG C 921 -5.28 -23.61 -5.26
N ASN C 922 -4.95 -24.48 -4.31
CA ASN C 922 -4.29 -25.73 -4.65
C ASN C 922 -5.19 -26.64 -5.47
N GLU C 923 -6.48 -26.68 -5.15
CA GLU C 923 -7.41 -27.50 -5.92
C GLU C 923 -7.50 -27.02 -7.36
N GLN C 924 -7.78 -25.73 -7.55
CA GLN C 924 -7.87 -25.20 -8.90
C GLN C 924 -6.52 -25.28 -9.62
N PHE C 925 -5.42 -25.23 -8.87
CA PHE C 925 -4.11 -25.31 -9.50
C PHE C 925 -3.79 -26.74 -9.93
N TRP C 926 -4.25 -27.73 -9.16
CA TRP C 926 -4.16 -29.11 -9.62
C TRP C 926 -4.97 -29.29 -10.90
N VAL C 927 -6.15 -28.67 -10.97
CA VAL C 927 -6.95 -28.77 -12.19
C VAL C 927 -6.19 -28.16 -13.36
N ILE C 928 -5.71 -26.92 -13.20
CA ILE C 928 -5.06 -26.23 -14.31
C ILE C 928 -3.79 -26.95 -14.71
N GLY C 929 -3.04 -27.49 -13.75
CA GLY C 929 -1.85 -28.25 -14.08
C GLY C 929 -2.17 -29.50 -14.88
N GLY C 930 -3.15 -30.28 -14.42
CA GLY C 930 -3.52 -31.49 -15.14
C GLY C 930 -3.98 -31.21 -16.57
N VAL C 931 -4.70 -30.11 -16.77
CA VAL C 931 -5.18 -29.82 -18.12
C VAL C 931 -4.16 -29.08 -18.99
N SER C 932 -3.18 -28.40 -18.39
CA SER C 932 -2.24 -27.57 -19.13
C SER C 932 -0.87 -28.24 -19.29
N ALA C 933 -0.19 -28.51 -18.17
CA ALA C 933 1.20 -28.91 -18.23
C ALA C 933 1.38 -30.41 -18.11
N HIS C 934 0.56 -31.05 -17.28
CA HIS C 934 0.65 -32.50 -17.13
C HIS C 934 0.31 -33.20 -18.44
N LEU C 935 -0.65 -32.66 -19.18
CA LEU C 935 -1.03 -33.25 -20.47
C LEU C 935 0.14 -33.19 -21.46
N PHE C 936 0.76 -32.01 -21.60
CA PHE C 936 1.90 -31.88 -22.49
C PHE C 936 3.06 -32.75 -22.05
N ALA C 937 3.31 -32.84 -20.75
CA ALA C 937 4.40 -33.67 -20.25
C ALA C 937 4.14 -35.14 -20.55
N VAL C 938 2.90 -35.60 -20.38
CA VAL C 938 2.58 -36.98 -20.68
C VAL C 938 2.73 -37.25 -22.17
N PHE C 939 2.28 -36.32 -23.01
CA PHE C 939 2.45 -36.49 -24.45
C PHE C 939 3.92 -36.59 -24.82
N GLN C 940 4.75 -35.68 -24.28
CA GLN C 940 6.17 -35.69 -24.61
C GLN C 940 6.85 -36.94 -24.09
N GLY C 941 6.48 -37.40 -22.89
CA GLY C 941 7.07 -38.62 -22.36
C GLY C 941 6.69 -39.85 -23.16
N LEU C 942 5.43 -39.93 -23.59
CA LEU C 942 5.00 -41.04 -24.43
C LEU C 942 5.73 -41.01 -25.77
N LEU C 943 5.90 -39.82 -26.36
CA LEU C 943 6.65 -39.71 -27.61
C LEU C 943 8.11 -40.13 -27.42
N LYS C 944 8.72 -39.72 -26.30
CA LYS C 944 10.10 -40.09 -26.04
C LYS C 944 10.26 -41.59 -25.84
N VAL C 945 9.34 -42.21 -25.10
CA VAL C 945 9.41 -43.65 -24.86
C VAL C 945 9.20 -44.41 -26.16
N LEU C 946 8.20 -44.01 -26.95
CA LEU C 946 7.95 -44.68 -28.22
C LEU C 946 9.04 -44.38 -29.24
N ALA C 947 9.60 -43.18 -29.21
CA ALA C 947 10.66 -42.81 -30.14
C ALA C 947 11.94 -42.44 -29.39
N THR C 975 2.65 -19.08 -24.83
CA THR C 975 3.32 -20.37 -24.97
C THR C 975 2.29 -21.45 -25.26
N THR C 976 2.76 -22.56 -25.86
CA THR C 976 1.84 -23.64 -26.21
C THR C 976 1.22 -24.29 -24.98
N LEU C 977 1.92 -24.24 -23.84
CA LEU C 977 1.40 -24.88 -22.62
C LEU C 977 0.07 -24.28 -22.18
N LEU C 978 -0.20 -23.04 -22.56
CA LEU C 978 -1.45 -22.38 -22.22
C LEU C 978 -2.52 -22.51 -23.29
N ILE C 979 -2.22 -23.18 -24.40
CA ILE C 979 -3.12 -23.21 -25.55
C ILE C 979 -4.29 -24.17 -25.34
N PRO C 980 -4.07 -25.43 -24.92
CA PRO C 980 -5.22 -26.33 -24.73
C PRO C 980 -6.26 -25.77 -23.76
N PRO C 981 -5.91 -25.51 -22.49
CA PRO C 981 -6.97 -25.22 -21.51
C PRO C 981 -7.77 -23.98 -21.86
N THR C 982 -7.08 -22.90 -22.27
CA THR C 982 -7.78 -21.74 -22.80
C THR C 982 -8.85 -22.17 -23.80
N THR C 983 -8.43 -22.87 -24.86
CA THR C 983 -9.38 -23.39 -25.82
C THR C 983 -10.49 -24.17 -25.13
N LEU C 984 -10.10 -25.11 -24.25
CA LEU C 984 -11.09 -25.86 -23.49
C LEU C 984 -12.04 -24.92 -22.77
N LEU C 985 -11.48 -23.98 -22.02
CA LEU C 985 -12.31 -22.98 -21.35
C LEU C 985 -13.23 -22.29 -22.34
N ILE C 986 -12.65 -21.78 -23.44
CA ILE C 986 -13.46 -21.11 -24.45
C ILE C 986 -14.57 -22.05 -24.93
N ILE C 987 -14.20 -23.31 -25.21
CA ILE C 987 -15.20 -24.28 -25.65
C ILE C 987 -16.34 -24.35 -24.65
N ASN C 988 -16.00 -24.52 -23.37
CA ASN C 988 -17.03 -24.55 -22.34
C ASN C 988 -17.90 -23.31 -22.41
N LEU C 989 -17.26 -22.14 -22.47
CA LEU C 989 -18.01 -20.89 -22.56
C LEU C 989 -18.95 -20.94 -23.75
N VAL C 990 -18.44 -21.33 -24.93
CA VAL C 990 -19.28 -21.42 -26.11
C VAL C 990 -20.46 -22.34 -25.83
N GLY C 991 -20.17 -23.51 -25.27
CA GLY C 991 -21.25 -24.45 -24.97
C GLY C 991 -22.30 -23.81 -24.09
N VAL C 992 -21.88 -23.05 -23.09
CA VAL C 992 -22.83 -22.41 -22.19
C VAL C 992 -23.82 -21.59 -22.99
N VAL C 993 -23.31 -20.76 -23.91
CA VAL C 993 -24.19 -19.95 -24.73
C VAL C 993 -25.17 -20.83 -25.48
N ALA C 994 -24.65 -21.89 -26.13
CA ALA C 994 -25.50 -22.80 -26.87
C ALA C 994 -26.59 -23.36 -25.97
N GLY C 995 -26.24 -23.68 -24.72
CA GLY C 995 -27.22 -24.26 -23.81
C GLY C 995 -28.45 -23.40 -23.68
N ILE C 996 -28.25 -22.11 -23.37
CA ILE C 996 -29.40 -21.23 -23.16
C ILE C 996 -30.22 -21.14 -24.45
N SER C 997 -29.56 -21.24 -25.61
CA SER C 997 -30.29 -21.21 -26.87
C SER C 997 -31.33 -22.31 -26.92
N TYR C 998 -30.94 -23.54 -26.54
CA TYR C 998 -31.90 -24.64 -26.54
C TYR C 998 -33.07 -24.33 -25.62
N ALA C 999 -32.80 -23.65 -24.49
CA ALA C 999 -33.89 -23.26 -23.61
C ALA C 999 -34.92 -22.42 -24.36
N ILE C 1000 -34.46 -21.45 -25.14
CA ILE C 1000 -35.37 -20.57 -25.87
C ILE C 1000 -36.24 -21.41 -26.81
N ASN C 1001 -35.69 -22.53 -27.30
CA ASN C 1001 -36.45 -23.38 -28.21
C ASN C 1001 -37.48 -24.22 -27.45
N SER C 1002 -37.12 -24.71 -26.27
CA SER C 1002 -37.83 -25.85 -25.71
C SER C 1002 -38.78 -25.45 -24.58
N GLY C 1003 -38.73 -24.19 -24.15
CA GLY C 1003 -39.69 -23.72 -23.17
C GLY C 1003 -39.70 -24.54 -21.88
N TYR C 1004 -40.70 -25.42 -21.73
CA TYR C 1004 -40.88 -26.23 -20.54
C TYR C 1004 -39.62 -26.98 -20.13
N GLN C 1005 -38.71 -27.17 -21.09
CA GLN C 1005 -37.45 -27.86 -20.81
C GLN C 1005 -36.31 -26.88 -20.66
N SER C 1006 -36.60 -25.70 -20.09
CA SER C 1006 -35.54 -24.74 -19.80
C SER C 1006 -34.93 -25.00 -18.43
N TRP C 1007 -35.75 -25.32 -17.44
CA TRP C 1007 -35.27 -25.73 -16.13
C TRP C 1007 -34.91 -27.21 -16.13
N GLY C 1008 -34.58 -27.75 -14.95
CA GLY C 1008 -34.32 -29.16 -14.80
C GLY C 1008 -33.01 -29.61 -15.39
N PRO C 1009 -33.07 -30.45 -16.43
CA PRO C 1009 -31.82 -30.99 -17.01
C PRO C 1009 -30.86 -29.92 -17.50
N LEU C 1010 -31.38 -28.85 -18.10
CA LEU C 1010 -30.51 -27.77 -18.54
C LEU C 1010 -29.86 -27.08 -17.35
N PHE C 1011 -30.59 -26.96 -16.25
CA PHE C 1011 -30.00 -26.39 -15.03
C PHE C 1011 -28.88 -27.28 -14.50
N GLY C 1012 -29.06 -28.60 -14.55
CA GLY C 1012 -27.98 -29.49 -14.16
C GLY C 1012 -26.75 -29.35 -15.05
N LYS C 1013 -26.98 -29.24 -16.36
CA LYS C 1013 -25.88 -29.05 -17.29
C LYS C 1013 -25.16 -27.72 -17.03
N LEU C 1014 -25.92 -26.66 -16.77
CA LEU C 1014 -25.31 -25.37 -16.44
C LEU C 1014 -24.53 -25.44 -15.14
N PHE C 1015 -25.04 -26.17 -14.15
CA PHE C 1015 -24.31 -26.35 -12.90
C PHE C 1015 -22.98 -27.05 -13.15
N PHE C 1016 -23.00 -28.10 -13.96
CA PHE C 1016 -21.76 -28.82 -14.27
C PHE C 1016 -20.78 -27.92 -15.01
N ALA C 1017 -21.27 -27.16 -15.99
CA ALA C 1017 -20.41 -26.26 -16.74
C ALA C 1017 -19.84 -25.16 -15.84
N PHE C 1018 -20.65 -24.63 -14.93
CA PHE C 1018 -20.18 -23.62 -13.99
C PHE C 1018 -19.10 -24.20 -13.07
N TRP C 1019 -19.31 -25.44 -12.61
CA TRP C 1019 -18.28 -26.09 -11.81
C TRP C 1019 -16.97 -26.19 -12.57
N VAL C 1020 -17.03 -26.61 -13.83
CA VAL C 1020 -15.82 -26.77 -14.62
C VAL C 1020 -15.13 -25.42 -14.83
N ILE C 1021 -15.90 -24.38 -15.20
CA ILE C 1021 -15.27 -23.11 -15.52
C ILE C 1021 -14.74 -22.43 -14.25
N ILE C 1022 -15.38 -22.67 -13.11
CA ILE C 1022 -14.89 -22.08 -11.86
C ILE C 1022 -13.65 -22.82 -11.38
N HIS C 1023 -13.50 -24.10 -11.74
CA HIS C 1023 -12.21 -24.76 -11.56
C HIS C 1023 -11.16 -24.18 -12.49
N LEU C 1024 -11.57 -23.81 -13.70
CA LEU C 1024 -10.68 -23.23 -14.70
C LEU C 1024 -10.54 -21.72 -14.57
N TYR C 1025 -11.09 -21.13 -13.51
CA TYR C 1025 -11.08 -19.67 -13.36
C TYR C 1025 -9.68 -19.07 -13.27
N PRO C 1026 -8.75 -19.59 -12.46
CA PRO C 1026 -7.42 -18.97 -12.38
C PRO C 1026 -6.71 -18.99 -13.73
N PHE C 1027 -6.02 -17.90 -14.03
CA PHE C 1027 -5.33 -17.67 -15.31
C PHE C 1027 -6.31 -17.79 -16.48
N LEU C 1028 -6.00 -18.58 -17.50
CA LEU C 1028 -6.76 -18.64 -18.75
C LEU C 1028 -7.25 -17.25 -19.21
C2 BGC D . 4.38 -30.40 -5.57
C3 BGC D . 5.62 -30.36 -6.46
C4 BGC D . 6.39 -31.67 -6.37
C5 BGC D . 5.46 -32.85 -6.63
C6 BGC D . 6.13 -34.19 -6.42
C1 BGC D . 3.54 -31.63 -5.88
O1 BGC D . 2.45 -31.68 -5.01
O2 BGC D . 3.59 -29.23 -5.78
O3 BGC D . 6.45 -29.27 -6.06
O4 BGC D . 7.42 -31.69 -7.35
O5 BGC D . 4.34 -32.81 -5.73
O6 BGC D . 7.20 -34.38 -7.34
C2 BGC D . 9.77 -31.54 -7.81
C3 BGC D . 11.15 -31.24 -7.24
C4 BGC D . 11.13 -29.94 -6.45
C5 BGC D . 10.03 -29.99 -5.40
C6 BGC D . 9.88 -28.69 -4.64
C1 BGC D . 8.71 -31.49 -6.72
O2 BGC D . 9.77 -32.84 -8.42
O3 BGC D . 12.10 -31.16 -8.29
O4 BGC D . 12.39 -29.75 -5.80
O5 BGC D . 8.77 -30.24 -6.04
O6 BGC D . 8.69 -28.01 -5.01
C2 BGC E . -7.29 15.99 -25.53
C3 BGC E . -7.12 17.46 -25.20
C4 BGC E . -6.89 18.29 -26.46
C5 BGC E . -7.98 18.00 -27.49
C6 BGC E . -7.72 18.67 -28.82
C1 BGC E . -8.35 15.80 -26.61
O1 BGC E . -8.44 14.45 -26.95
O2 BGC E . -7.66 15.26 -24.37
O3 BGC E . -6.03 17.62 -24.30
O4 BGC E . -6.92 19.68 -26.14
O5 BGC E . -8.02 16.58 -27.76
O6 BGC E . -7.76 20.08 -28.69
C2 BGC E . -5.69 21.74 -26.01
C3 BGC E . -4.30 22.36 -25.95
C4 BGC E . -3.44 21.67 -24.90
C5 BGC E . -3.42 20.16 -25.15
C6 BGC E . -2.68 19.40 -24.07
C1 BGC E . -5.58 20.22 -26.19
O2 BGC E . -6.43 22.29 -27.09
O3 BGC E . -4.40 23.75 -25.65
O4 BGC E . -2.11 22.17 -24.96
O5 BGC E . -4.77 19.67 -25.15
O6 BGC E . -3.36 18.20 -23.72
C2 BGC F . -19.86 5.17 23.84
C3 BGC F . -19.06 4.60 25.00
C4 BGC F . -19.56 5.15 26.33
C5 BGC F . -21.07 4.96 26.46
C6 BGC F . -21.64 5.61 27.69
C1 BGC F . -21.36 4.98 24.08
O1 BGC F . -22.07 5.57 23.05
O2 BGC F . -19.49 4.52 22.63
O3 BGC F . -17.69 4.90 24.83
O4 BGC F . -18.93 4.46 27.40
O5 BGC F . -21.72 5.56 25.32
O6 BGC F . -21.01 5.12 28.88
C2 BGC F . -17.34 4.53 29.19
C3 BGC F . -16.17 5.27 29.80
C4 BGC F . -15.12 5.60 28.74
C5 BGC F . -15.77 6.34 27.57
C6 BGC F . -14.82 6.58 26.42
C1 BGC F . -17.89 5.28 27.98
O2 BGC F . -18.37 4.39 30.17
O3 BGC F . -15.58 4.50 30.83
O4 BGC F . -14.10 6.42 29.29
O5 BGC F . -16.85 5.53 27.05
O6 BGC F . -15.32 6.05 25.20
#